data_8FL1
#
_entry.id   8FL1
#
_cell.length_a   1.00
_cell.length_b   1.00
_cell.length_c   1.00
_cell.angle_alpha   90.00
_cell.angle_beta   90.00
_cell.angle_gamma   90.00
#
_symmetry.space_group_name_H-M   'P 1'
#
loop_
_entity.id
_entity.type
_entity.pdbx_description
1 polymer 'Envelope glycoprotein gp41'
2 polymer 'Envelope glycoprotein gp120'
3 polymer 'PG9 DU025 Heavy'
4 polymer 'PG9 DU025 Light'
5 branched 2-acetamido-2-deoxy-beta-D-glucopyranose-(1-4)-2-acetamido-2-deoxy-beta-D-glucopyranose
6 branched alpha-D-mannopyranose-(1-2)-alpha-D-mannopyranose-(1-3)-[alpha-D-mannopyranose-(1-6)]beta-D-mannopyranose-(1-4)-2-acetamido-2-deoxy-beta-D-glucopyranose-(1-4)-2-acetamido-2-deoxy-beta-D-glucopyranose
7 branched alpha-D-mannopyranose-(1-2)-alpha-D-mannopyranose-(1-3)-beta-D-mannopyranose-(1-4)-2-acetamido-2-deoxy-beta-D-glucopyranose-(1-4)-2-acetamido-2-deoxy-beta-D-glucopyranose
8 branched alpha-D-mannopyranose-(1-3)-[alpha-D-mannopyranose-(1-6)]beta-D-mannopyranose-(1-4)-2-acetamido-2-deoxy-beta-D-glucopyranose-(1-4)-2-acetamido-2-deoxy-beta-D-glucopyranose
9 branched alpha-D-mannopyranose-(1-3)-[alpha-D-mannopyranose-(1-6)]alpha-D-mannopyranose-(1-6)-[alpha-D-mannopyranose-(1-3)]beta-D-mannopyranose-(1-4)-2-acetamido-2-deoxy-beta-D-glucopyranose-(1-4)-2-acetamido-2-deoxy-beta-D-glucopyranose
10 non-polymer 2-acetamido-2-deoxy-beta-D-glucopyranose
#
loop_
_entity_poly.entity_id
_entity_poly.type
_entity_poly.pdbx_seq_one_letter_code
_entity_poly.pdbx_strand_id
1 'polypeptide(L)'
;AVGIGAVFLGFLGAAGSTMGAASMTLTVQARNLLSGIVQQQSNLLRAPEAQQHLLKLTVWGIKQLQARVLAVERYLRDQQ
LLGIWGCSGKLICCTNVPWNSSWSNRNLSEIWDNMTWLQWDKEISNYTQIIYGLLEESQNQQEKNEQDLLALD
;
A,B,F
2 'polypeptide(L)'
;AENLWVTVYYGVPVWKDAETTLFCASDAKAYETEKHNVWATHACVPTDPNPQEIHLENVTEEFNMWKNNMVEQMHTDIIS
LWDQSLKPCVKLTPLCVTLQCTNVTNNITDDMRGELKNCSFNMTTELRDKKQKVYSLFYRLDVVQINENQGNRSNNSNKE
YRLINCNTSACTQACPKVSFEPIPIHYCAPAGFAILKCKDKKFNGTGPCPSVSTVQCTHGIKPVVSTQLLLNGSLAEEEV
MIRSENITNNAKNILVQFNTPVQINCTRPNNNTRKSIRIGPGQAFYATGDIIGDIRQAHCNVSKATWNETLGKVVKQLRK
HFGNNTIIRFANSSGGDLEVTTHSFNCGGEFFYCNTSGLFNSTWISNTSVQGSNSTGSNDSITLPCRIKQIINMWQRIGQ
CMYAPPIQGVIRCVSNITGLILTRDGGSTNSTTETFRPGGGDMRDNWRSELYKYKVVKIEPLGVAPTRCKRRVVGRRRRR
R
;
C,G,I
3 'polypeptide(L)'
;ERLVESGGGVVQPGSSLRLSCAASGFDFSRQGMHWVRQAPGQGLEWVAFIKYDGSEKYHADSVWGRLSISRDNSKDTLYL
QMNSLRVEDTATYFCVREAGGPDYRNGYN(TYS)(TYS)DFDDGYYNYHYMDVWGKGTTVTVSSASTKGPSVFPLAPSSK
STSGGTAALGCLVKDYFPEPVTVSWNSGALTSGVHTFPAVLQSSGLYSLSSVVTVPSSSLGTQTYICNVNHKPSNTKVDK
KVEPKSCDKGLEVLFQ
;
H
4 'polypeptide(L)'
;QSALTQPASVSGSPGQSITISCQGTSNDVGGYESVSWYQQHPGKAPKVVIYDVSKRPSGVSNRFSGSKSGNTASLTISGL
QAEDEGDYYCKSLTSRSHRVFGTGTKLTVLGQPKAAPSVTLFPPSSEELQANKATLVCLISDFYPGAVTVAWKADSSPVK
AGVETTTPSKQSNNKYAASSYLSLTPEQWKSHRSYSCQVTHEGSTVEKTVAPTECS
;
L
#
# COMPACT_ATOMS: atom_id res chain seq x y z
N VAL A 7 -35.94 -39.27 6.02
CA VAL A 7 -36.48 -37.96 5.66
C VAL A 7 -35.35 -36.93 5.67
N PHE A 8 -35.49 -35.91 4.82
CA PHE A 8 -34.48 -34.86 4.75
C PHE A 8 -34.48 -34.04 6.04
N LEU A 9 -33.28 -33.72 6.53
CA LEU A 9 -33.13 -32.94 7.75
C LEU A 9 -32.15 -31.79 7.63
N GLY A 10 -31.51 -31.61 6.47
CA GLY A 10 -30.58 -30.52 6.30
C GLY A 10 -29.21 -30.81 6.88
N PHE A 11 -28.40 -29.76 6.95
CA PHE A 11 -27.04 -29.88 7.48
C PHE A 11 -27.09 -30.20 8.96
N LEU A 12 -26.31 -31.21 9.36
CA LEU A 12 -26.23 -31.65 10.76
C LEU A 12 -27.59 -32.03 11.33
N GLY A 13 -28.49 -32.53 10.47
CA GLY A 13 -29.82 -32.86 10.92
C GLY A 13 -29.86 -34.02 11.90
N ALA A 14 -29.00 -35.02 11.69
CA ALA A 14 -28.99 -36.24 12.49
C ALA A 14 -27.91 -36.19 13.57
N ALA A 15 -27.67 -35.01 14.15
CA ALA A 15 -26.64 -34.88 15.17
C ALA A 15 -26.96 -35.73 16.40
N GLY A 16 -28.21 -35.72 16.84
CA GLY A 16 -28.64 -36.49 17.99
C GLY A 16 -29.37 -37.78 17.67
N SER A 17 -29.43 -38.18 16.41
CA SER A 17 -30.12 -39.40 16.03
C SER A 17 -29.23 -40.62 16.27
N THR A 18 -29.77 -41.80 15.98
CA THR A 18 -29.04 -43.03 16.19
C THR A 18 -27.83 -43.11 15.28
N MET A 19 -26.78 -43.78 15.76
CA MET A 19 -25.56 -43.93 14.96
C MET A 19 -25.83 -44.68 13.67
N GLY A 20 -26.62 -45.76 13.73
CA GLY A 20 -27.00 -46.45 12.51
C GLY A 20 -27.88 -45.60 11.62
N ALA A 21 -28.79 -44.84 12.22
CA ALA A 21 -29.66 -43.95 11.43
C ALA A 21 -28.84 -42.86 10.74
N ALA A 22 -27.85 -42.31 11.43
CA ALA A 22 -27.01 -41.26 10.83
C ALA A 22 -26.16 -41.80 9.69
N SER A 23 -25.92 -43.11 9.63
CA SER A 23 -25.12 -43.68 8.56
C SER A 23 -25.81 -43.59 7.21
N MET A 24 -27.13 -43.39 7.18
CA MET A 24 -27.87 -43.25 5.94
C MET A 24 -27.97 -41.81 5.46
N THR A 25 -27.45 -40.86 6.23
CA THR A 25 -27.49 -39.44 5.87
C THR A 25 -26.08 -38.86 5.89
N LEU A 26 -25.09 -39.64 5.46
CA LEU A 26 -23.72 -39.15 5.44
C LEU A 26 -23.45 -38.20 4.28
N THR A 27 -24.25 -38.26 3.21
CA THR A 27 -23.99 -37.46 2.02
C THR A 27 -24.34 -35.99 2.20
N VAL A 28 -25.27 -35.67 3.09
CA VAL A 28 -25.69 -34.27 3.25
C VAL A 28 -24.56 -33.43 3.84
N GLN A 29 -23.77 -34.01 4.74
CA GLN A 29 -22.68 -33.26 5.34
C GLN A 29 -21.55 -33.03 4.34
N ALA A 30 -21.29 -34.01 3.47
CA ALA A 30 -20.16 -33.91 2.55
C ALA A 30 -20.31 -32.73 1.59
N ARG A 31 -21.54 -32.35 1.26
CA ARG A 31 -21.74 -31.21 0.37
C ARG A 31 -21.43 -29.88 1.06
N ASN A 32 -21.46 -29.84 2.39
CA ASN A 32 -21.27 -28.61 3.13
C ASN A 32 -19.82 -28.39 3.59
N LEU A 33 -18.91 -29.29 3.26
CA LEU A 33 -17.51 -29.09 3.61
C LEU A 33 -16.95 -27.85 2.92
N LEU A 34 -17.26 -27.67 1.65
CA LEU A 34 -16.82 -26.51 0.90
C LEU A 34 -18.01 -25.93 0.13
N SER A 35 -18.00 -24.61 -0.03
CA SER A 35 -19.10 -23.92 -0.71
C SER A 35 -18.67 -23.51 -2.12
N THR A 58 -12.27 -3.19 1.63
CA THR A 58 -10.97 -3.83 1.62
C THR A 58 -10.81 -4.77 2.82
N VAL A 59 -11.33 -4.34 3.97
CA VAL A 59 -11.26 -5.17 5.17
C VAL A 59 -12.04 -6.46 4.97
N TRP A 60 -13.25 -6.35 4.41
CA TRP A 60 -14.05 -7.54 4.15
C TRP A 60 -13.43 -8.40 3.06
N GLY A 61 -12.84 -7.77 2.03
CA GLY A 61 -12.29 -8.52 0.93
C GLY A 61 -11.13 -9.42 1.33
N ILE A 62 -10.20 -8.88 2.11
CA ILE A 62 -9.05 -9.68 2.53
C ILE A 62 -9.48 -10.75 3.53
N LYS A 63 -10.45 -10.45 4.39
CA LYS A 63 -10.89 -11.43 5.38
C LYS A 63 -11.53 -12.65 4.71
N GLN A 64 -12.34 -12.43 3.67
CA GLN A 64 -12.98 -13.54 2.98
C GLN A 64 -11.98 -14.42 2.26
N LEU A 65 -10.91 -13.83 1.73
CA LEU A 65 -9.93 -14.60 0.96
C LEU A 65 -9.24 -15.66 1.83
N GLN A 66 -8.94 -15.32 3.07
CA GLN A 66 -8.31 -16.28 3.97
C GLN A 66 -9.19 -17.49 4.23
N ALA A 67 -10.49 -17.25 4.44
CA ALA A 67 -11.40 -18.35 4.75
C ALA A 67 -11.54 -19.32 3.58
N ARG A 68 -11.61 -18.78 2.36
CA ARG A 68 -11.80 -19.64 1.19
C ARG A 68 -10.62 -20.58 1.00
N VAL A 69 -9.40 -20.08 1.15
CA VAL A 69 -8.21 -20.93 0.99
C VAL A 69 -8.12 -21.93 2.13
N LEU A 70 -8.50 -21.53 3.34
CA LEU A 70 -8.47 -22.44 4.48
C LEU A 70 -9.46 -23.58 4.28
N ALA A 71 -10.64 -23.30 3.72
CA ALA A 71 -11.60 -24.35 3.45
C ALA A 71 -11.10 -25.33 2.41
N VAL A 72 -10.41 -24.83 1.38
CA VAL A 72 -9.92 -25.70 0.31
C VAL A 72 -8.88 -26.67 0.84
N GLU A 73 -7.91 -26.17 1.62
CA GLU A 73 -6.87 -27.06 2.14
C GLU A 73 -7.40 -28.03 3.18
N ARG A 74 -8.42 -27.63 3.95
CA ARG A 74 -9.02 -28.54 4.92
C ARG A 74 -9.72 -29.69 4.22
N TYR A 75 -10.44 -29.41 3.14
CA TYR A 75 -11.14 -30.47 2.42
C TYR A 75 -10.15 -31.44 1.79
N LEU A 76 -9.07 -30.93 1.20
CA LEU A 76 -8.10 -31.80 0.54
C LEU A 76 -7.37 -32.69 1.54
N ARG A 77 -7.16 -32.20 2.77
CA ARG A 77 -6.49 -33.00 3.78
C ARG A 77 -7.27 -34.26 4.12
N ASP A 78 -8.59 -34.12 4.27
CA ASP A 78 -9.42 -35.29 4.56
C ASP A 78 -9.51 -36.22 3.35
N GLN A 79 -9.62 -35.65 2.15
CA GLN A 79 -9.69 -36.48 0.95
C GLN A 79 -8.39 -37.23 0.71
N GLN A 80 -7.26 -36.56 0.90
CA GLN A 80 -5.97 -37.23 0.71
C GLN A 80 -5.75 -38.32 1.73
N LEU A 81 -6.10 -38.06 2.99
CA LEU A 81 -5.96 -39.07 4.03
C LEU A 81 -6.86 -40.27 3.75
N LEU A 82 -8.08 -40.01 3.28
CA LEU A 82 -8.98 -41.09 2.92
C LEU A 82 -8.51 -41.85 1.69
N GLY A 83 -7.80 -41.17 0.79
CA GLY A 83 -7.32 -41.83 -0.41
C GLY A 83 -6.24 -42.86 -0.12
N ILE A 84 -5.32 -42.54 0.80
CA ILE A 84 -4.23 -43.46 1.12
C ILE A 84 -4.74 -44.75 1.72
N TRP A 85 -5.88 -44.71 2.42
CA TRP A 85 -6.44 -45.89 3.06
C TRP A 85 -7.11 -46.85 2.07
N GLY A 86 -7.22 -46.47 0.80
CA GLY A 86 -7.86 -47.30 -0.19
C GLY A 86 -9.35 -47.11 -0.32
N CYS A 87 -9.92 -46.11 0.37
CA CYS A 87 -11.35 -45.83 0.29
C CYS A 87 -11.58 -44.41 -0.20
N SER A 88 -10.86 -44.02 -1.26
CA SER A 88 -10.91 -42.63 -1.72
C SER A 88 -12.31 -42.24 -2.19
N GLY A 89 -12.93 -43.07 -3.03
CA GLY A 89 -14.21 -42.76 -3.63
C GLY A 89 -15.41 -43.40 -2.97
N LYS A 90 -15.26 -43.98 -1.78
CA LYS A 90 -16.35 -44.66 -1.09
C LYS A 90 -16.66 -43.92 0.20
N LEU A 91 -17.93 -43.54 0.37
CA LEU A 91 -18.35 -42.92 1.63
C LEU A 91 -18.26 -43.91 2.79
N ILE A 92 -18.63 -45.16 2.55
CA ILE A 92 -18.57 -46.22 3.55
C ILE A 92 -17.58 -47.27 3.05
N CYS A 93 -16.58 -47.57 3.88
CA CYS A 93 -15.54 -48.51 3.49
C CYS A 93 -14.87 -49.07 4.74
N CYS A 94 -14.53 -50.35 4.70
CA CYS A 94 -13.85 -51.01 5.80
C CYS A 94 -12.59 -51.69 5.31
N THR A 95 -11.52 -51.59 6.09
CA THR A 95 -10.25 -52.22 5.77
C THR A 95 -10.17 -53.61 6.39
N ASN A 96 -9.12 -54.34 6.04
CA ASN A 96 -8.88 -55.67 6.59
C ASN A 96 -7.95 -55.59 7.81
N VAL A 97 -8.38 -54.81 8.79
CA VAL A 97 -7.64 -54.59 10.02
C VAL A 97 -8.53 -55.00 11.19
N PRO A 98 -8.07 -55.87 12.08
CA PRO A 98 -8.90 -56.27 13.21
C PRO A 98 -9.13 -55.12 14.17
N TRP A 99 -10.27 -55.17 14.86
CA TRP A 99 -10.65 -54.16 15.84
C TRP A 99 -10.15 -54.61 17.21
N ASN A 100 -9.24 -53.82 17.80
CA ASN A 100 -8.69 -54.16 19.10
C ASN A 100 -9.78 -54.07 20.17
N SER A 101 -9.83 -55.07 21.05
CA SER A 101 -10.81 -55.07 22.13
C SER A 101 -10.46 -54.07 23.22
N SER A 102 -9.20 -53.62 23.30
CA SER A 102 -8.82 -52.65 24.31
C SER A 102 -9.51 -51.31 24.08
N TRP A 103 -9.66 -50.91 22.82
CA TRP A 103 -10.30 -49.63 22.52
C TRP A 103 -11.75 -49.61 22.98
N SER A 104 -12.49 -50.69 22.72
CA SER A 104 -13.88 -50.77 23.11
C SER A 104 -14.34 -52.22 23.03
N ASN A 105 -14.97 -52.71 24.09
CA ASN A 105 -15.48 -54.06 24.15
C ASN A 105 -17.01 -54.13 24.10
N ARG A 106 -17.67 -53.01 23.77
CA ARG A 106 -19.12 -52.98 23.74
C ARG A 106 -19.65 -53.78 22.55
N ASN A 107 -20.88 -54.27 22.72
CA ASN A 107 -21.50 -55.09 21.68
C ASN A 107 -21.83 -54.25 20.45
N LEU A 108 -21.82 -54.92 19.29
CA LEU A 108 -22.16 -54.23 18.04
C LEU A 108 -23.59 -53.71 18.06
N SER A 109 -24.52 -54.49 18.61
CA SER A 109 -25.91 -54.05 18.67
C SER A 109 -26.06 -52.81 19.53
N GLU A 110 -25.37 -52.76 20.67
CA GLU A 110 -25.49 -51.63 21.57
C GLU A 110 -24.94 -50.35 20.94
N ILE A 111 -23.84 -50.46 20.21
CA ILE A 111 -23.21 -49.27 19.62
C ILE A 111 -24.12 -48.65 18.57
N TRP A 112 -24.75 -49.47 17.73
CA TRP A 112 -25.49 -48.97 16.58
C TRP A 112 -26.96 -48.71 16.86
N ASP A 113 -27.42 -48.87 18.11
CA ASP A 113 -28.82 -48.61 18.42
C ASP A 113 -28.99 -47.63 19.57
N ASN A 114 -28.03 -47.60 20.50
CA ASN A 114 -28.12 -46.79 21.70
C ASN A 114 -26.88 -45.92 21.86
N MET A 115 -26.44 -45.27 20.78
CA MET A 115 -25.29 -44.39 20.83
C MET A 115 -25.35 -43.44 19.65
N THR A 116 -24.79 -42.25 19.83
CA THR A 116 -24.70 -41.24 18.78
C THR A 116 -23.24 -41.04 18.40
N TRP A 117 -23.03 -40.37 17.27
CA TRP A 117 -21.67 -40.13 16.79
C TRP A 117 -20.90 -39.20 17.70
N LEU A 118 -21.59 -38.24 18.33
CA LEU A 118 -20.90 -37.32 19.23
C LEU A 118 -20.32 -38.05 20.44
N GLN A 119 -21.10 -38.96 21.03
CA GLN A 119 -20.60 -39.73 22.17
C GLN A 119 -19.57 -40.77 21.73
N TRP A 120 -19.71 -41.32 20.52
CA TRP A 120 -18.76 -42.31 20.04
C TRP A 120 -17.37 -41.71 19.86
N ASP A 121 -17.30 -40.47 19.39
CA ASP A 121 -16.00 -39.83 19.18
C ASP A 121 -15.25 -39.67 20.50
N LYS A 122 -15.94 -39.27 21.56
CA LYS A 122 -15.28 -39.07 22.85
C LYS A 122 -14.73 -40.37 23.42
N GLU A 123 -15.39 -41.49 23.14
CA GLU A 123 -14.96 -42.77 23.70
C GLU A 123 -13.71 -43.32 23.00
N ILE A 124 -13.42 -42.86 21.79
CA ILE A 124 -12.28 -43.38 21.04
C ILE A 124 -11.37 -42.22 20.60
N SER A 125 -11.54 -41.07 21.24
CA SER A 125 -10.74 -39.90 20.87
C SER A 125 -9.25 -40.15 21.11
N ASN A 126 -8.91 -40.76 22.24
CA ASN A 126 -7.51 -41.01 22.57
C ASN A 126 -6.88 -42.01 21.60
N TYR A 127 -7.65 -43.04 21.21
CA TYR A 127 -7.14 -44.10 20.37
C TYR A 127 -7.31 -43.83 18.87
N THR A 128 -7.84 -42.65 18.51
CA THR A 128 -8.06 -42.34 17.10
C THR A 128 -6.76 -42.25 16.33
N GLN A 129 -5.71 -41.68 16.95
CA GLN A 129 -4.44 -41.51 16.25
C GLN A 129 -3.81 -42.85 15.91
N ILE A 130 -3.91 -43.83 16.81
CA ILE A 130 -3.29 -45.13 16.57
C ILE A 130 -3.94 -45.82 15.38
N ILE A 131 -5.27 -45.75 15.29
CA ILE A 131 -5.99 -46.43 14.21
C ILE A 131 -5.62 -45.82 12.86
N TYR A 132 -5.42 -44.49 12.83
CA TYR A 132 -5.14 -43.82 11.57
C TYR A 132 -3.84 -44.31 10.93
N GLY A 133 -2.81 -44.49 11.75
CA GLY A 133 -1.51 -44.90 11.21
C GLY A 133 -1.51 -46.29 10.64
N LEU A 134 -2.24 -47.22 11.27
CA LEU A 134 -2.24 -48.61 10.83
C LEU A 134 -2.81 -48.75 9.42
N LEU A 135 -3.90 -48.03 9.12
CA LEU A 135 -4.52 -48.14 7.81
C LEU A 135 -3.64 -47.59 6.71
N GLU A 136 -2.74 -46.65 7.04
CA GLU A 136 -1.88 -46.05 6.03
C GLU A 136 -0.88 -47.07 5.48
N GLU A 137 -0.19 -47.78 6.37
CA GLU A 137 0.80 -48.75 5.92
C GLU A 137 0.16 -50.04 5.41
N SER A 138 -1.03 -50.38 5.90
CA SER A 138 -1.69 -51.61 5.47
C SER A 138 -2.03 -51.58 3.99
N GLN A 139 -2.52 -50.44 3.51
CA GLN A 139 -2.92 -50.34 2.11
C GLN A 139 -1.72 -50.51 1.17
N ASN A 140 -0.58 -49.95 1.54
CA ASN A 140 0.60 -50.05 0.68
C ASN A 140 1.04 -51.50 0.53
N GLN A 141 0.97 -52.28 1.61
CA GLN A 141 1.27 -53.71 1.51
C GLN A 141 0.28 -54.41 0.60
N GLN A 142 -1.01 -54.05 0.69
CA GLN A 142 -2.01 -54.64 -0.19
C GLN A 142 -1.74 -54.29 -1.65
N GLU A 143 -1.31 -53.05 -1.92
CA GLU A 143 -0.99 -52.67 -3.28
C GLU A 143 0.19 -53.46 -3.83
N LYS A 144 1.20 -53.68 -3.00
CA LYS A 144 2.36 -54.45 -3.44
C LYS A 144 2.01 -55.92 -3.62
N ASN A 145 1.11 -56.46 -2.79
CA ASN A 145 0.76 -57.88 -2.88
C ASN A 145 0.10 -58.19 -4.21
N GLU A 146 -0.83 -57.34 -4.67
CA GLU A 146 -1.54 -57.62 -5.91
C GLU A 146 -0.65 -57.40 -7.13
N GLN A 147 0.39 -56.56 -7.01
CA GLN A 147 1.25 -56.28 -8.15
C GLN A 147 2.04 -57.50 -8.57
N ASP A 148 2.61 -58.25 -7.62
CA ASP A 148 3.43 -59.40 -7.95
C ASP A 148 2.62 -60.65 -8.24
N LEU A 149 1.34 -60.68 -7.88
CA LEU A 149 0.53 -61.88 -8.13
C LEU A 149 0.14 -61.99 -9.60
N LEU A 150 -0.24 -60.88 -10.22
CA LEU A 150 -0.70 -60.90 -11.61
C LEU A 150 0.46 -60.94 -12.61
N ALA A 151 1.71 -60.79 -12.16
CA ALA A 151 2.83 -60.81 -13.09
C ALA A 151 2.98 -62.17 -13.75
N LEU A 152 2.84 -63.25 -12.97
CA LEU A 152 2.99 -64.59 -13.52
C LEU A 152 1.92 -65.58 -13.06
N ASP A 153 1.10 -65.24 -12.08
CA ASP A 153 0.07 -66.15 -11.60
C ASP A 153 -1.29 -65.46 -11.53
N PHE B 8 11.30 -46.96 9.68
CA PHE B 8 10.86 -45.59 9.43
C PHE B 8 12.04 -44.68 9.16
N LEU B 9 12.26 -44.38 7.88
CA LEU B 9 13.36 -43.51 7.45
C LEU B 9 12.99 -42.04 7.44
N GLY B 10 11.73 -41.71 7.76
CA GLY B 10 11.30 -40.33 7.72
C GLY B 10 11.02 -39.84 6.31
N PHE B 11 10.65 -38.56 6.22
CA PHE B 11 10.39 -37.96 4.92
C PHE B 11 11.69 -37.87 4.12
N LEU B 12 11.62 -38.28 2.85
CA LEU B 12 12.76 -38.29 1.93
C LEU B 12 13.91 -39.13 2.46
N GLY B 13 13.63 -40.09 3.34
CA GLY B 13 14.66 -40.94 3.91
C GLY B 13 15.14 -42.06 3.01
N ALA B 14 14.43 -42.32 1.91
CA ALA B 14 14.82 -43.35 0.96
C ALA B 14 15.45 -42.77 -0.30
N ALA B 15 15.89 -41.51 -0.25
CA ALA B 15 16.50 -40.90 -1.44
C ALA B 15 17.78 -41.62 -1.85
N GLY B 16 18.49 -42.22 -0.89
CA GLY B 16 19.68 -42.98 -1.20
C GLY B 16 19.46 -44.46 -1.40
N SER B 17 18.31 -44.97 -0.99
CA SER B 17 18.02 -46.39 -1.18
C SER B 17 17.76 -46.70 -2.65
N THR B 18 17.87 -47.98 -2.99
CA THR B 18 17.64 -48.40 -4.36
C THR B 18 16.16 -48.32 -4.72
N MET B 19 15.86 -48.47 -6.01
CA MET B 19 14.49 -48.35 -6.48
C MET B 19 13.59 -49.42 -5.86
N GLY B 20 14.09 -50.64 -5.74
CA GLY B 20 13.29 -51.70 -5.13
C GLY B 20 12.99 -51.44 -3.67
N ALA B 21 13.99 -50.97 -2.92
CA ALA B 21 13.77 -50.69 -1.50
C ALA B 21 12.89 -49.47 -1.29
N ALA B 22 12.99 -48.48 -2.16
CA ALA B 22 12.18 -47.27 -2.03
C ALA B 22 10.73 -47.46 -2.42
N SER B 23 10.38 -48.60 -3.02
CA SER B 23 9.01 -48.85 -3.44
C SER B 23 8.07 -49.15 -2.28
N MET B 24 8.60 -49.40 -1.07
CA MET B 24 7.79 -49.71 0.08
C MET B 24 7.63 -48.53 1.04
N THR B 25 8.00 -47.33 0.60
CA THR B 25 7.92 -46.16 1.46
C THR B 25 7.31 -44.96 0.73
N LEU B 26 6.45 -45.22 -0.25
CA LEU B 26 5.81 -44.14 -1.00
C LEU B 26 4.82 -43.37 -0.13
N THR B 27 4.24 -44.03 0.88
CA THR B 27 3.20 -43.40 1.67
C THR B 27 3.72 -42.20 2.46
N VAL B 28 4.90 -42.33 3.06
CA VAL B 28 5.40 -41.29 3.95
C VAL B 28 5.71 -40.00 3.19
N GLN B 29 6.15 -40.11 1.93
CA GLN B 29 6.47 -38.92 1.15
C GLN B 29 5.24 -38.26 0.53
N ALA B 30 4.09 -38.94 0.53
CA ALA B 30 2.89 -38.37 -0.06
C ALA B 30 2.27 -37.32 0.85
N ARG B 31 2.45 -37.44 2.16
CA ARG B 31 1.84 -36.49 3.09
C ARG B 31 2.50 -35.12 3.00
N ASN B 32 3.80 -35.07 2.73
CA ASN B 32 4.55 -33.82 2.76
C ASN B 32 4.25 -32.92 1.56
N LEU B 33 3.48 -33.40 0.59
CA LEU B 33 3.15 -32.56 -0.57
C LEU B 33 2.36 -31.33 -0.14
N LEU B 34 1.40 -31.50 0.76
CA LEU B 34 0.62 -30.39 1.30
C LEU B 34 0.60 -30.48 2.82
N SER B 35 0.73 -29.33 3.47
CA SER B 35 0.77 -29.27 4.93
C SER B 35 0.20 -27.96 5.44
N THR B 58 2.76 -7.68 7.83
CA THR B 58 2.15 -7.64 6.51
C THR B 58 3.07 -8.27 5.48
N VAL B 59 4.39 -8.19 5.72
CA VAL B 59 5.35 -8.77 4.79
C VAL B 59 5.19 -10.28 4.73
N TRP B 60 5.06 -10.93 5.88
CA TRP B 60 4.89 -12.38 5.93
C TRP B 60 3.47 -12.82 5.61
N GLY B 61 2.51 -11.90 5.59
CA GLY B 61 1.13 -12.26 5.30
C GLY B 61 0.92 -12.67 3.85
N ILE B 62 1.12 -11.73 2.93
CA ILE B 62 0.93 -12.02 1.51
C ILE B 62 1.98 -13.00 1.01
N LYS B 63 3.17 -13.00 1.60
CA LYS B 63 4.20 -13.94 1.19
C LYS B 63 3.81 -15.37 1.49
N GLN B 64 3.22 -15.61 2.67
CA GLN B 64 2.79 -16.96 3.03
C GLN B 64 1.50 -17.35 2.31
N LEU B 65 0.61 -16.40 2.06
CA LEU B 65 -0.65 -16.71 1.39
C LEU B 65 -0.40 -17.22 -0.03
N GLN B 66 0.51 -16.59 -0.76
CA GLN B 66 0.82 -17.04 -2.12
C GLN B 66 1.44 -18.43 -2.11
N ALA B 67 2.35 -18.69 -1.16
CA ALA B 67 2.98 -20.01 -1.09
C ALA B 67 1.98 -21.09 -0.73
N ARG B 68 1.04 -20.79 0.16
CA ARG B 68 0.04 -21.79 0.55
C ARG B 68 -0.87 -22.16 -0.63
N VAL B 69 -1.26 -21.17 -1.43
CA VAL B 69 -2.08 -21.45 -2.61
C VAL B 69 -1.28 -22.23 -3.64
N LEU B 70 0.01 -21.94 -3.76
CA LEU B 70 0.85 -22.63 -4.74
C LEU B 70 0.92 -24.13 -4.46
N ALA B 71 1.04 -24.50 -3.19
CA ALA B 71 1.10 -25.92 -2.83
C ALA B 71 -0.20 -26.63 -3.18
N VAL B 72 -1.33 -25.96 -3.00
CA VAL B 72 -2.63 -26.58 -3.28
C VAL B 72 -2.77 -26.89 -4.76
N GLU B 73 -2.42 -25.94 -5.61
CA GLU B 73 -2.58 -26.14 -7.05
C GLU B 73 -1.54 -27.10 -7.60
N ARG B 74 -0.32 -27.11 -7.03
CA ARG B 74 0.70 -28.04 -7.49
C ARG B 74 0.29 -29.48 -7.20
N TYR B 75 -0.28 -29.73 -6.02
CA TYR B 75 -0.74 -31.08 -5.69
C TYR B 75 -1.88 -31.52 -6.60
N LEU B 76 -2.79 -30.60 -6.92
CA LEU B 76 -3.91 -30.95 -7.78
C LEU B 76 -3.47 -31.24 -9.21
N ARG B 77 -2.43 -30.54 -9.70
CA ARG B 77 -1.94 -30.82 -11.04
C ARG B 77 -1.42 -32.24 -11.16
N ASP B 78 -0.69 -32.71 -10.15
CA ASP B 78 -0.21 -34.09 -10.16
C ASP B 78 -1.37 -35.08 -10.09
N GLN B 79 -2.38 -34.78 -9.27
CA GLN B 79 -3.51 -35.69 -9.14
C GLN B 79 -4.35 -35.71 -10.41
N GLN B 80 -4.49 -34.57 -11.09
CA GLN B 80 -5.28 -34.52 -12.31
C GLN B 80 -4.70 -35.42 -13.40
N LEU B 81 -3.37 -35.37 -13.57
CA LEU B 81 -2.73 -36.27 -14.53
C LEU B 81 -2.91 -37.72 -14.13
N LEU B 82 -2.80 -38.02 -12.84
CA LEU B 82 -3.07 -39.38 -12.36
C LEU B 82 -4.53 -39.75 -12.53
N GLY B 83 -5.42 -38.77 -12.48
CA GLY B 83 -6.85 -39.06 -12.62
C GLY B 83 -7.22 -39.57 -13.99
N ILE B 84 -6.68 -38.95 -15.04
CA ILE B 84 -7.02 -39.35 -16.42
C ILE B 84 -6.35 -40.64 -16.83
N TRP B 85 -5.53 -41.23 -15.97
CA TRP B 85 -4.90 -42.51 -16.24
C TRP B 85 -5.68 -43.70 -15.67
N GLY B 86 -6.83 -43.44 -15.04
CA GLY B 86 -7.72 -44.48 -14.59
C GLY B 86 -7.40 -45.08 -13.23
N CYS B 87 -6.31 -44.67 -12.59
CA CYS B 87 -5.89 -45.20 -11.31
C CYS B 87 -5.47 -44.07 -10.36
N SER B 88 -6.34 -43.06 -10.25
CA SER B 88 -6.03 -41.91 -9.39
C SER B 88 -5.88 -42.31 -7.94
N GLY B 89 -6.73 -43.20 -7.44
CA GLY B 89 -6.71 -43.56 -6.05
C GLY B 89 -5.76 -44.68 -5.69
N LYS B 90 -4.63 -44.77 -6.38
CA LYS B 90 -3.64 -45.80 -6.14
C LYS B 90 -2.25 -45.18 -6.08
N LEU B 91 -1.36 -45.82 -5.31
CA LEU B 91 0.03 -45.39 -5.23
C LEU B 91 0.92 -46.11 -6.24
N ILE B 92 0.63 -47.38 -6.50
CA ILE B 92 1.34 -48.18 -7.51
C ILE B 92 0.33 -48.59 -8.57
N CYS B 93 0.67 -48.34 -9.83
CA CYS B 93 -0.27 -48.53 -10.92
C CYS B 93 0.48 -48.98 -12.17
N CYS B 94 -0.19 -49.79 -12.98
CA CYS B 94 0.36 -50.26 -14.24
C CYS B 94 -0.69 -50.15 -15.34
N THR B 95 -0.22 -49.88 -16.55
CA THR B 95 -1.08 -49.64 -17.70
C THR B 95 -0.73 -50.61 -18.82
N ASN B 96 -1.74 -50.96 -19.62
CA ASN B 96 -1.59 -51.95 -20.68
C ASN B 96 -1.04 -51.33 -21.98
N VAL B 97 0.08 -50.63 -21.83
CA VAL B 97 0.78 -50.05 -22.97
C VAL B 97 2.20 -50.60 -23.03
N PRO B 98 2.68 -50.98 -24.22
CA PRO B 98 4.01 -51.61 -24.30
C PRO B 98 5.13 -50.65 -23.99
N TRP B 99 6.24 -51.22 -23.52
CA TRP B 99 7.46 -50.47 -23.27
C TRP B 99 8.35 -50.48 -24.50
N ASN B 100 9.05 -49.37 -24.72
CA ASN B 100 9.95 -49.21 -25.86
C ASN B 100 11.37 -49.53 -25.42
N SER B 101 12.04 -50.41 -26.17
CA SER B 101 13.41 -50.80 -25.84
C SER B 101 14.39 -49.65 -26.01
N SER B 102 14.05 -48.66 -26.86
CA SER B 102 14.96 -47.53 -27.06
C SER B 102 15.08 -46.67 -25.81
N TRP B 103 14.03 -46.64 -24.98
CA TRP B 103 14.08 -45.83 -23.76
C TRP B 103 15.15 -46.34 -22.80
N SER B 104 15.25 -47.65 -22.64
CA SER B 104 16.25 -48.25 -21.75
C SER B 104 16.43 -49.71 -22.12
N ASN B 105 17.68 -50.10 -22.41
CA ASN B 105 18.01 -51.47 -22.75
C ASN B 105 18.38 -52.31 -21.54
N ARG B 106 18.48 -51.70 -20.36
CA ARG B 106 18.83 -52.43 -19.16
C ARG B 106 17.68 -53.30 -18.69
N ASN B 107 18.00 -54.48 -18.18
CA ASN B 107 16.98 -55.41 -17.71
C ASN B 107 16.45 -54.97 -16.35
N LEU B 108 15.43 -55.69 -15.87
CA LEU B 108 14.82 -55.34 -14.60
C LEU B 108 15.77 -55.54 -13.42
N SER B 109 16.73 -56.46 -13.54
CA SER B 109 17.68 -56.70 -12.47
C SER B 109 18.56 -55.49 -12.23
N GLU B 110 19.01 -54.83 -13.31
CA GLU B 110 19.91 -53.69 -13.22
C GLU B 110 19.17 -52.37 -13.07
N ILE B 111 17.90 -52.39 -12.68
CA ILE B 111 17.11 -51.19 -12.45
C ILE B 111 16.53 -51.15 -11.04
N TRP B 112 15.94 -52.26 -10.60
CA TRP B 112 15.23 -52.31 -9.33
C TRP B 112 16.10 -52.77 -8.16
N ASP B 113 17.40 -52.95 -8.38
CA ASP B 113 18.27 -53.48 -7.34
C ASP B 113 19.56 -52.70 -7.12
N ASN B 114 20.03 -51.92 -8.09
CA ASN B 114 21.30 -51.22 -7.96
C ASN B 114 21.17 -49.71 -8.03
N MET B 115 20.45 -49.17 -9.01
CA MET B 115 20.42 -47.74 -9.24
C MET B 115 19.45 -47.07 -8.27
N THR B 116 19.23 -45.77 -8.47
CA THR B 116 18.46 -44.95 -7.54
C THR B 116 17.43 -44.15 -8.32
N TRP B 117 16.29 -43.87 -7.67
CA TRP B 117 15.23 -43.09 -8.31
C TRP B 117 15.74 -41.75 -8.82
N LEU B 118 16.65 -41.12 -8.07
CA LEU B 118 17.20 -39.84 -8.51
C LEU B 118 17.97 -40.00 -9.82
N GLN B 119 18.77 -41.06 -9.93
CA GLN B 119 19.50 -41.31 -11.16
C GLN B 119 18.58 -41.71 -12.30
N TRP B 120 17.47 -42.41 -11.99
CA TRP B 120 16.56 -42.85 -13.02
C TRP B 120 15.87 -41.68 -13.72
N ASP B 121 15.55 -40.63 -12.96
CA ASP B 121 14.84 -39.50 -13.54
C ASP B 121 15.66 -38.82 -14.63
N LYS B 122 16.96 -38.62 -14.38
CA LYS B 122 17.80 -37.95 -15.37
C LYS B 122 18.01 -38.80 -16.62
N GLU B 123 18.00 -40.12 -16.47
CA GLU B 123 18.25 -41.00 -17.62
C GLU B 123 17.16 -40.89 -18.66
N ILE B 124 15.89 -40.82 -18.23
CA ILE B 124 14.77 -40.82 -19.15
C ILE B 124 13.96 -39.52 -19.02
N SER B 125 14.66 -38.42 -18.66
CA SER B 125 13.98 -37.14 -18.49
C SER B 125 13.36 -36.67 -19.80
N ASN B 126 14.06 -36.87 -20.92
CA ASN B 126 13.53 -36.42 -22.21
C ASN B 126 12.26 -37.16 -22.58
N TYR B 127 12.22 -38.47 -22.32
CA TYR B 127 11.10 -39.30 -22.73
C TYR B 127 9.84 -39.08 -21.90
N THR B 128 9.93 -38.33 -20.79
CA THR B 128 8.78 -38.17 -19.91
C THR B 128 7.62 -37.48 -20.61
N GLN B 129 7.90 -36.43 -21.41
CA GLN B 129 6.84 -35.68 -22.05
C GLN B 129 6.09 -36.52 -23.06
N ILE B 130 6.80 -37.30 -23.88
CA ILE B 130 6.13 -38.09 -24.91
C ILE B 130 5.35 -39.25 -24.31
N ILE B 131 5.82 -39.79 -23.18
CA ILE B 131 5.15 -40.93 -22.57
C ILE B 131 3.78 -40.53 -22.04
N TYR B 132 3.67 -39.31 -21.48
CA TYR B 132 2.42 -38.88 -20.86
C TYR B 132 1.27 -38.90 -21.86
N GLY B 133 1.53 -38.58 -23.13
CA GLY B 133 0.49 -38.65 -24.13
C GLY B 133 0.02 -40.05 -24.41
N LEU B 134 0.92 -41.04 -24.29
CA LEU B 134 0.56 -42.42 -24.59
C LEU B 134 -0.52 -42.93 -23.63
N LEU B 135 -0.36 -42.66 -22.33
CA LEU B 135 -1.35 -43.12 -21.37
C LEU B 135 -2.65 -42.32 -21.48
N GLU B 136 -2.58 -41.06 -21.88
CA GLU B 136 -3.77 -40.23 -21.97
C GLU B 136 -4.74 -40.77 -23.02
N GLU B 137 -4.21 -41.15 -24.19
CA GLU B 137 -5.08 -41.66 -25.25
C GLU B 137 -5.51 -43.11 -24.98
N SER B 138 -4.66 -43.90 -24.34
CA SER B 138 -4.99 -45.30 -24.10
C SER B 138 -6.13 -45.45 -23.11
N GLN B 139 -6.13 -44.64 -22.04
CA GLN B 139 -7.19 -44.74 -21.04
C GLN B 139 -8.54 -44.39 -21.65
N ASN B 140 -8.59 -43.33 -22.46
CA ASN B 140 -9.85 -42.96 -23.10
C ASN B 140 -10.33 -44.05 -24.05
N GLN B 141 -9.40 -44.83 -24.62
CA GLN B 141 -9.78 -45.96 -25.45
C GLN B 141 -10.46 -47.05 -24.63
N GLN B 142 -9.97 -47.31 -23.42
CA GLN B 142 -10.56 -48.35 -22.58
C GLN B 142 -11.98 -47.99 -22.14
N GLU B 143 -12.27 -46.70 -21.97
CA GLU B 143 -13.61 -46.29 -21.55
C GLU B 143 -14.65 -46.65 -22.60
N LYS B 144 -14.31 -46.47 -23.88
CA LYS B 144 -15.23 -46.81 -24.95
C LYS B 144 -15.52 -48.31 -24.97
N ASN B 145 -14.49 -49.13 -24.76
CA ASN B 145 -14.68 -50.58 -24.76
C ASN B 145 -15.58 -51.02 -23.61
N GLU B 146 -15.39 -50.43 -22.43
CA GLU B 146 -16.18 -50.84 -21.26
C GLU B 146 -17.66 -50.56 -21.47
N GLN B 147 -18.00 -49.39 -22.01
CA GLN B 147 -19.40 -49.03 -22.19
C GLN B 147 -20.06 -49.88 -23.27
N ASP B 148 -19.33 -50.19 -24.34
CA ASP B 148 -19.91 -50.96 -25.43
C ASP B 148 -20.03 -52.45 -25.08
N LEU B 149 -19.09 -52.97 -24.29
CA LEU B 149 -19.10 -54.41 -23.98
C LEU B 149 -20.32 -54.79 -23.16
N LEU B 150 -20.59 -54.04 -22.08
CA LEU B 150 -21.71 -54.39 -21.21
C LEU B 150 -23.06 -54.09 -21.87
N ALA B 151 -23.13 -53.05 -22.71
CA ALA B 151 -24.38 -52.70 -23.35
C ALA B 151 -24.84 -53.80 -24.30
N LEU B 152 -23.93 -54.36 -25.09
CA LEU B 152 -24.29 -55.42 -26.02
C LEU B 152 -24.71 -56.69 -25.30
N ASP B 153 -24.01 -57.04 -24.22
CA ASP B 153 -24.32 -58.24 -23.46
C ASP B 153 -25.28 -57.92 -22.31
N ASN C 3 -15.97 -61.13 16.04
CA ASN C 3 -15.16 -60.66 14.93
C ASN C 3 -15.56 -59.24 14.53
N LEU C 4 -14.72 -58.28 14.88
CA LEU C 4 -14.95 -56.87 14.60
C LEU C 4 -13.81 -56.32 13.74
N TRP C 5 -14.16 -55.52 12.75
CA TRP C 5 -13.20 -54.95 11.82
C TRP C 5 -13.41 -53.44 11.71
N VAL C 6 -12.33 -52.73 11.41
CA VAL C 6 -12.36 -51.27 11.37
C VAL C 6 -13.06 -50.82 10.10
N THR C 7 -14.03 -49.91 10.26
CA THR C 7 -14.75 -49.31 9.15
C THR C 7 -14.68 -47.80 9.29
N VAL C 8 -14.48 -47.11 8.17
CA VAL C 8 -14.36 -45.65 8.15
C VAL C 8 -15.56 -45.05 7.44
N TYR C 9 -16.09 -43.98 8.02
CA TYR C 9 -17.23 -43.26 7.47
C TYR C 9 -16.86 -41.79 7.26
N TYR C 10 -17.25 -41.24 6.11
CA TYR C 10 -16.97 -39.86 5.77
C TYR C 10 -18.25 -39.06 5.78
N GLY C 11 -18.28 -37.97 6.55
CA GLY C 11 -19.44 -37.11 6.63
C GLY C 11 -20.32 -37.31 7.84
N VAL C 12 -19.82 -37.94 8.89
CA VAL C 12 -20.62 -38.14 10.11
C VAL C 12 -20.82 -36.79 10.79
N PRO C 13 -21.94 -36.58 11.50
CA PRO C 13 -22.18 -35.29 12.18
C PRO C 13 -21.47 -35.17 13.52
N VAL C 14 -20.17 -34.86 13.46
CA VAL C 14 -19.35 -34.67 14.64
C VAL C 14 -18.67 -33.31 14.54
N TRP C 15 -18.75 -32.51 15.60
CA TRP C 15 -18.16 -31.18 15.63
C TRP C 15 -17.37 -30.99 16.91
N LYS C 16 -16.38 -30.10 16.85
CA LYS C 16 -15.58 -29.72 18.00
C LYS C 16 -15.43 -28.21 18.04
N ASP C 17 -15.27 -27.67 19.24
CA ASP C 17 -15.16 -26.23 19.41
C ASP C 17 -13.85 -25.72 18.83
N ALA C 18 -13.93 -24.60 18.12
CA ALA C 18 -12.76 -24.00 17.50
C ALA C 18 -13.07 -22.54 17.19
N GLU C 19 -12.07 -21.82 16.68
CA GLU C 19 -12.18 -20.42 16.32
C GLU C 19 -11.86 -20.24 14.84
N THR C 20 -12.54 -19.27 14.22
CA THR C 20 -12.32 -18.97 12.81
C THR C 20 -12.74 -17.54 12.54
N THR C 21 -12.32 -17.03 11.37
CA THR C 21 -12.68 -15.70 10.94
C THR C 21 -14.02 -15.74 10.22
N LEU C 22 -14.96 -14.92 10.68
CA LEU C 22 -16.31 -14.87 10.13
C LEU C 22 -16.48 -13.64 9.27
N PHE C 23 -17.07 -13.81 8.09
CA PHE C 23 -17.28 -12.71 7.17
C PHE C 23 -18.64 -12.06 7.40
N CYS C 24 -18.82 -10.90 6.77
CA CYS C 24 -20.02 -10.09 6.96
C CYS C 24 -21.17 -10.60 6.09
N ALA C 25 -22.37 -10.11 6.41
CA ALA C 25 -23.57 -10.40 5.62
C ALA C 25 -24.57 -9.29 5.88
N SER C 26 -25.03 -8.65 4.82
CA SER C 26 -25.92 -7.49 4.96
C SER C 26 -27.03 -7.58 3.92
N ASP C 27 -28.10 -6.83 4.18
CA ASP C 27 -29.23 -6.76 3.27
C ASP C 27 -28.90 -5.86 2.08
N ALA C 28 -29.86 -5.74 1.16
CA ALA C 28 -29.73 -4.87 -0.01
C ALA C 28 -30.33 -3.49 0.21
N LYS C 29 -30.81 -3.21 1.42
CA LYS C 29 -31.43 -1.91 1.68
C LYS C 29 -30.41 -0.78 1.52
N ALA C 30 -29.27 -0.89 2.18
CA ALA C 30 -28.24 0.14 2.07
C ALA C 30 -27.48 0.06 0.75
N TYR C 31 -27.35 -1.14 0.17
CA TYR C 31 -26.62 -1.29 -1.08
C TYR C 31 -27.32 -0.56 -2.22
N GLU C 32 -28.64 -0.65 -2.30
CA GLU C 32 -29.38 0.02 -3.37
C GLU C 32 -29.30 1.54 -3.22
N THR C 33 -29.39 2.04 -1.99
CA THR C 33 -29.38 3.49 -1.77
C THR C 33 -28.02 4.10 -2.10
N GLU C 34 -26.93 3.37 -1.81
CA GLU C 34 -25.57 3.85 -2.06
C GLU C 34 -25.28 5.14 -1.30
N LYS C 35 -25.49 5.09 0.02
CA LYS C 35 -25.21 6.23 0.89
C LYS C 35 -23.77 6.24 1.40
N HIS C 36 -22.97 5.23 1.07
CA HIS C 36 -21.57 5.13 1.49
C HIS C 36 -21.47 5.19 3.02
N ASN C 37 -22.04 4.18 3.65
CA ASN C 37 -22.04 4.09 5.11
C ASN C 37 -20.63 3.79 5.63
N VAL C 38 -20.42 4.07 6.91
CA VAL C 38 -19.12 3.79 7.53
C VAL C 38 -18.82 2.30 7.49
N TRP C 39 -19.85 1.47 7.65
CA TRP C 39 -19.70 0.02 7.49
C TRP C 39 -20.04 -0.34 6.04
N ALA C 40 -19.05 -0.79 5.30
CA ALA C 40 -19.18 -1.00 3.86
C ALA C 40 -20.05 -2.21 3.55
N THR C 41 -21.35 -1.98 3.32
CA THR C 41 -22.24 -3.06 2.93
C THR C 41 -22.01 -3.49 1.48
N HIS C 42 -21.58 -2.56 0.62
CA HIS C 42 -21.29 -2.91 -0.77
C HIS C 42 -20.14 -3.92 -0.85
N ALA C 43 -19.09 -3.70 -0.06
CA ALA C 43 -18.02 -4.69 -0.01
C ALA C 43 -18.43 -5.93 0.77
N CYS C 44 -19.34 -5.77 1.73
CA CYS C 44 -19.82 -6.90 2.51
C CYS C 44 -20.65 -7.85 1.64
N VAL C 45 -20.54 -9.14 1.94
CA VAL C 45 -21.24 -10.16 1.15
C VAL C 45 -22.74 -10.03 1.37
N PRO C 46 -23.56 -10.12 0.32
CA PRO C 46 -25.01 -10.14 0.52
C PRO C 46 -25.44 -11.36 1.33
N THR C 47 -26.47 -11.17 2.14
CA THR C 47 -26.95 -12.22 3.03
C THR C 47 -27.94 -13.14 2.32
N ASP C 48 -28.27 -14.24 2.99
CA ASP C 48 -29.24 -15.18 2.46
C ASP C 48 -30.63 -14.57 2.45
N PRO C 49 -31.48 -14.97 1.51
CA PRO C 49 -32.85 -14.43 1.49
C PRO C 49 -33.65 -14.72 2.74
N ASN C 50 -33.45 -15.87 3.37
CA ASN C 50 -34.18 -16.24 4.58
C ASN C 50 -33.31 -17.16 5.41
N PRO C 51 -33.49 -17.17 6.73
CA PRO C 51 -32.70 -18.08 7.56
C PRO C 51 -33.05 -19.54 7.30
N GLN C 52 -32.06 -20.40 7.50
CA GLN C 52 -32.23 -21.84 7.29
C GLN C 52 -31.91 -22.61 8.57
N GLU C 53 -32.44 -22.16 9.70
CA GLU C 53 -32.18 -22.82 10.97
C GLU C 53 -32.79 -24.23 10.98
N ILE C 54 -32.09 -25.16 11.62
CA ILE C 54 -32.54 -26.54 11.75
C ILE C 54 -32.68 -26.85 13.23
N HIS C 55 -33.85 -27.34 13.63
CA HIS C 55 -34.10 -27.69 15.02
C HIS C 55 -33.52 -29.08 15.29
N LEU C 56 -32.46 -29.14 16.08
CA LEU C 56 -31.80 -30.40 16.41
C LEU C 56 -32.41 -30.99 17.66
N GLU C 57 -32.48 -32.32 17.71
CA GLU C 57 -33.09 -33.04 18.81
C GLU C 57 -32.07 -33.94 19.49
N ASN C 58 -32.31 -34.20 20.78
CA ASN C 58 -31.49 -35.11 21.59
C ASN C 58 -30.03 -34.67 21.65
N VAL C 59 -29.79 -33.36 21.60
CA VAL C 59 -28.43 -32.82 21.62
C VAL C 59 -28.34 -31.77 22.72
N THR C 60 -27.29 -31.84 23.52
CA THR C 60 -27.00 -30.86 24.56
C THR C 60 -25.58 -30.35 24.35
N GLU C 61 -25.43 -29.04 24.22
CA GLU C 61 -24.15 -28.41 23.94
C GLU C 61 -23.87 -27.33 24.96
N GLU C 62 -22.61 -27.23 25.38
CA GLU C 62 -22.20 -26.22 26.34
C GLU C 62 -22.02 -24.86 25.65
N PHE C 63 -22.33 -23.81 26.40
CA PHE C 63 -22.18 -22.43 25.91
C PHE C 63 -21.48 -21.59 26.96
N ASN C 64 -20.75 -20.57 26.50
CA ASN C 64 -20.01 -19.70 27.40
C ASN C 64 -19.82 -18.35 26.69
N MET C 65 -20.61 -17.36 27.08
CA MET C 65 -20.50 -16.04 26.44
C MET C 65 -19.26 -15.29 26.89
N TRP C 66 -18.83 -15.48 28.14
CA TRP C 66 -17.69 -14.74 28.65
C TRP C 66 -16.40 -15.16 27.98
N LYS C 67 -16.25 -16.46 27.70
CA LYS C 67 -15.09 -16.98 26.99
C LYS C 67 -15.33 -17.10 25.49
N ASN C 68 -16.47 -16.62 25.00
CA ASN C 68 -16.76 -16.68 23.58
C ASN C 68 -15.76 -15.85 22.79
N ASN C 69 -15.23 -16.44 21.71
CA ASN C 69 -14.29 -15.74 20.85
C ASN C 69 -14.97 -14.85 19.82
N MET C 70 -16.28 -14.99 19.62
CA MET C 70 -16.97 -14.19 18.63
C MET C 70 -16.96 -12.71 19.00
N VAL C 71 -17.10 -12.40 20.29
CA VAL C 71 -17.11 -11.00 20.71
C VAL C 71 -15.76 -10.35 20.49
N GLU C 72 -14.67 -11.13 20.57
CA GLU C 72 -13.35 -10.58 20.31
C GLU C 72 -13.20 -10.13 18.87
N GLN C 73 -13.69 -10.93 17.92
CA GLN C 73 -13.60 -10.57 16.52
C GLN C 73 -14.46 -9.35 16.19
N MET C 74 -15.65 -9.27 16.78
CA MET C 74 -16.53 -8.14 16.52
C MET C 74 -15.92 -6.83 17.03
N HIS C 75 -15.28 -6.88 18.20
CA HIS C 75 -14.63 -5.69 18.73
C HIS C 75 -13.48 -5.22 17.82
N THR C 76 -12.70 -6.17 17.30
CA THR C 76 -11.58 -5.81 16.44
C THR C 76 -12.07 -5.31 15.08
N ASP C 77 -13.09 -5.96 14.51
CA ASP C 77 -13.56 -5.59 13.18
C ASP C 77 -14.15 -4.20 13.16
N ILE C 78 -14.94 -3.85 14.18
CA ILE C 78 -15.60 -2.54 14.20
C ILE C 78 -14.58 -1.42 14.32
N ILE C 79 -13.56 -1.61 15.16
CA ILE C 79 -12.50 -0.63 15.28
C ILE C 79 -11.76 -0.49 13.95
N SER C 80 -11.49 -1.61 13.29
CA SER C 80 -10.83 -1.57 11.99
C SER C 80 -11.68 -0.86 10.95
N LEU C 81 -13.00 -1.05 11.01
CA LEU C 81 -13.88 -0.37 10.07
C LEU C 81 -14.05 1.10 10.41
N TRP C 82 -13.90 1.46 11.68
CA TRP C 82 -14.13 2.84 12.10
C TRP C 82 -13.07 3.77 11.52
N ASP C 83 -11.79 3.42 11.67
CA ASP C 83 -10.71 4.27 11.18
C ASP C 83 -10.46 4.12 9.69
N GLN C 84 -10.99 3.05 9.06
CA GLN C 84 -10.85 2.90 7.63
C GLN C 84 -11.61 3.98 6.86
N SER C 85 -12.68 4.50 7.46
CA SER C 85 -13.47 5.56 6.83
C SER C 85 -12.96 6.96 7.15
N LEU C 86 -12.02 7.10 8.10
CA LEU C 86 -11.51 8.41 8.47
C LEU C 86 -10.32 8.84 7.63
N LYS C 87 -9.69 7.91 6.91
CA LYS C 87 -8.55 8.27 6.06
C LYS C 87 -8.91 9.25 4.96
N PRO C 88 -10.01 9.09 4.19
CA PRO C 88 -10.23 9.99 3.04
C PRO C 88 -10.38 11.45 3.41
N CYS C 89 -11.31 11.77 4.30
CA CYS C 89 -11.64 13.17 4.56
C CYS C 89 -10.53 13.86 5.35
N VAL C 90 -10.68 15.18 5.51
CA VAL C 90 -9.57 16.04 5.92
C VAL C 90 -9.20 15.79 7.37
N LYS C 91 -7.92 16.00 7.69
CA LYS C 91 -7.40 16.00 9.05
C LYS C 91 -7.10 17.43 9.46
N LEU C 92 -7.63 17.84 10.62
CA LEU C 92 -7.48 19.22 11.08
C LEU C 92 -6.16 19.39 11.83
N THR C 93 -5.07 19.27 11.07
CA THR C 93 -3.74 19.54 11.61
C THR C 93 -3.44 21.02 11.85
N PRO C 94 -3.95 21.98 11.06
CA PRO C 94 -3.61 23.38 11.34
C PRO C 94 -4.56 24.10 12.28
N LEU C 95 -5.44 23.39 12.97
CA LEU C 95 -6.43 24.00 13.85
C LEU C 95 -5.86 24.35 15.22
N CYS C 96 -4.63 23.95 15.52
CA CYS C 96 -4.00 24.28 16.80
C CYS C 96 -3.38 25.66 16.71
N VAL C 97 -4.18 26.68 17.02
CA VAL C 97 -3.75 28.06 17.07
C VAL C 97 -4.25 28.67 18.38
N THR C 98 -3.91 29.94 18.59
CA THR C 98 -4.38 30.64 19.78
C THR C 98 -5.78 31.17 19.55
N LEU C 99 -6.69 30.86 20.47
CA LEU C 99 -8.10 31.20 20.36
C LEU C 99 -8.45 32.30 21.35
N GLN C 100 -9.11 33.34 20.87
CA GLN C 100 -9.62 34.42 21.72
C GLN C 100 -11.12 34.20 21.90
N CYS C 101 -11.49 33.65 23.05
CA CYS C 101 -12.87 33.26 23.33
C CYS C 101 -13.52 34.22 24.33
N THR C 102 -14.83 34.37 24.21
CA THR C 102 -15.61 35.20 25.12
C THR C 102 -16.99 34.57 25.30
N ASN C 103 -17.57 34.78 26.47
CA ASN C 103 -18.87 34.21 26.77
C ASN C 103 -19.96 34.85 25.92
N VAL C 104 -21.03 34.11 25.69
CA VAL C 104 -22.22 34.59 25.00
C VAL C 104 -23.29 34.87 26.04
N THR C 105 -23.95 36.03 25.93
CA THR C 105 -24.94 36.46 26.92
C THR C 105 -26.14 37.10 26.24
N ASN C 106 -26.65 36.47 25.18
CA ASN C 106 -27.79 37.05 24.44
C ASN C 106 -29.11 36.49 24.96
N ASN C 107 -29.29 35.18 24.83
CA ASN C 107 -30.47 34.47 25.33
C ASN C 107 -30.05 33.18 26.03
N ILE C 108 -29.06 33.31 26.90
CA ILE C 108 -28.50 32.19 27.63
C ILE C 108 -29.29 31.97 28.91
N THR C 109 -29.70 30.72 29.14
CA THR C 109 -30.35 30.34 30.38
C THR C 109 -29.28 30.01 31.42
N ASP C 110 -29.65 30.19 32.70
CA ASP C 110 -28.68 30.05 33.78
C ASP C 110 -28.06 28.65 33.84
N ASP C 111 -28.78 27.63 33.38
CA ASP C 111 -28.25 26.27 33.43
C ASP C 111 -27.12 26.05 32.42
N MET C 112 -27.11 26.81 31.32
CA MET C 112 -26.04 26.78 30.34
C MET C 112 -25.29 28.11 30.30
N ARG C 113 -24.94 28.62 31.48
CA ARG C 113 -24.36 29.96 31.56
C ARG C 113 -23.02 30.04 30.84
N GLY C 114 -22.17 29.01 30.98
CA GLY C 114 -20.86 29.04 30.36
C GLY C 114 -20.46 27.76 29.64
N GLU C 115 -21.42 27.06 29.04
CA GLU C 115 -21.11 25.81 28.38
C GLU C 115 -20.43 26.02 27.02
N LEU C 116 -20.83 27.04 26.28
CA LEU C 116 -20.28 27.30 24.96
C LEU C 116 -19.71 28.72 24.89
N LYS C 117 -18.62 28.85 24.15
CA LYS C 117 -17.88 30.09 24.05
C LYS C 117 -17.92 30.62 22.62
N ASN C 118 -17.38 31.82 22.42
CA ASN C 118 -17.31 32.47 21.13
C ASN C 118 -15.85 32.79 20.84
N CYS C 119 -15.19 31.92 20.08
CA CYS C 119 -13.76 32.01 19.84
C CYS C 119 -13.49 32.52 18.42
N SER C 120 -12.45 33.35 18.28
CA SER C 120 -12.01 33.86 16.99
C SER C 120 -10.52 33.61 16.85
N PHE C 121 -10.08 33.23 15.66
CA PHE C 121 -8.70 32.84 15.45
C PHE C 121 -8.33 33.01 13.99
N ASN C 122 -7.02 33.08 13.73
CA ASN C 122 -6.51 33.12 12.38
C ASN C 122 -6.48 31.72 11.78
N MET C 123 -6.81 31.61 10.50
CA MET C 123 -6.86 30.32 9.83
C MET C 123 -6.24 30.45 8.45
N THR C 124 -5.71 29.34 7.95
CA THR C 124 -5.05 29.32 6.65
C THR C 124 -6.07 29.22 5.53
N THR C 125 -5.60 29.51 4.31
CA THR C 125 -6.43 29.41 3.11
C THR C 125 -5.70 28.63 2.03
N GLU C 126 -6.23 28.63 0.80
CA GLU C 126 -5.55 27.95 -0.30
C GLU C 126 -4.17 28.53 -0.54
N LEU C 127 -4.06 29.85 -0.56
CA LEU C 127 -2.78 30.50 -0.77
C LEU C 127 -1.95 30.41 0.50
N ARG C 128 -0.67 30.03 0.35
CA ARG C 128 0.22 29.82 1.49
C ARG C 128 0.84 31.12 2.01
N ASP C 129 0.28 32.28 1.65
CA ASP C 129 0.79 33.56 2.13
C ASP C 129 -0.33 34.49 2.60
N LYS C 130 -1.49 33.94 2.92
CA LYS C 130 -2.63 34.73 3.38
C LYS C 130 -3.22 34.11 4.63
N LYS C 131 -3.72 34.97 5.51
CA LYS C 131 -4.37 34.55 6.75
C LYS C 131 -5.76 35.19 6.81
N GLN C 132 -6.76 34.38 7.14
CA GLN C 132 -8.13 34.84 7.28
C GLN C 132 -8.55 34.79 8.74
N LYS C 133 -9.26 35.83 9.18
CA LYS C 133 -9.76 35.90 10.55
C LYS C 133 -11.21 35.44 10.56
N VAL C 134 -11.46 34.31 11.23
CA VAL C 134 -12.78 33.70 11.29
C VAL C 134 -13.11 33.43 12.75
N TYR C 135 -14.39 33.16 13.01
CA TYR C 135 -14.88 32.89 14.35
C TYR C 135 -15.72 31.62 14.34
N SER C 136 -15.70 30.91 15.45
CA SER C 136 -16.48 29.68 15.61
C SER C 136 -16.85 29.54 17.08
N LEU C 137 -17.89 28.74 17.32
CA LEU C 137 -18.40 28.52 18.66
C LEU C 137 -17.98 27.13 19.13
N PHE C 138 -17.29 27.08 20.27
CA PHE C 138 -16.77 25.83 20.82
C PHE C 138 -17.34 25.62 22.22
N TYR C 139 -17.66 24.38 22.53
CA TYR C 139 -18.14 24.05 23.87
C TYR C 139 -17.01 24.14 24.88
N ARG C 140 -17.38 24.32 26.15
CA ARG C 140 -16.38 24.44 27.21
C ARG C 140 -15.56 23.18 27.37
N LEU C 141 -16.14 22.01 27.07
CA LEU C 141 -15.43 20.75 27.22
C LEU C 141 -14.31 20.58 26.21
N ASP C 142 -14.26 21.42 25.18
CA ASP C 142 -13.29 21.27 24.10
C ASP C 142 -12.19 22.32 24.12
N VAL C 143 -12.23 23.27 25.05
CA VAL C 143 -11.25 24.34 25.12
C VAL C 143 -10.70 24.43 26.54
N VAL C 144 -9.41 24.69 26.65
CA VAL C 144 -8.74 24.84 27.94
C VAL C 144 -7.91 26.11 27.91
N GLN C 145 -7.87 26.83 29.03
CA GLN C 145 -7.10 28.07 29.12
C GLN C 145 -5.61 27.75 29.13
N ILE C 146 -4.88 28.26 28.14
CA ILE C 146 -3.45 28.00 28.06
C ILE C 146 -2.71 28.69 29.20
N ASN C 147 -3.18 29.87 29.62
CA ASN C 147 -2.54 30.61 30.69
C ASN C 147 -3.42 30.65 31.94
N LYS C 159 -9.84 35.86 26.52
CA LYS C 159 -8.70 35.10 27.01
C LYS C 159 -8.20 34.13 25.95
N GLU C 160 -7.02 33.55 26.18
CA GLU C 160 -6.40 32.64 25.23
C GLU C 160 -6.76 31.21 25.56
N TYR C 161 -7.24 30.47 24.56
CA TYR C 161 -7.66 29.09 24.74
C TYR C 161 -7.07 28.22 23.63
N ARG C 162 -7.08 26.91 23.88
CA ARG C 162 -6.57 25.95 22.90
C ARG C 162 -7.35 24.65 23.05
N LEU C 163 -7.34 23.85 21.98
CA LEU C 163 -8.04 22.58 22.00
C LEU C 163 -7.28 21.56 22.86
N ILE C 164 -8.03 20.64 23.45
CA ILE C 164 -7.44 19.64 24.33
C ILE C 164 -6.54 18.68 23.55
N ASN C 165 -6.81 18.49 22.26
CA ASN C 165 -6.07 17.52 21.46
C ASN C 165 -4.72 18.04 20.97
N CYS C 166 -4.42 19.32 21.17
CA CYS C 166 -3.21 19.91 20.60
C CYS C 166 -1.95 19.26 21.17
N ASN C 167 -1.95 18.97 22.47
CA ASN C 167 -0.82 18.29 23.10
C ASN C 167 -0.96 16.78 23.09
N THR C 168 -1.93 16.24 22.35
CA THR C 168 -2.16 14.80 22.28
C THR C 168 -1.78 14.23 20.92
N SER C 169 -2.37 14.73 19.83
CA SER C 169 -2.09 14.25 18.49
C SER C 169 -2.83 15.14 17.49
N ALA C 170 -2.48 14.98 16.22
CA ALA C 170 -3.24 15.61 15.15
C ALA C 170 -4.67 15.11 15.19
N CYS C 171 -5.62 16.02 15.06
CA CYS C 171 -7.02 15.74 15.40
C CYS C 171 -7.85 15.73 14.13
N THR C 172 -8.20 14.54 13.66
CA THR C 172 -8.93 14.37 12.42
C THR C 172 -10.43 14.48 12.64
N GLN C 173 -11.12 15.10 11.69
CA GLN C 173 -12.56 15.24 11.74
C GLN C 173 -13.24 14.18 10.87
N ALA C 174 -14.54 14.01 11.10
CA ALA C 174 -15.30 13.02 10.37
C ALA C 174 -15.59 13.49 8.95
N CYS C 175 -15.86 12.53 8.07
CA CYS C 175 -16.32 12.84 6.73
C CYS C 175 -17.80 13.21 6.77
N PRO C 176 -18.19 14.38 6.24
CA PRO C 176 -19.61 14.77 6.31
C PRO C 176 -20.55 13.81 5.60
N LYS C 177 -20.10 13.15 4.54
CA LYS C 177 -20.99 12.31 3.75
C LYS C 177 -21.39 11.05 4.51
N VAL C 178 -20.44 10.41 5.20
CA VAL C 178 -20.74 9.16 5.89
C VAL C 178 -21.65 9.42 7.07
N SER C 179 -22.51 8.45 7.37
CA SER C 179 -23.47 8.54 8.46
C SER C 179 -23.11 7.54 9.55
N PHE C 180 -23.41 7.92 10.79
CA PHE C 180 -23.07 7.11 11.95
C PHE C 180 -24.24 6.28 12.45
N GLU C 181 -25.32 6.19 11.68
CA GLU C 181 -26.47 5.40 12.10
C GLU C 181 -26.15 3.92 12.03
N PRO C 182 -26.25 3.18 13.13
CA PRO C 182 -25.98 1.74 13.08
C PRO C 182 -27.00 1.02 12.22
N ILE C 183 -26.53 -0.01 11.53
CA ILE C 183 -27.37 -0.85 10.68
C ILE C 183 -27.10 -2.31 11.01
N PRO C 184 -28.09 -3.20 10.88
CA PRO C 184 -27.87 -4.60 11.24
C PRO C 184 -26.81 -5.25 10.37
N ILE C 185 -26.01 -6.13 10.99
CA ILE C 185 -25.03 -6.94 10.30
C ILE C 185 -25.21 -8.39 10.71
N HIS C 186 -24.75 -9.30 9.87
CA HIS C 186 -24.87 -10.73 10.12
C HIS C 186 -23.50 -11.38 10.00
N TYR C 187 -23.20 -12.29 10.93
CA TYR C 187 -21.95 -13.03 10.93
C TYR C 187 -22.21 -14.46 10.48
N CYS C 188 -21.45 -14.90 9.48
CA CYS C 188 -21.61 -16.24 8.90
C CYS C 188 -20.29 -16.99 8.99
N ALA C 189 -20.38 -18.27 9.37
CA ALA C 189 -19.21 -19.12 9.42
C ALA C 189 -18.79 -19.51 8.00
N PRO C 190 -17.49 -19.71 7.77
CA PRO C 190 -17.04 -20.12 6.44
C PRO C 190 -17.36 -21.57 6.14
N ALA C 191 -16.90 -22.05 4.99
CA ALA C 191 -17.14 -23.44 4.61
C ALA C 191 -16.43 -24.39 5.57
N GLY C 192 -17.12 -25.47 5.93
CA GLY C 192 -16.59 -26.43 6.88
C GLY C 192 -16.82 -26.10 8.33
N PHE C 193 -17.41 -24.94 8.63
CA PHE C 193 -17.70 -24.53 10.01
C PHE C 193 -19.19 -24.26 10.14
N ALA C 194 -19.70 -24.41 11.36
CA ALA C 194 -21.11 -24.23 11.64
C ALA C 194 -21.28 -23.40 12.91
N ILE C 195 -22.42 -22.73 13.01
CA ILE C 195 -22.77 -21.91 14.16
C ILE C 195 -24.00 -22.51 14.83
N LEU C 196 -23.94 -22.68 16.14
CA LEU C 196 -25.03 -23.27 16.91
C LEU C 196 -25.72 -22.18 17.71
N LYS C 197 -27.06 -22.19 17.70
CA LYS C 197 -27.86 -21.22 18.43
C LYS C 197 -28.69 -21.95 19.49
N CYS C 198 -28.79 -21.34 20.67
CA CYS C 198 -29.58 -21.89 21.77
C CYS C 198 -30.89 -21.13 21.88
N LYS C 199 -32.00 -21.87 21.84
CA LYS C 199 -33.33 -21.27 21.87
C LYS C 199 -33.99 -21.38 23.24
N ASP C 200 -33.24 -21.78 24.27
CA ASP C 200 -33.80 -21.88 25.61
C ASP C 200 -33.90 -20.49 26.22
N LYS C 201 -35.14 -20.06 26.50
CA LYS C 201 -35.34 -18.74 27.09
C LYS C 201 -34.76 -18.66 28.49
N LYS C 202 -34.93 -19.71 29.30
CA LYS C 202 -34.42 -19.72 30.67
C LYS C 202 -32.90 -19.82 30.72
N PHE C 203 -32.25 -20.13 29.61
CA PHE C 203 -30.79 -20.29 29.60
C PHE C 203 -30.10 -19.01 30.05
N ASN C 204 -29.33 -19.12 31.13
CA ASN C 204 -28.54 -18.00 31.63
C ASN C 204 -27.22 -17.92 30.88
N GLY C 205 -26.27 -17.16 31.42
CA GLY C 205 -25.03 -16.90 30.70
C GLY C 205 -24.28 -18.16 30.29
N THR C 206 -24.12 -19.09 31.23
CA THR C 206 -23.38 -20.32 30.98
C THR C 206 -24.19 -21.52 31.44
N GLY C 207 -24.06 -22.63 30.71
CA GLY C 207 -24.74 -23.85 31.06
C GLY C 207 -25.18 -24.64 29.84
N PRO C 208 -25.55 -25.90 30.05
CA PRO C 208 -26.04 -26.72 28.95
C PRO C 208 -27.37 -26.20 28.42
N CYS C 209 -27.57 -26.36 27.11
CA CYS C 209 -28.80 -25.94 26.45
C CYS C 209 -29.57 -27.18 26.00
N PRO C 210 -30.74 -27.46 26.58
CA PRO C 210 -31.50 -28.63 26.13
C PRO C 210 -31.89 -28.58 24.65
N SER C 211 -32.17 -27.39 24.13
CA SER C 211 -32.53 -27.22 22.73
C SER C 211 -31.44 -26.41 22.03
N VAL C 212 -30.87 -26.99 20.98
CA VAL C 212 -29.81 -26.36 20.19
C VAL C 212 -30.20 -26.40 18.73
N SER C 213 -29.94 -25.30 18.02
CA SER C 213 -30.22 -25.22 16.59
C SER C 213 -29.01 -24.65 15.88
N THR C 214 -28.87 -24.99 14.60
CA THR C 214 -27.74 -24.55 13.79
C THR C 214 -28.21 -23.58 12.72
N VAL C 215 -27.44 -22.51 12.53
CA VAL C 215 -27.72 -21.51 11.50
C VAL C 215 -26.45 -21.25 10.72
N GLN C 216 -26.61 -20.77 9.48
CA GLN C 216 -25.47 -20.40 8.66
C GLN C 216 -25.06 -18.96 8.85
N CYS C 217 -25.97 -18.09 9.27
CA CYS C 217 -25.68 -16.69 9.53
C CYS C 217 -26.45 -16.22 10.75
N THR C 218 -25.80 -15.39 11.56
CA THR C 218 -26.44 -14.86 12.77
C THR C 218 -27.50 -13.83 12.41
N HIS C 219 -28.39 -13.58 13.37
CA HIS C 219 -29.42 -12.57 13.17
C HIS C 219 -28.81 -11.17 13.10
N GLY C 220 -29.61 -10.22 12.63
CA GLY C 220 -29.16 -8.85 12.49
C GLY C 220 -28.71 -8.23 13.80
N ILE C 221 -27.46 -7.74 13.83
CA ILE C 221 -26.87 -7.18 15.03
C ILE C 221 -26.58 -5.71 14.78
N LYS C 222 -27.12 -4.84 15.63
CA LYS C 222 -26.91 -3.41 15.51
C LYS C 222 -25.71 -3.00 16.36
N PRO C 223 -24.64 -2.47 15.76
CA PRO C 223 -23.44 -2.07 16.53
C PRO C 223 -23.63 -0.74 17.24
N VAL C 224 -24.64 -0.68 18.12
CA VAL C 224 -24.90 0.53 18.88
C VAL C 224 -23.90 0.61 20.03
N VAL C 225 -23.25 1.76 20.16
CA VAL C 225 -22.24 2.01 21.18
C VAL C 225 -22.85 2.92 22.24
N SER C 226 -22.88 2.46 23.48
CA SER C 226 -23.43 3.25 24.58
C SER C 226 -22.84 2.75 25.89
N THR C 227 -22.94 3.59 26.91
CA THR C 227 -22.44 3.29 28.25
C THR C 227 -23.57 3.43 29.26
N GLN C 228 -23.62 2.50 30.20
CA GLN C 228 -24.59 2.43 31.29
C GLN C 228 -26.00 2.12 30.82
N LEU C 229 -26.23 2.01 29.50
CA LEU C 229 -27.56 1.75 28.96
C LEU C 229 -27.40 1.06 27.61
N LEU C 230 -28.21 0.04 27.39
CA LEU C 230 -28.22 -0.67 26.11
C LEU C 230 -29.41 -0.19 25.31
N LEU C 231 -29.14 0.39 24.14
CA LEU C 231 -30.17 0.98 23.29
C LEU C 231 -30.29 0.18 22.00
N ASN C 232 -31.55 -0.04 21.57
CA ASN C 232 -31.85 -0.71 20.31
C ASN C 232 -31.21 -2.10 20.25
N GLY C 233 -31.62 -2.95 21.20
CA GLY C 233 -31.07 -4.29 21.30
C GLY C 233 -32.16 -5.33 21.43
N SER C 234 -31.76 -6.58 21.35
CA SER C 234 -32.69 -7.70 21.49
C SER C 234 -33.16 -7.81 22.93
N LEU C 235 -34.41 -8.23 23.09
CA LEU C 235 -35.04 -8.35 24.40
C LEU C 235 -35.15 -9.82 24.81
N ALA C 236 -35.46 -10.03 26.08
CA ALA C 236 -35.65 -11.37 26.62
C ALA C 236 -37.08 -11.82 26.33
N GLU C 237 -37.48 -12.94 26.93
CA GLU C 237 -38.79 -13.53 26.70
C GLU C 237 -39.47 -13.84 28.03
N GLU C 238 -40.46 -13.02 28.39
CA GLU C 238 -41.39 -13.28 29.48
C GLU C 238 -40.77 -13.12 30.88
N GLU C 239 -39.45 -12.95 30.94
CA GLU C 239 -38.79 -12.69 32.21
C GLU C 239 -37.62 -11.73 31.97
N VAL C 240 -36.99 -11.31 33.06
CA VAL C 240 -35.81 -10.46 33.03
C VAL C 240 -34.61 -11.33 33.37
N MET C 241 -33.65 -11.40 32.46
CA MET C 241 -32.48 -12.27 32.59
C MET C 241 -31.30 -11.48 33.11
N ILE C 242 -30.65 -12.00 34.14
CA ILE C 242 -29.46 -11.40 34.73
C ILE C 242 -28.31 -12.36 34.56
N ARG C 243 -27.23 -11.89 33.92
CA ARG C 243 -26.08 -12.72 33.59
C ARG C 243 -24.81 -12.10 34.16
N SER C 244 -23.97 -12.94 34.75
CA SER C 244 -22.69 -12.51 35.29
C SER C 244 -21.81 -13.73 35.48
N GLU C 245 -20.55 -13.62 35.05
CA GLU C 245 -19.63 -14.75 35.18
C GLU C 245 -19.34 -15.09 36.64
N ASN C 246 -19.54 -14.14 37.55
CA ASN C 246 -19.39 -14.39 38.98
C ASN C 246 -20.27 -13.36 39.71
N ILE C 247 -21.44 -13.81 40.17
CA ILE C 247 -22.37 -12.90 40.83
C ILE C 247 -21.81 -12.41 42.15
N THR C 248 -21.04 -13.26 42.85
CA THR C 248 -20.48 -12.85 44.13
C THR C 248 -19.38 -11.80 43.94
N ASN C 249 -18.57 -11.94 42.90
CA ASN C 249 -17.46 -11.02 42.67
C ASN C 249 -18.00 -9.65 42.26
N ASN C 250 -17.53 -8.61 42.96
CA ASN C 250 -17.94 -7.24 42.63
C ASN C 250 -17.23 -6.71 41.40
N ALA C 251 -16.00 -7.17 41.13
CA ALA C 251 -15.22 -6.64 40.03
C ALA C 251 -15.81 -6.97 38.67
N LYS C 252 -16.72 -7.93 38.59
CA LYS C 252 -17.33 -8.33 37.33
C LYS C 252 -18.67 -7.63 37.15
N ASN C 253 -18.88 -7.07 35.97
CA ASN C 253 -20.10 -6.34 35.69
C ASN C 253 -21.29 -7.29 35.59
N ILE C 254 -22.49 -6.74 35.80
CA ILE C 254 -23.73 -7.49 35.78
C ILE C 254 -24.57 -7.00 34.62
N LEU C 255 -25.01 -7.92 33.76
CA LEU C 255 -25.79 -7.61 32.58
C LEU C 255 -27.26 -7.93 32.81
N VAL C 256 -28.14 -7.01 32.42
CA VAL C 256 -29.57 -7.13 32.60
C VAL C 256 -30.25 -6.98 31.24
N GLN C 257 -31.28 -7.78 31.00
CA GLN C 257 -32.04 -7.73 29.76
C GLN C 257 -33.51 -7.49 30.09
N PHE C 258 -34.09 -6.46 29.49
CA PHE C 258 -35.48 -6.10 29.75
C PHE C 258 -36.43 -6.93 28.89
N ASN C 259 -37.49 -7.43 29.52
CA ASN C 259 -38.54 -8.10 28.77
C ASN C 259 -39.45 -7.11 28.06
N THR C 260 -39.68 -5.94 28.65
CA THR C 260 -40.49 -4.89 28.07
C THR C 260 -39.66 -3.62 27.95
N PRO C 261 -39.53 -3.03 26.76
CA PRO C 261 -38.65 -1.87 26.61
C PRO C 261 -39.27 -0.62 27.19
N VAL C 262 -38.42 0.36 27.48
CA VAL C 262 -38.84 1.67 27.97
C VAL C 262 -38.34 2.72 26.97
N GLN C 263 -39.23 3.64 26.61
CA GLN C 263 -38.92 4.63 25.59
C GLN C 263 -38.26 5.85 26.22
N ILE C 264 -37.23 6.37 25.54
CA ILE C 264 -36.53 7.58 25.97
C ILE C 264 -36.52 8.56 24.81
N ASN C 265 -36.82 9.83 25.10
CA ASN C 265 -36.84 10.88 24.11
C ASN C 265 -35.69 11.83 24.37
N CYS C 266 -34.83 12.02 23.36
CA CYS C 266 -33.69 12.92 23.47
C CYS C 266 -33.78 13.98 22.39
N THR C 267 -33.43 15.21 22.74
CA THR C 267 -33.50 16.32 21.81
C THR C 267 -32.42 17.34 22.14
N ARG C 268 -32.10 18.15 21.13
CA ARG C 268 -31.15 19.26 21.25
C ARG C 268 -31.89 20.52 20.79
N PRO C 269 -32.46 21.29 21.72
CA PRO C 269 -33.28 22.44 21.31
C PRO C 269 -32.51 23.54 20.59
N ASN C 270 -31.19 23.58 20.73
CA ASN C 270 -30.40 24.63 20.07
C ASN C 270 -30.48 24.47 18.56
N ASN C 271 -30.65 25.60 17.87
CA ASN C 271 -30.75 25.64 16.41
C ASN C 271 -29.51 26.36 15.88
N ASN C 272 -28.43 25.61 15.68
CA ASN C 272 -27.16 26.16 15.22
C ASN C 272 -27.04 26.05 13.70
N THR C 273 -26.19 26.90 13.14
CA THR C 273 -25.98 26.97 11.69
C THR C 273 -24.55 26.58 11.37
N ARG C 274 -24.39 25.63 10.45
CA ARG C 274 -23.06 25.22 10.02
C ARG C 274 -22.46 26.26 9.09
N LYS C 275 -21.18 26.54 9.29
CA LYS C 275 -20.44 27.49 8.45
C LYS C 275 -19.21 26.78 7.88
N SER C 276 -19.20 26.57 6.58
CA SER C 276 -18.12 25.84 5.92
C SER C 276 -16.97 26.81 5.66
N ILE C 277 -15.98 26.80 6.56
CA ILE C 277 -14.80 27.65 6.40
C ILE C 277 -13.87 27.00 5.40
N ARG C 278 -13.50 27.74 4.36
CA ARG C 278 -12.73 27.20 3.25
C ARG C 278 -11.24 27.33 3.56
N ILE C 279 -10.59 26.21 3.84
CA ILE C 279 -9.18 26.18 4.20
C ILE C 279 -8.46 25.19 3.30
N GLY C 280 -7.29 25.58 2.81
CA GLY C 280 -6.45 24.71 2.01
C GLY C 280 -7.07 24.36 0.66
N PRO C 281 -6.28 23.73 -0.20
CA PRO C 281 -6.80 23.31 -1.51
C PRO C 281 -7.61 22.04 -1.40
N GLY C 282 -8.92 22.16 -1.58
CA GLY C 282 -9.82 21.02 -1.54
C GLY C 282 -10.23 20.57 -0.16
N GLN C 283 -9.77 21.24 0.89
CA GLN C 283 -10.13 20.88 2.25
C GLN C 283 -11.21 21.82 2.77
N ALA C 284 -11.99 21.33 3.73
CA ALA C 284 -13.09 22.09 4.30
C ALA C 284 -13.18 21.86 5.80
N PHE C 285 -13.45 22.93 6.54
CA PHE C 285 -13.65 22.87 7.98
C PHE C 285 -15.01 23.47 8.28
N TYR C 286 -15.94 22.62 8.73
CA TYR C 286 -17.32 23.04 8.98
C TYR C 286 -17.43 23.44 10.45
N ALA C 287 -17.46 24.74 10.71
CA ALA C 287 -17.54 25.28 12.05
C ALA C 287 -18.98 25.59 12.42
N THR C 288 -19.20 25.86 13.70
CA THR C 288 -20.53 26.15 14.24
C THR C 288 -20.75 27.65 14.23
N GLY C 289 -21.81 28.10 13.57
CA GLY C 289 -22.16 29.50 13.52
C GLY C 289 -23.07 29.91 14.66
N ASP C 290 -23.65 31.10 14.52
CA ASP C 290 -24.53 31.63 15.54
C ASP C 290 -25.81 30.81 15.65
N ILE C 291 -26.33 30.69 16.86
CA ILE C 291 -27.59 30.00 17.11
C ILE C 291 -28.72 31.01 17.07
N ILE C 292 -29.71 30.77 16.23
CA ILE C 292 -30.89 31.62 16.16
C ILE C 292 -31.86 31.22 17.26
N GLY C 293 -32.52 32.20 17.85
CA GLY C 293 -33.49 31.93 18.89
C GLY C 293 -32.84 31.65 20.24
N ASP C 294 -33.65 31.08 21.13
CA ASP C 294 -33.22 30.80 22.49
C ASP C 294 -32.22 29.66 22.51
N ILE C 295 -31.40 29.63 23.56
CA ILE C 295 -30.38 28.59 23.76
C ILE C 295 -30.70 27.87 25.06
N ARG C 296 -30.82 26.54 24.97
CA ARG C 296 -31.15 25.70 26.12
C ARG C 296 -30.38 24.39 26.03
N GLN C 297 -30.27 23.71 27.16
CA GLN C 297 -29.51 22.47 27.21
C GLN C 297 -30.27 21.33 26.54
N ALA C 298 -29.51 20.37 26.03
CA ALA C 298 -30.11 19.14 25.54
C ALA C 298 -30.47 18.23 26.71
N HIS C 299 -31.60 17.55 26.59
CA HIS C 299 -32.11 16.74 27.68
C HIS C 299 -32.83 15.52 27.13
N CYS C 300 -32.97 14.50 27.97
CA CYS C 300 -33.63 13.25 27.61
C CYS C 300 -34.68 12.91 28.65
N ASN C 301 -35.84 12.45 28.20
CA ASN C 301 -36.95 12.12 29.06
C ASN C 301 -37.17 10.62 29.08
N VAL C 302 -37.48 10.08 30.27
CA VAL C 302 -37.95 8.72 30.41
C VAL C 302 -39.15 8.73 31.33
N SER C 303 -40.17 7.95 31.00
CA SER C 303 -41.41 7.94 31.77
C SER C 303 -41.16 7.35 33.15
N LYS C 304 -41.57 8.10 34.18
CA LYS C 304 -41.37 7.65 35.55
C LYS C 304 -42.21 6.42 35.86
N ALA C 305 -43.46 6.40 35.38
CA ALA C 305 -44.32 5.24 35.63
C ALA C 305 -43.75 3.98 34.98
N THR C 306 -43.24 4.10 33.76
CA THR C 306 -42.67 2.94 33.08
C THR C 306 -41.32 2.55 33.68
N TRP C 307 -40.48 3.55 33.98
CA TRP C 307 -39.16 3.26 34.55
C TRP C 307 -39.27 2.63 35.93
N ASN C 308 -40.20 3.11 36.76
CA ASN C 308 -40.38 2.51 38.07
C ASN C 308 -40.95 1.10 37.96
N GLU C 309 -41.69 0.82 36.88
CA GLU C 309 -42.25 -0.51 36.70
C GLU C 309 -41.17 -1.54 36.38
N THR C 310 -40.22 -1.19 35.51
CA THR C 310 -39.18 -2.14 35.14
C THR C 310 -38.14 -2.32 36.26
N LEU C 311 -37.99 -1.34 37.15
CA LEU C 311 -37.14 -1.53 38.31
C LEU C 311 -37.71 -2.60 39.24
N GLY C 312 -39.04 -2.63 39.40
CA GLY C 312 -39.65 -3.64 40.23
C GLY C 312 -39.43 -5.04 39.71
N LYS C 313 -39.40 -5.20 38.38
CA LYS C 313 -39.09 -6.50 37.80
C LYS C 313 -37.62 -6.86 38.00
N VAL C 314 -36.74 -5.87 37.90
CA VAL C 314 -35.31 -6.14 38.04
C VAL C 314 -34.97 -6.56 39.47
N VAL C 315 -35.55 -5.88 40.46
CA VAL C 315 -35.21 -6.17 41.85
C VAL C 315 -35.67 -7.57 42.25
N LYS C 316 -36.79 -8.03 41.70
CA LYS C 316 -37.25 -9.39 42.01
C LYS C 316 -36.25 -10.43 41.52
N GLN C 317 -35.71 -10.24 40.31
CA GLN C 317 -34.70 -11.16 39.79
C GLN C 317 -33.43 -11.13 40.64
N LEU C 318 -33.03 -9.94 41.08
CA LEU C 318 -31.83 -9.81 41.90
C LEU C 318 -31.99 -10.49 43.27
N ARG C 319 -33.23 -10.63 43.76
CA ARG C 319 -33.45 -11.28 45.04
C ARG C 319 -33.08 -12.75 45.00
N LYS C 320 -33.24 -13.39 43.83
CA LYS C 320 -32.96 -14.82 43.73
C LYS C 320 -31.48 -15.11 44.00
N HIS C 321 -30.59 -14.27 43.48
CA HIS C 321 -29.16 -14.44 43.66
C HIS C 321 -28.62 -13.75 44.90
N PHE C 322 -29.47 -13.06 45.67
CA PHE C 322 -29.01 -12.37 46.87
C PHE C 322 -29.95 -12.53 48.04
N GLY C 323 -30.81 -13.55 48.04
CA GLY C 323 -31.74 -13.76 49.13
C GLY C 323 -33.01 -12.94 48.98
N ASN C 324 -34.13 -13.51 49.40
CA ASN C 324 -35.44 -12.85 49.29
C ASN C 324 -35.75 -11.96 50.48
N ASN C 325 -34.77 -11.66 51.32
CA ASN C 325 -34.96 -10.80 52.48
C ASN C 325 -34.00 -9.62 52.53
N THR C 326 -33.03 -9.53 51.62
CA THR C 326 -32.07 -8.45 51.64
C THR C 326 -32.69 -7.18 51.03
N ILE C 327 -31.99 -6.07 51.21
CA ILE C 327 -32.42 -4.76 50.74
C ILE C 327 -31.58 -4.37 49.54
N ILE C 328 -32.22 -4.03 48.44
CA ILE C 328 -31.56 -3.63 47.21
C ILE C 328 -31.63 -2.12 47.08
N ARG C 329 -30.47 -1.47 46.93
CA ARG C 329 -30.39 -0.03 46.82
C ARG C 329 -29.65 0.34 45.54
N PHE C 330 -30.08 1.42 44.90
CA PHE C 330 -29.49 1.90 43.67
C PHE C 330 -28.80 3.24 43.92
N ALA C 331 -27.59 3.39 43.39
CA ALA C 331 -26.81 4.60 43.54
C ALA C 331 -26.25 5.02 42.19
N ASN C 332 -25.89 6.29 42.08
CA ASN C 332 -25.36 6.84 40.83
C ASN C 332 -23.91 6.39 40.67
N SER C 333 -23.24 6.92 39.65
CA SER C 333 -21.87 6.53 39.36
C SER C 333 -20.93 6.94 40.49
N SER C 334 -19.95 6.07 40.76
CA SER C 334 -19.02 6.33 41.85
C SER C 334 -18.09 7.49 41.53
N GLY C 335 -17.52 7.50 40.34
CA GLY C 335 -16.62 8.57 39.96
C GLY C 335 -15.83 8.20 38.72
N GLY C 336 -15.03 9.16 38.26
CA GLY C 336 -14.21 9.02 37.07
C GLY C 336 -14.36 10.25 36.20
N ASP C 337 -14.01 10.09 34.93
CA ASP C 337 -14.12 11.17 33.95
C ASP C 337 -15.53 11.18 33.35
N LEU C 338 -15.76 12.09 32.41
CA LEU C 338 -17.08 12.23 31.82
C LEU C 338 -17.46 11.01 30.98
N GLU C 339 -16.46 10.30 30.45
CA GLU C 339 -16.76 9.18 29.55
C GLU C 339 -17.46 8.04 30.26
N VAL C 340 -17.02 7.72 31.48
CA VAL C 340 -17.52 6.54 32.18
C VAL C 340 -18.66 6.85 33.16
N THR C 341 -18.78 8.08 33.61
CA THR C 341 -19.83 8.45 34.56
C THR C 341 -21.07 9.01 33.89
N THR C 342 -21.13 9.02 32.56
CA THR C 342 -22.26 9.54 31.83
C THR C 342 -22.71 8.53 30.78
N HIS C 343 -23.97 8.65 30.38
CA HIS C 343 -24.55 7.78 29.35
C HIS C 343 -24.15 8.33 27.99
N SER C 344 -23.03 7.84 27.48
CA SER C 344 -22.48 8.34 26.21
C SER C 344 -23.14 7.63 25.04
N PHE C 345 -23.58 8.41 24.05
CA PHE C 345 -24.17 7.86 22.84
C PHE C 345 -24.23 8.97 21.80
N ASN C 346 -24.61 8.59 20.58
CA ASN C 346 -24.82 9.55 19.50
C ASN C 346 -26.28 9.58 19.11
N CYS C 347 -26.71 10.72 18.56
CA CYS C 347 -28.11 10.93 18.20
C CYS C 347 -28.14 11.77 16.93
N GLY C 348 -28.33 11.11 15.79
CA GLY C 348 -28.38 11.81 14.52
C GLY C 348 -27.09 12.54 14.16
N GLY C 349 -25.94 11.92 14.44
CA GLY C 349 -24.66 12.53 14.18
C GLY C 349 -24.15 13.46 15.25
N GLU C 350 -24.93 13.69 16.31
CA GLU C 350 -24.54 14.55 17.42
C GLU C 350 -24.34 13.69 18.65
N PHE C 351 -23.15 13.78 19.25
CA PHE C 351 -22.82 12.96 20.41
C PHE C 351 -23.31 13.59 21.71
N PHE C 352 -23.72 12.72 22.64
CA PHE C 352 -24.32 13.14 23.89
C PHE C 352 -23.57 12.52 25.05
N TYR C 353 -23.59 13.23 26.19
CA TYR C 353 -23.04 12.72 27.45
C TYR C 353 -24.04 13.11 28.54
N CYS C 354 -24.99 12.21 28.80
CA CYS C 354 -26.11 12.52 29.67
C CYS C 354 -25.82 12.09 31.12
N ASN C 355 -26.25 12.93 32.05
CA ASN C 355 -26.06 12.70 33.48
C ASN C 355 -27.25 11.89 34.00
N THR C 356 -27.00 10.63 34.37
CA THR C 356 -28.06 9.70 34.75
C THR C 356 -28.14 9.50 36.26
N SER C 357 -27.91 10.55 37.05
CA SER C 357 -28.02 10.42 38.50
C SER C 357 -29.47 10.36 38.96
N GLY C 358 -30.42 10.76 38.12
CA GLY C 358 -31.82 10.75 38.49
C GLY C 358 -32.53 9.43 38.36
N LEU C 359 -31.88 8.43 37.74
CA LEU C 359 -32.49 7.12 37.57
C LEU C 359 -32.20 6.20 38.76
N PHE C 360 -30.93 5.99 39.06
CA PHE C 360 -30.51 5.06 40.11
C PHE C 360 -30.47 5.77 41.47
N ASN C 361 -31.65 6.23 41.90
CA ASN C 361 -31.81 6.89 43.19
C ASN C 361 -33.12 6.37 43.79
N SER C 362 -33.04 5.27 44.53
CA SER C 362 -34.19 4.64 45.15
C SER C 362 -33.71 3.49 46.02
N THR C 363 -34.56 3.08 46.96
CA THR C 363 -34.30 1.93 47.81
C THR C 363 -35.54 1.07 47.88
N TRP C 364 -35.33 -0.25 47.94
CA TRP C 364 -36.42 -1.23 47.97
C TRP C 364 -36.21 -2.15 49.16
N ILE C 365 -37.19 -2.20 50.06
CA ILE C 365 -37.13 -3.03 51.26
C ILE C 365 -38.42 -3.82 51.37
N SER C 366 -38.29 -5.14 51.56
CA SER C 366 -39.41 -6.04 51.80
C SER C 366 -40.46 -5.99 50.69
N ASN C 367 -40.09 -5.54 49.51
CA ASN C 367 -41.03 -5.44 48.40
C ASN C 367 -40.34 -5.72 47.06
N SER C 378 -50.26 10.76 35.07
CA SER C 378 -49.12 10.91 35.97
C SER C 378 -47.81 10.76 35.20
N ASN C 379 -47.70 11.47 34.09
CA ASN C 379 -46.49 11.43 33.26
C ASN C 379 -45.47 12.40 33.83
N ASP C 380 -44.73 11.92 34.83
CA ASP C 380 -43.70 12.75 35.45
C ASP C 380 -42.60 13.11 34.46
N SER C 381 -42.18 12.14 33.63
CA SER C 381 -41.21 12.36 32.56
C SER C 381 -39.89 12.91 33.11
N ILE C 382 -39.21 12.03 33.86
CA ILE C 382 -37.91 12.35 34.43
C ILE C 382 -36.97 12.87 33.36
N THR C 383 -36.47 14.09 33.53
CA THR C 383 -35.57 14.72 32.58
C THR C 383 -34.13 14.57 33.05
N LEU C 384 -33.21 14.45 32.10
CA LEU C 384 -31.80 14.26 32.38
C LEU C 384 -30.98 15.32 31.66
N PRO C 385 -30.25 16.18 32.38
CA PRO C 385 -29.36 17.12 31.69
C PRO C 385 -28.30 16.37 30.90
N CYS C 386 -27.98 16.90 29.72
CA CYS C 386 -27.03 16.27 28.82
C CYS C 386 -26.06 17.32 28.27
N ARG C 387 -24.90 16.85 27.84
CA ARG C 387 -23.87 17.71 27.28
C ARG C 387 -23.46 17.19 25.91
N ILE C 388 -22.93 18.10 25.09
CA ILE C 388 -22.50 17.79 23.73
C ILE C 388 -21.02 18.08 23.61
N LYS C 389 -20.27 17.12 23.07
CA LYS C 389 -18.84 17.24 22.88
C LYS C 389 -18.50 17.07 21.41
N GLN C 390 -17.50 17.82 20.94
CA GLN C 390 -17.08 17.78 19.55
C GLN C 390 -15.85 16.90 19.33
N ILE C 391 -14.87 16.97 20.22
CA ILE C 391 -13.65 16.17 20.11
C ILE C 391 -13.76 15.01 21.09
N ILE C 392 -13.77 13.78 20.56
CA ILE C 392 -13.98 12.59 21.37
C ILE C 392 -12.93 11.55 21.01
N ASN C 393 -12.72 10.62 21.95
CA ASN C 393 -11.90 9.43 21.72
C ASN C 393 -12.87 8.25 21.70
N MET C 394 -13.09 7.70 20.50
CA MET C 394 -14.19 6.77 20.30
C MET C 394 -13.99 5.49 21.10
N TRP C 395 -12.84 4.84 20.95
CA TRP C 395 -12.61 3.50 21.48
C TRP C 395 -11.57 3.48 22.59
N GLN C 396 -11.64 4.48 23.48
CA GLN C 396 -10.76 4.60 24.64
C GLN C 396 -9.29 4.69 24.27
N ARG C 397 -8.97 4.89 23.00
CA ARG C 397 -7.59 5.01 22.57
C ARG C 397 -7.03 6.39 22.90
N ILE C 398 -5.72 6.52 22.79
CA ILE C 398 -5.02 7.78 23.03
C ILE C 398 -4.33 8.19 21.73
N GLY C 399 -4.48 9.46 21.36
CA GLY C 399 -3.88 9.96 20.14
C GLY C 399 -4.76 9.89 18.90
N GLN C 400 -6.07 9.72 19.07
CA GLN C 400 -6.99 9.65 17.94
C GLN C 400 -8.16 10.59 18.18
N CYS C 401 -8.73 11.09 17.09
CA CYS C 401 -9.87 11.99 17.13
C CYS C 401 -10.99 11.51 16.19
N MET C 402 -12.16 12.09 16.42
CA MET C 402 -13.25 12.05 15.45
C MET C 402 -14.08 13.29 15.74
N TYR C 403 -13.76 14.40 15.05
CA TYR C 403 -14.40 15.68 15.30
C TYR C 403 -15.72 15.73 14.53
N ALA C 404 -16.82 15.64 15.26
CA ALA C 404 -18.13 15.58 14.63
C ALA C 404 -18.54 16.95 14.09
N PRO C 405 -18.82 17.10 12.81
CA PRO C 405 -19.30 18.38 12.30
C PRO C 405 -20.68 18.68 12.87
N PRO C 406 -21.02 19.95 13.03
CA PRO C 406 -22.36 20.30 13.50
C PRO C 406 -23.43 19.95 12.48
N ILE C 407 -24.65 19.74 12.99
CA ILE C 407 -25.78 19.31 12.17
C ILE C 407 -26.81 20.43 12.17
N GLN C 408 -27.33 20.75 10.99
CA GLN C 408 -28.34 21.80 10.85
C GLN C 408 -29.63 21.43 11.57
N GLY C 409 -30.33 22.44 12.06
CA GLY C 409 -31.64 22.27 12.65
C GLY C 409 -31.58 21.75 14.07
N VAL C 410 -32.71 21.18 14.49
CA VAL C 410 -32.85 20.59 15.82
C VAL C 410 -32.85 19.07 15.66
N ILE C 411 -32.23 18.38 16.61
CA ILE C 411 -32.07 16.94 16.55
C ILE C 411 -33.07 16.32 17.51
N ARG C 412 -33.84 15.34 17.02
CA ARG C 412 -34.83 14.64 17.84
C ARG C 412 -34.79 13.17 17.44
N CYS C 413 -34.26 12.33 18.33
CA CYS C 413 -34.21 10.89 18.12
C CYS C 413 -34.92 10.19 19.27
N VAL C 414 -35.70 9.15 18.93
CA VAL C 414 -36.46 8.38 19.90
C VAL C 414 -35.90 6.96 19.92
N SER C 415 -35.51 6.49 21.10
CA SER C 415 -34.93 5.17 21.25
C SER C 415 -35.54 4.49 22.46
N ASN C 416 -35.36 3.18 22.52
CA ASN C 416 -35.91 2.35 23.59
C ASN C 416 -34.81 1.52 24.24
N ILE C 417 -34.80 1.52 25.57
CA ILE C 417 -33.74 0.86 26.35
C ILE C 417 -34.06 -0.61 26.46
N THR C 418 -33.06 -1.46 26.18
CA THR C 418 -33.24 -2.91 26.21
C THR C 418 -32.28 -3.60 27.17
N GLY C 419 -31.73 -2.88 28.14
CA GLY C 419 -30.86 -3.52 29.11
C GLY C 419 -30.11 -2.52 29.95
N LEU C 420 -29.41 -3.05 30.94
CA LEU C 420 -28.60 -2.27 31.86
C LEU C 420 -27.28 -2.98 32.09
N ILE C 421 -26.28 -2.20 32.51
CA ILE C 421 -25.00 -2.74 32.98
C ILE C 421 -24.76 -2.17 34.37
N LEU C 422 -24.56 -3.05 35.35
CA LEU C 422 -24.44 -2.65 36.74
C LEU C 422 -23.22 -3.30 37.39
N THR C 423 -22.72 -2.65 38.43
CA THR C 423 -21.59 -3.15 39.20
C THR C 423 -21.94 -3.11 40.68
N ARG C 424 -21.27 -3.95 41.46
CA ARG C 424 -21.47 -4.04 42.89
C ARG C 424 -20.26 -3.49 43.64
N ASP C 425 -20.46 -3.23 44.93
CA ASP C 425 -19.39 -2.70 45.78
C ASP C 425 -19.72 -3.03 47.23
N GLY C 426 -18.71 -2.90 48.08
CA GLY C 426 -18.88 -3.12 49.50
C GLY C 426 -18.89 -4.58 49.90
N GLY C 427 -19.97 -5.01 50.53
CA GLY C 427 -20.08 -6.39 51.00
C GLY C 427 -19.09 -6.75 52.08
N SER C 428 -18.89 -5.85 53.05
CA SER C 428 -17.94 -6.08 54.15
C SER C 428 -18.63 -6.87 55.26
N THR C 429 -18.96 -8.12 54.94
CA THR C 429 -19.60 -9.08 55.84
C THR C 429 -20.92 -8.57 56.42
N ASN C 430 -21.56 -7.59 55.77
CA ASN C 430 -22.84 -7.06 56.20
C ASN C 430 -23.87 -7.44 55.15
N SER C 431 -24.47 -8.62 55.32
CA SER C 431 -25.43 -9.15 54.36
C SER C 431 -26.85 -8.67 54.70
N THR C 432 -27.02 -7.34 54.64
CA THR C 432 -28.31 -6.73 54.86
C THR C 432 -28.69 -5.68 53.82
N THR C 433 -27.72 -5.06 53.15
CA THR C 433 -27.99 -4.05 52.13
C THR C 433 -27.06 -4.27 50.95
N GLU C 434 -27.59 -4.11 49.75
CA GLU C 434 -26.83 -4.27 48.52
C GLU C 434 -26.97 -2.99 47.69
N THR C 435 -25.83 -2.48 47.21
CA THR C 435 -25.80 -1.27 46.41
C THR C 435 -25.31 -1.60 45.00
N PHE C 436 -26.07 -1.15 44.00
CA PHE C 436 -25.74 -1.36 42.60
C PHE C 436 -25.52 -0.01 41.94
N ARG C 437 -24.43 0.11 41.18
CA ARG C 437 -24.10 1.36 40.51
C ARG C 437 -23.76 1.09 39.05
N PRO C 438 -24.08 2.02 38.16
CA PRO C 438 -23.77 1.81 36.74
C PRO C 438 -22.27 1.87 36.48
N GLY C 439 -21.85 1.19 35.42
CA GLY C 439 -20.47 1.21 35.03
C GLY C 439 -20.18 0.32 33.83
N GLY C 440 -19.41 0.84 32.87
CA GLY C 440 -19.02 0.05 31.71
C GLY C 440 -17.52 -0.03 31.55
N GLY C 441 -16.97 -1.23 31.73
CA GLY C 441 -15.53 -1.40 31.55
C GLY C 441 -15.09 -1.17 30.12
N ASP C 442 -15.82 -1.75 29.17
CA ASP C 442 -15.49 -1.62 27.76
C ASP C 442 -16.71 -2.00 26.94
N MET C 443 -16.63 -1.78 25.64
CA MET C 443 -17.74 -2.10 24.74
C MET C 443 -17.78 -3.58 24.39
N ARG C 444 -16.79 -4.37 24.81
CA ARG C 444 -16.85 -5.81 24.59
C ARG C 444 -18.03 -6.43 25.32
N ASP C 445 -18.29 -5.98 26.55
CA ASP C 445 -19.44 -6.46 27.30
C ASP C 445 -20.75 -5.93 26.73
N ASN C 446 -20.71 -4.83 25.97
CA ASN C 446 -21.93 -4.31 25.35
C ASN C 446 -22.49 -5.29 24.32
N TRP C 447 -21.63 -5.92 23.54
CA TRP C 447 -22.06 -6.84 22.49
C TRP C 447 -22.21 -8.27 22.98
N ARG C 448 -21.89 -8.55 24.25
CA ARG C 448 -22.11 -9.89 24.79
C ARG C 448 -23.59 -10.20 24.89
N SER C 449 -24.43 -9.18 25.12
CA SER C 449 -25.87 -9.40 25.23
C SER C 449 -26.50 -9.84 23.91
N GLU C 450 -25.80 -9.64 22.79
CA GLU C 450 -26.29 -10.08 21.49
C GLU C 450 -25.63 -11.33 20.97
N LEU C 451 -24.44 -11.66 21.47
CA LEU C 451 -23.68 -12.83 21.02
C LEU C 451 -23.65 -13.94 22.07
N TYR C 452 -24.53 -13.88 23.07
CA TYR C 452 -24.53 -14.87 24.14
C TYR C 452 -25.14 -16.19 23.70
N LYS C 453 -25.93 -16.22 22.63
CA LYS C 453 -26.61 -17.42 22.18
C LYS C 453 -25.96 -18.02 20.94
N TYR C 454 -24.78 -17.56 20.55
CA TYR C 454 -24.11 -18.05 19.34
C TYR C 454 -22.72 -18.56 19.67
N LYS C 455 -22.35 -19.68 19.07
CA LYS C 455 -21.01 -20.23 19.19
C LYS C 455 -20.63 -20.88 17.87
N VAL C 456 -19.33 -20.97 17.62
CA VAL C 456 -18.79 -21.46 16.35
C VAL C 456 -18.08 -22.77 16.61
N VAL C 457 -18.42 -23.79 15.81
CA VAL C 457 -17.80 -25.11 15.90
C VAL C 457 -17.37 -25.52 14.50
N LYS C 458 -16.39 -26.44 14.45
CA LYS C 458 -15.86 -26.95 13.20
C LYS C 458 -16.28 -28.42 13.02
N ILE C 459 -16.62 -28.77 11.79
CA ILE C 459 -17.09 -30.12 11.49
C ILE C 459 -15.89 -31.04 11.28
N GLU C 460 -16.02 -32.29 11.74
CA GLU C 460 -15.00 -33.32 11.57
C GLU C 460 -15.65 -34.52 10.89
N PRO C 461 -15.70 -34.53 9.56
CA PRO C 461 -16.42 -35.61 8.86
C PRO C 461 -15.83 -36.99 9.08
N LEU C 462 -14.51 -37.09 9.24
CA LEU C 462 -13.87 -38.40 9.35
C LEU C 462 -14.26 -39.10 10.65
N GLY C 463 -14.48 -40.41 10.56
CA GLY C 463 -14.83 -41.20 11.73
C GLY C 463 -14.60 -42.67 11.46
N VAL C 464 -14.38 -43.42 12.55
CA VAL C 464 -14.11 -44.85 12.48
C VAL C 464 -15.08 -45.58 13.39
N ALA C 465 -15.59 -46.71 12.92
CA ALA C 465 -16.55 -47.53 13.66
C ALA C 465 -16.26 -48.99 13.36
N PRO C 466 -16.62 -49.90 14.27
CA PRO C 466 -16.43 -51.33 14.01
C PRO C 466 -17.64 -51.97 13.32
N THR C 467 -17.34 -52.79 12.31
CA THR C 467 -18.39 -53.48 11.56
C THR C 467 -17.80 -54.77 11.00
N ARG C 468 -18.65 -55.80 10.88
CA ARG C 468 -18.23 -57.11 10.37
C ARG C 468 -18.25 -57.07 8.85
N CYS C 469 -17.14 -56.61 8.28
CA CYS C 469 -17.00 -56.48 6.82
C CYS C 469 -15.52 -56.39 6.46
N LYS C 470 -15.22 -56.83 5.23
CA LYS C 470 -13.86 -57.03 4.75
C LYS C 470 -13.71 -56.43 3.36
N ARG C 471 -12.52 -56.60 2.80
CA ARG C 471 -12.22 -56.18 1.44
C ARG C 471 -12.00 -57.41 0.57
N ARG C 472 -12.68 -57.47 -0.57
CA ARG C 472 -12.48 -58.56 -1.50
C ARG C 472 -11.12 -58.43 -2.19
N VAL C 473 -10.39 -59.53 -2.25
CA VAL C 473 -9.07 -59.55 -2.86
C VAL C 473 -9.13 -60.19 -4.23
N VAL D 7 -6.23 -36.69 -35.91
CA VAL D 7 -5.74 -35.32 -35.88
C VAL D 7 -6.02 -34.67 -34.53
N PHE D 8 -5.63 -33.41 -34.39
CA PHE D 8 -5.83 -32.66 -33.16
C PHE D 8 -6.79 -31.51 -33.42
N LEU D 9 -7.81 -31.40 -32.57
CA LEU D 9 -8.81 -30.35 -32.70
C LEU D 9 -8.61 -29.20 -31.74
N GLY D 10 -7.90 -29.41 -30.63
CA GLY D 10 -7.65 -28.36 -29.66
C GLY D 10 -8.77 -28.24 -28.64
N PHE D 11 -8.57 -27.29 -27.73
CA PHE D 11 -9.56 -27.02 -26.69
C PHE D 11 -10.86 -26.54 -27.32
N LEU D 12 -11.98 -27.13 -26.89
CA LEU D 12 -13.29 -26.85 -27.45
C LEU D 12 -13.35 -27.10 -28.96
N GLY D 13 -12.50 -27.99 -29.45
CA GLY D 13 -12.46 -28.27 -30.87
C GLY D 13 -13.73 -28.92 -31.38
N ALA D 14 -14.28 -29.86 -30.61
CA ALA D 14 -15.49 -30.58 -30.97
C ALA D 14 -16.76 -29.88 -30.48
N ALA D 15 -16.70 -28.56 -30.28
CA ALA D 15 -17.87 -27.84 -29.79
C ALA D 15 -19.03 -27.93 -30.76
N GLY D 16 -18.77 -27.74 -32.05
CA GLY D 16 -19.78 -27.87 -33.07
C GLY D 16 -20.02 -29.28 -33.57
N SER D 17 -19.21 -30.23 -33.12
CA SER D 17 -19.36 -31.61 -33.57
C SER D 17 -20.50 -32.29 -32.82
N THR D 18 -20.88 -33.48 -33.30
CA THR D 18 -22.02 -34.20 -32.75
C THR D 18 -21.71 -34.70 -31.34
N MET D 19 -22.78 -35.09 -30.65
CA MET D 19 -22.64 -35.58 -29.27
C MET D 19 -21.80 -36.84 -29.21
N GLY D 20 -22.02 -37.78 -30.15
CA GLY D 20 -21.24 -38.99 -30.15
C GLY D 20 -19.78 -38.76 -30.46
N ALA D 21 -19.49 -37.89 -31.44
CA ALA D 21 -18.11 -37.59 -31.79
C ALA D 21 -17.40 -36.84 -30.67
N ALA D 22 -18.12 -35.93 -30.00
CA ALA D 22 -17.54 -35.17 -28.90
C ALA D 22 -17.19 -36.05 -27.70
N SER D 23 -17.85 -37.22 -27.57
CA SER D 23 -17.54 -38.12 -26.48
C SER D 23 -16.14 -38.71 -26.58
N MET D 24 -15.57 -38.78 -27.78
CA MET D 24 -14.23 -39.33 -27.97
C MET D 24 -13.13 -38.32 -27.69
N THR D 25 -13.46 -37.06 -27.42
CA THR D 25 -12.47 -36.02 -27.19
C THR D 25 -12.77 -35.27 -25.89
N LEU D 26 -13.34 -35.96 -24.90
CA LEU D 26 -13.66 -35.32 -23.64
C LEU D 26 -12.43 -35.04 -22.80
N THR D 27 -11.34 -35.77 -23.03
CA THR D 27 -10.15 -35.64 -22.20
C THR D 27 -9.45 -34.31 -22.41
N VAL D 28 -9.48 -33.77 -23.64
CA VAL D 28 -8.74 -32.54 -23.94
C VAL D 28 -9.30 -31.36 -23.16
N GLN D 29 -10.62 -31.33 -22.93
CA GLN D 29 -11.19 -30.24 -22.15
C GLN D 29 -10.85 -30.37 -20.66
N ALA D 30 -10.69 -31.60 -20.17
CA ALA D 30 -10.44 -31.80 -18.75
C ALA D 30 -9.11 -31.19 -18.31
N ARG D 31 -8.12 -31.15 -19.19
CA ARG D 31 -6.83 -30.59 -18.83
C ARG D 31 -6.92 -29.08 -18.61
N ASN D 32 -7.85 -28.40 -19.28
CA ASN D 32 -7.94 -26.95 -19.19
C ASN D 32 -8.74 -26.47 -17.98
N LEU D 33 -9.32 -27.39 -17.20
CA LEU D 33 -10.07 -26.98 -16.02
C LEU D 33 -9.18 -26.30 -14.99
N LEU D 34 -7.96 -26.80 -14.79
CA LEU D 34 -7.01 -26.22 -13.84
C LEU D 34 -5.71 -25.96 -14.60
N SER D 35 -5.45 -24.70 -14.93
CA SER D 35 -4.27 -24.35 -15.71
C SER D 35 -3.01 -24.45 -14.84
N GLY D 36 -1.88 -24.61 -15.51
CA GLY D 36 -0.60 -24.73 -14.84
C GLY D 36 0.34 -25.70 -15.53
N THR D 58 0.57 -4.03 -7.95
CA THR D 58 -0.42 -4.45 -6.97
C THR D 58 -1.77 -4.68 -7.63
N VAL D 59 -2.06 -3.88 -8.67
CA VAL D 59 -3.32 -4.03 -9.40
C VAL D 59 -3.35 -5.39 -10.11
N TRP D 60 -2.20 -5.86 -10.60
CA TRP D 60 -2.07 -7.19 -11.15
C TRP D 60 -1.61 -8.21 -10.11
N GLY D 61 -1.77 -7.88 -8.83
CA GLY D 61 -1.33 -8.74 -7.75
C GLY D 61 -2.47 -9.50 -7.10
N ILE D 62 -2.98 -8.97 -5.99
CA ILE D 62 -4.09 -9.60 -5.27
C ILE D 62 -5.26 -9.88 -6.19
N LYS D 63 -5.50 -9.00 -7.17
CA LYS D 63 -6.55 -9.25 -8.15
C LYS D 63 -6.30 -10.53 -8.93
N GLN D 64 -5.04 -10.77 -9.32
CA GLN D 64 -4.69 -12.01 -10.00
C GLN D 64 -4.79 -13.22 -9.08
N LEU D 65 -4.65 -13.03 -7.76
CA LEU D 65 -4.68 -14.16 -6.85
C LEU D 65 -6.05 -14.82 -6.80
N GLN D 66 -7.12 -14.02 -6.88
CA GLN D 66 -8.47 -14.59 -6.86
C GLN D 66 -8.74 -15.45 -8.08
N ALA D 67 -8.04 -15.21 -9.20
CA ALA D 67 -8.20 -16.07 -10.37
C ALA D 67 -7.75 -17.50 -10.07
N ARG D 68 -6.63 -17.65 -9.37
CA ARG D 68 -6.15 -18.98 -9.03
C ARG D 68 -7.09 -19.67 -8.02
N VAL D 69 -7.59 -18.92 -7.05
CA VAL D 69 -8.46 -19.51 -6.04
C VAL D 69 -9.79 -19.91 -6.65
N LEU D 70 -10.36 -19.06 -7.51
CA LEU D 70 -11.64 -19.37 -8.13
C LEU D 70 -11.55 -20.61 -9.01
N ALA D 71 -10.45 -20.74 -9.76
CA ALA D 71 -10.27 -21.92 -10.60
C ALA D 71 -10.14 -23.19 -9.76
N VAL D 72 -9.40 -23.10 -8.65
CA VAL D 72 -9.17 -24.27 -7.81
C VAL D 72 -10.47 -24.73 -7.16
N GLU D 73 -11.24 -23.79 -6.60
CA GLU D 73 -12.47 -24.17 -5.90
C GLU D 73 -13.53 -24.66 -6.87
N ARG D 74 -13.56 -24.13 -8.09
CA ARG D 74 -14.53 -24.60 -9.09
C ARG D 74 -14.24 -26.05 -9.48
N TYR D 75 -12.96 -26.40 -9.63
CA TYR D 75 -12.60 -27.77 -9.99
C TYR D 75 -13.01 -28.75 -8.89
N LEU D 76 -12.79 -28.37 -7.63
CA LEU D 76 -13.15 -29.26 -6.51
C LEU D 76 -14.65 -29.46 -6.43
N ARG D 77 -15.43 -28.40 -6.70
CA ARG D 77 -16.89 -28.54 -6.66
C ARG D 77 -17.38 -29.51 -7.72
N ASP D 78 -16.81 -29.44 -8.92
CA ASP D 78 -17.19 -30.37 -9.99
C ASP D 78 -16.66 -31.77 -9.75
N GLN D 79 -15.64 -31.92 -8.91
CA GLN D 79 -15.05 -33.23 -8.64
C GLN D 79 -15.76 -33.95 -7.50
N GLN D 80 -16.01 -33.25 -6.39
CA GLN D 80 -16.70 -33.87 -5.27
C GLN D 80 -18.15 -34.19 -5.62
N LEU D 81 -18.79 -33.36 -6.45
CA LEU D 81 -20.15 -33.65 -6.88
C LEU D 81 -20.20 -34.91 -7.71
N LEU D 82 -19.22 -35.10 -8.60
CA LEU D 82 -19.14 -36.33 -9.38
C LEU D 82 -18.66 -37.50 -8.56
N GLY D 83 -17.86 -37.24 -7.52
CA GLY D 83 -17.35 -38.32 -6.70
C GLY D 83 -18.44 -39.02 -5.89
N ILE D 84 -19.39 -38.26 -5.35
CA ILE D 84 -20.46 -38.84 -4.53
C ILE D 84 -21.49 -39.58 -5.36
N TRP D 85 -21.38 -39.57 -6.70
CA TRP D 85 -22.25 -40.35 -7.56
C TRP D 85 -21.68 -41.72 -7.87
N GLY D 86 -20.51 -42.06 -7.32
CA GLY D 86 -19.83 -43.29 -7.63
C GLY D 86 -18.91 -43.23 -8.82
N CYS D 87 -18.91 -42.12 -9.55
CA CYS D 87 -18.08 -41.97 -10.74
C CYS D 87 -16.82 -41.18 -10.36
N SER D 88 -15.95 -41.84 -9.59
CA SER D 88 -14.86 -41.15 -8.92
C SER D 88 -13.85 -40.59 -9.91
N GLY D 89 -13.37 -41.42 -10.84
CA GLY D 89 -12.33 -40.98 -11.74
C GLY D 89 -12.51 -41.44 -13.17
N LYS D 90 -13.76 -41.60 -13.60
CA LYS D 90 -14.08 -42.08 -14.94
C LYS D 90 -14.67 -40.93 -15.77
N LEU D 91 -14.08 -40.71 -16.94
CA LEU D 91 -14.62 -39.68 -17.83
C LEU D 91 -16.01 -40.05 -18.34
N ILE D 92 -16.21 -41.33 -18.66
CA ILE D 92 -17.51 -41.86 -19.08
C ILE D 92 -17.97 -42.85 -18.02
N CYS D 93 -19.19 -42.65 -17.53
CA CYS D 93 -19.67 -43.42 -16.40
C CYS D 93 -21.19 -43.39 -16.38
N CYS D 94 -21.80 -44.54 -16.08
CA CYS D 94 -23.25 -44.68 -16.08
C CYS D 94 -23.73 -45.03 -14.68
N THR D 95 -24.92 -44.52 -14.33
CA THR D 95 -25.52 -44.76 -13.02
C THR D 95 -26.73 -45.69 -13.16
N ASN D 96 -27.18 -46.19 -12.02
CA ASN D 96 -28.30 -47.13 -11.98
C ASN D 96 -29.62 -46.41 -11.69
N VAL D 97 -29.99 -45.52 -12.61
CA VAL D 97 -31.27 -44.81 -12.52
C VAL D 97 -31.93 -44.77 -13.88
N PRO D 98 -33.26 -44.83 -13.91
CA PRO D 98 -33.97 -44.80 -15.19
C PRO D 98 -34.04 -43.39 -15.76
N TRP D 99 -34.31 -43.33 -17.06
CA TRP D 99 -34.50 -42.08 -17.78
C TRP D 99 -35.99 -41.86 -17.99
N ASN D 100 -36.54 -40.83 -17.34
CA ASN D 100 -37.96 -40.55 -17.45
C ASN D 100 -38.33 -40.12 -18.86
N SER D 101 -39.44 -40.65 -19.37
CA SER D 101 -39.89 -40.31 -20.71
C SER D 101 -40.39 -38.88 -20.81
N SER D 102 -40.75 -38.25 -19.69
CA SER D 102 -41.21 -36.87 -19.72
C SER D 102 -40.09 -35.92 -20.08
N TRP D 103 -38.85 -36.21 -19.65
CA TRP D 103 -37.73 -35.32 -19.93
C TRP D 103 -37.46 -35.21 -21.43
N SER D 104 -37.50 -36.34 -22.13
CA SER D 104 -37.25 -36.34 -23.57
C SER D 104 -37.89 -37.56 -24.19
N ASN D 105 -38.22 -37.45 -25.49
CA ASN D 105 -38.80 -38.55 -26.24
C ASN D 105 -38.19 -38.64 -27.64
N ARG D 106 -36.94 -38.23 -27.79
CA ARG D 106 -36.29 -38.22 -29.09
C ARG D 106 -35.54 -39.53 -29.32
N ASN D 107 -35.36 -39.87 -30.60
CA ASN D 107 -34.60 -41.06 -30.96
C ASN D 107 -33.15 -40.91 -30.50
N LEU D 108 -32.55 -42.04 -30.10
CA LEU D 108 -31.15 -42.01 -29.69
C LEU D 108 -30.23 -41.73 -30.87
N SER D 109 -30.63 -42.10 -32.08
CA SER D 109 -29.80 -41.84 -33.25
C SER D 109 -29.62 -40.34 -33.47
N GLU D 110 -30.69 -39.57 -33.34
CA GLU D 110 -30.60 -38.13 -33.52
C GLU D 110 -29.79 -37.47 -32.40
N ILE D 111 -29.87 -38.02 -31.19
CA ILE D 111 -29.18 -37.42 -30.05
C ILE D 111 -27.66 -37.50 -30.24
N TRP D 112 -27.17 -38.66 -30.68
CA TRP D 112 -25.73 -38.87 -30.76
C TRP D 112 -25.15 -38.53 -32.13
N ASP D 113 -25.90 -38.77 -33.21
CA ASP D 113 -25.37 -38.56 -34.56
C ASP D 113 -25.76 -37.22 -35.16
N ASN D 114 -26.79 -36.55 -34.64
CA ASN D 114 -27.23 -35.28 -35.18
C ASN D 114 -27.09 -34.14 -34.19
N MET D 115 -27.62 -34.28 -32.98
CA MET D 115 -27.58 -33.20 -32.01
C MET D 115 -26.18 -33.02 -31.45
N THR D 116 -25.90 -31.80 -30.98
CA THR D 116 -24.65 -31.46 -30.32
C THR D 116 -24.91 -31.14 -28.86
N TRP D 117 -23.83 -31.04 -28.09
CA TRP D 117 -23.95 -30.81 -26.65
C TRP D 117 -24.43 -29.41 -26.31
N LEU D 118 -24.32 -28.45 -27.25
CA LEU D 118 -24.71 -27.08 -26.96
C LEU D 118 -26.20 -26.96 -26.71
N GLN D 119 -27.03 -27.49 -27.62
CA GLN D 119 -28.47 -27.39 -27.45
C GLN D 119 -29.04 -28.47 -26.55
N TRP D 120 -28.26 -29.52 -26.25
CA TRP D 120 -28.75 -30.55 -25.34
C TRP D 120 -28.90 -30.01 -23.92
N ASP D 121 -28.04 -29.07 -23.52
CA ASP D 121 -28.14 -28.48 -22.19
C ASP D 121 -29.47 -27.74 -22.04
N LYS D 122 -29.88 -27.01 -23.09
CA LYS D 122 -31.08 -26.19 -22.99
C LYS D 122 -32.33 -27.04 -22.74
N GLU D 123 -32.42 -28.20 -23.41
CA GLU D 123 -33.61 -29.03 -23.25
C GLU D 123 -33.74 -29.58 -21.83
N ILE D 124 -32.62 -29.96 -21.21
CA ILE D 124 -32.64 -30.56 -19.89
C ILE D 124 -32.12 -29.60 -18.83
N SER D 125 -32.10 -28.30 -19.12
CA SER D 125 -31.63 -27.33 -18.13
C SER D 125 -32.54 -27.28 -16.91
N ASN D 126 -33.86 -27.31 -17.14
CA ASN D 126 -34.81 -27.23 -16.03
C ASN D 126 -34.71 -28.45 -15.12
N TYR D 127 -34.51 -29.62 -15.69
CA TYR D 127 -34.47 -30.87 -14.93
C TYR D 127 -33.08 -31.24 -14.46
N THR D 128 -32.09 -30.37 -14.66
CA THR D 128 -30.72 -30.68 -14.24
C THR D 128 -30.64 -30.84 -12.72
N GLN D 129 -31.32 -29.96 -11.98
CA GLN D 129 -31.19 -29.96 -10.52
C GLN D 129 -31.73 -31.25 -9.91
N ILE D 130 -32.87 -31.74 -10.39
CA ILE D 130 -33.50 -32.90 -9.77
C ILE D 130 -32.68 -34.16 -10.03
N ILE D 131 -32.15 -34.32 -11.24
CA ILE D 131 -31.41 -35.53 -11.58
C ILE D 131 -30.16 -35.66 -10.73
N TYR D 132 -29.53 -34.54 -10.40
CA TYR D 132 -28.35 -34.58 -9.53
C TYR D 132 -28.68 -35.19 -8.17
N GLY D 133 -29.89 -34.91 -7.66
CA GLY D 133 -30.29 -35.47 -6.38
C GLY D 133 -30.49 -36.97 -6.42
N LEU D 134 -31.08 -37.47 -7.51
CA LEU D 134 -31.31 -38.92 -7.62
C LEU D 134 -30.00 -39.69 -7.64
N LEU D 135 -28.98 -39.16 -8.31
CA LEU D 135 -27.67 -39.82 -8.30
C LEU D 135 -27.07 -39.84 -6.91
N GLU D 136 -27.36 -38.82 -6.10
CA GLU D 136 -26.79 -38.77 -4.75
C GLU D 136 -27.32 -39.90 -3.88
N GLU D 137 -28.63 -40.14 -3.92
CA GLU D 137 -29.22 -41.19 -3.10
C GLU D 137 -28.96 -42.58 -3.66
N SER D 138 -28.84 -42.71 -4.99
CA SER D 138 -28.59 -44.01 -5.59
C SER D 138 -27.24 -44.58 -5.17
N GLN D 139 -26.21 -43.72 -5.13
CA GLN D 139 -24.89 -44.19 -4.71
C GLN D 139 -24.86 -44.53 -3.23
N ASN D 140 -25.61 -43.78 -2.41
CA ASN D 140 -25.65 -44.07 -0.98
C ASN D 140 -26.29 -45.43 -0.72
N GLN D 141 -27.33 -45.79 -1.49
CA GLN D 141 -27.95 -47.10 -1.33
C GLN D 141 -26.98 -48.22 -1.69
N GLN D 142 -26.13 -48.00 -2.70
CA GLN D 142 -25.17 -49.02 -3.09
C GLN D 142 -24.17 -49.30 -1.99
N GLU D 143 -23.70 -48.26 -1.29
CA GLU D 143 -22.70 -48.45 -0.25
C GLU D 143 -23.23 -49.29 0.90
N LYS D 144 -24.46 -49.01 1.34
CA LYS D 144 -25.03 -49.77 2.46
C LYS D 144 -25.29 -51.21 2.06
N ASN D 145 -25.80 -51.44 0.84
CA ASN D 145 -26.10 -52.80 0.40
C ASN D 145 -24.82 -53.63 0.27
N GLU D 146 -23.73 -53.02 -0.19
CA GLU D 146 -22.49 -53.76 -0.39
C GLU D 146 -21.96 -54.31 0.92
N GLN D 147 -22.00 -53.52 1.99
CA GLN D 147 -21.48 -53.97 3.28
C GLN D 147 -22.25 -55.18 3.80
N ASP D 148 -23.59 -55.14 3.70
CA ASP D 148 -24.39 -56.24 4.20
C ASP D 148 -24.24 -57.50 3.36
N LEU D 149 -24.04 -57.34 2.05
CA LEU D 149 -23.98 -58.50 1.16
C LEU D 149 -22.72 -59.33 1.42
N LEU D 150 -21.57 -58.66 1.58
CA LEU D 150 -20.32 -59.37 1.76
C LEU D 150 -20.05 -59.79 3.20
N ALA D 151 -20.93 -59.41 4.13
CA ALA D 151 -20.73 -59.79 5.53
C ALA D 151 -20.80 -61.31 5.70
N LEU D 152 -21.76 -61.95 5.05
CA LEU D 152 -21.90 -63.40 5.15
C LEU D 152 -22.21 -64.08 3.82
N ASP D 153 -22.22 -63.35 2.71
CA ASP D 153 -22.51 -63.94 1.41
C ASP D 153 -21.68 -63.28 0.31
N ASN E 3 6.42 -57.46 -23.54
CA ASN E 3 6.95 -58.03 -22.30
C ASN E 3 6.90 -57.02 -21.17
N LEU E 4 7.68 -55.95 -21.29
CA LEU E 4 7.73 -54.90 -20.29
C LEU E 4 6.60 -53.90 -20.50
N TRP E 5 6.05 -53.40 -19.40
CA TRP E 5 5.00 -52.40 -19.43
C TRP E 5 5.34 -51.28 -18.45
N VAL E 6 4.97 -50.05 -18.80
CA VAL E 6 5.29 -48.91 -17.96
C VAL E 6 4.41 -48.92 -16.73
N THR E 7 4.96 -48.40 -15.63
CA THR E 7 4.23 -48.26 -14.38
C THR E 7 4.48 -46.87 -13.81
N VAL E 8 3.48 -46.32 -13.13
CA VAL E 8 3.55 -44.99 -12.55
C VAL E 8 3.56 -45.12 -11.03
N TYR E 9 4.52 -44.46 -10.39
CA TYR E 9 4.64 -44.43 -8.95
C TYR E 9 4.46 -43.01 -8.46
N TYR E 10 3.58 -42.82 -7.47
CA TYR E 10 3.27 -41.51 -6.92
C TYR E 10 3.93 -41.38 -5.56
N GLY E 11 4.96 -40.55 -5.47
CA GLY E 11 5.64 -40.33 -4.21
C GLY E 11 7.03 -40.92 -4.15
N VAL E 12 7.76 -40.88 -5.27
CA VAL E 12 9.14 -41.35 -5.32
C VAL E 12 10.06 -40.24 -4.83
N PRO E 13 11.23 -40.56 -4.26
CA PRO E 13 12.16 -39.50 -3.81
C PRO E 13 13.02 -38.92 -4.93
N VAL E 14 12.41 -38.01 -5.69
CA VAL E 14 13.10 -37.29 -6.76
C VAL E 14 12.86 -35.80 -6.57
N TRP E 15 13.93 -35.01 -6.69
CA TRP E 15 13.84 -33.57 -6.51
C TRP E 15 14.57 -32.87 -7.66
N LYS E 16 14.16 -31.63 -7.93
CA LYS E 16 14.78 -30.81 -8.95
C LYS E 16 14.95 -29.39 -8.42
N ASP E 17 15.91 -28.67 -8.98
CA ASP E 17 16.19 -27.31 -8.55
C ASP E 17 15.02 -26.38 -8.90
N ALA E 18 14.68 -25.50 -7.97
CA ALA E 18 13.61 -24.54 -8.18
C ALA E 18 13.77 -23.40 -7.18
N GLU E 19 13.02 -22.32 -7.42
CA GLU E 19 13.05 -21.14 -6.58
C GLU E 19 11.64 -20.85 -6.06
N THR E 20 11.56 -20.51 -4.78
CA THR E 20 10.27 -20.23 -4.15
C THR E 20 10.49 -19.32 -2.97
N THR E 21 9.39 -18.74 -2.49
CA THR E 21 9.42 -17.83 -1.35
C THR E 21 9.25 -18.61 -0.06
N LEU E 22 10.15 -18.37 0.89
CA LEU E 22 10.13 -19.04 2.18
C LEU E 22 9.55 -18.11 3.25
N PHE E 23 8.68 -18.65 4.08
CA PHE E 23 8.03 -17.85 5.11
C PHE E 23 8.89 -17.77 6.38
N CYS E 24 8.48 -16.87 7.27
CA CYS E 24 9.22 -16.58 8.49
C CYS E 24 8.96 -17.63 9.56
N ALA E 25 9.82 -17.62 10.58
CA ALA E 25 9.67 -18.47 11.75
C ALA E 25 10.50 -17.89 12.88
N SER E 26 9.97 -17.97 14.10
CA SER E 26 10.66 -17.44 15.27
C SER E 26 10.56 -18.43 16.41
N ASP E 27 11.54 -18.38 17.31
CA ASP E 27 11.55 -19.26 18.46
C ASP E 27 10.51 -18.82 19.50
N ALA E 28 10.15 -19.75 20.38
CA ALA E 28 9.15 -19.47 21.40
C ALA E 28 9.61 -18.37 22.35
N LYS E 29 10.89 -18.40 22.75
CA LYS E 29 11.40 -17.39 23.67
C LYS E 29 11.37 -16.01 23.04
N ALA E 30 11.75 -15.90 21.77
CA ALA E 30 11.74 -14.62 21.09
C ALA E 30 10.34 -14.15 20.73
N TYR E 31 9.36 -15.05 20.64
CA TYR E 31 8.00 -14.70 20.29
C TYR E 31 7.16 -14.28 21.48
N GLU E 32 7.68 -14.41 22.70
CA GLU E 32 6.95 -14.04 23.91
C GLU E 32 7.58 -12.84 24.62
N THR E 33 8.43 -12.09 23.92
CA THR E 33 9.05 -10.91 24.53
C THR E 33 8.03 -9.80 24.77
N GLU E 34 6.97 -9.76 23.97
CA GLU E 34 5.91 -8.75 24.10
C GLU E 34 6.45 -7.33 23.93
N LYS E 35 7.51 -7.19 23.15
CA LYS E 35 8.13 -5.89 22.88
C LYS E 35 8.31 -5.73 21.38
N HIS E 36 8.06 -4.53 20.88
CA HIS E 36 8.20 -4.25 19.46
C HIS E 36 9.66 -4.24 19.04
N ASN E 37 9.89 -4.54 17.76
CA ASN E 37 11.24 -4.60 17.22
C ASN E 37 11.16 -4.38 15.71
N VAL E 38 12.33 -4.11 15.11
CA VAL E 38 12.38 -3.83 13.68
C VAL E 38 11.93 -5.06 12.89
N TRP E 39 12.47 -6.23 13.22
CA TRP E 39 12.05 -7.48 12.59
C TRP E 39 10.85 -8.01 13.36
N ALA E 40 9.67 -7.87 12.77
CA ALA E 40 8.42 -8.18 13.46
C ALA E 40 8.39 -9.63 13.94
N THR E 41 8.32 -9.80 15.26
CA THR E 41 8.19 -11.13 15.82
C THR E 41 6.84 -11.75 15.48
N HIS E 42 5.81 -10.93 15.29
CA HIS E 42 4.51 -11.42 14.89
C HIS E 42 4.53 -11.78 13.40
N ALA E 43 3.46 -12.47 12.98
CA ALA E 43 3.29 -12.98 11.63
C ALA E 43 4.35 -14.01 11.25
N CYS E 44 5.17 -14.45 12.20
CA CYS E 44 6.14 -15.51 11.99
C CYS E 44 5.62 -16.76 12.69
N VAL E 45 5.40 -17.83 11.93
CA VAL E 45 4.82 -19.04 12.51
C VAL E 45 5.83 -19.67 13.47
N PRO E 46 5.42 -20.04 14.69
CA PRO E 46 6.35 -20.69 15.62
C PRO E 46 6.81 -22.04 15.11
N THR E 47 8.03 -22.39 15.47
CA THR E 47 8.64 -23.66 15.08
C THR E 47 8.69 -24.60 16.27
N ASP E 48 8.44 -25.88 16.01
CA ASP E 48 8.47 -26.87 17.07
C ASP E 48 9.89 -27.08 17.56
N PRO E 49 10.07 -27.42 18.84
CA PRO E 49 11.41 -27.67 19.38
C PRO E 49 12.00 -28.94 18.80
N ASN E 50 13.33 -29.07 18.96
CA ASN E 50 14.16 -30.15 18.46
C ASN E 50 13.75 -30.59 17.06
N PRO E 51 13.98 -29.75 16.05
CA PRO E 51 13.60 -30.13 14.68
C PRO E 51 14.33 -31.39 14.22
N GLN E 52 13.63 -32.22 13.46
CA GLN E 52 14.17 -33.50 13.03
C GLN E 52 15.14 -33.29 11.87
N GLU E 53 16.34 -33.83 12.01
CA GLU E 53 17.34 -33.85 10.95
C GLU E 53 17.47 -35.28 10.45
N ILE E 54 17.22 -35.49 9.16
CA ILE E 54 17.19 -36.82 8.57
C ILE E 54 18.44 -36.98 7.71
N HIS E 55 19.30 -37.90 8.10
CA HIS E 55 20.50 -38.19 7.31
C HIS E 55 20.12 -38.90 6.02
N LEU E 56 20.78 -38.51 4.93
CA LEU E 56 20.54 -39.09 3.61
C LEU E 56 21.81 -39.83 3.21
N GLU E 57 21.77 -41.16 3.32
CA GLU E 57 22.93 -41.97 2.99
C GLU E 57 23.02 -42.21 1.49
N ASN E 58 24.25 -42.41 1.01
CA ASN E 58 24.53 -42.77 -0.39
C ASN E 58 23.97 -41.74 -1.37
N VAL E 59 24.07 -40.45 -1.04
CA VAL E 59 23.57 -39.39 -1.92
C VAL E 59 24.67 -38.34 -2.08
N THR E 60 24.82 -37.85 -3.31
CA THR E 60 25.69 -36.72 -3.60
C THR E 60 24.86 -35.63 -4.26
N GLU E 61 24.99 -34.40 -3.77
CA GLU E 61 24.18 -33.30 -4.26
C GLU E 61 25.07 -32.09 -4.53
N GLU E 62 24.89 -31.47 -5.70
CA GLU E 62 25.65 -30.29 -6.04
C GLU E 62 25.22 -29.10 -5.19
N PHE E 63 26.18 -28.30 -4.78
CA PHE E 63 25.94 -27.13 -3.94
C PHE E 63 26.64 -25.92 -4.54
N ASN E 64 26.05 -24.76 -4.32
CA ASN E 64 26.63 -23.50 -4.80
C ASN E 64 26.03 -22.36 -3.98
N MET E 65 26.87 -21.66 -3.23
CA MET E 65 26.40 -20.56 -2.39
C MET E 65 26.42 -19.21 -3.10
N TRP E 66 27.26 -19.04 -4.12
CA TRP E 66 27.31 -17.77 -4.82
C TRP E 66 26.06 -17.57 -5.69
N LYS E 67 25.63 -18.62 -6.38
CA LYS E 67 24.42 -18.57 -7.20
C LYS E 67 23.22 -19.10 -6.41
N ASN E 68 22.97 -18.45 -5.28
CA ASN E 68 21.89 -18.83 -4.36
C ASN E 68 20.85 -17.73 -4.33
N ASN E 69 19.58 -18.10 -4.54
CA ASN E 69 18.49 -17.13 -4.49
C ASN E 69 17.99 -16.89 -3.07
N MET E 70 18.38 -17.72 -2.11
CA MET E 70 17.92 -17.51 -0.73
C MET E 70 18.46 -16.20 -0.17
N VAL E 71 19.72 -15.89 -0.44
CA VAL E 71 20.30 -14.63 0.03
C VAL E 71 19.63 -13.44 -0.65
N GLU E 72 19.26 -13.58 -1.93
CA GLU E 72 18.59 -12.49 -2.62
C GLU E 72 17.23 -12.21 -2.01
N GLN E 73 16.46 -13.25 -1.69
CA GLN E 73 15.16 -13.05 -1.05
C GLN E 73 15.32 -12.50 0.36
N MET E 74 16.33 -12.97 1.09
CA MET E 74 16.60 -12.43 2.43
C MET E 74 17.00 -10.97 2.36
N HIS E 75 17.80 -10.60 1.35
CA HIS E 75 18.20 -9.21 1.21
C HIS E 75 16.99 -8.31 0.94
N THR E 76 16.06 -8.76 0.10
CA THR E 76 14.86 -7.98 -0.19
C THR E 76 13.92 -7.95 1.00
N ASP E 77 13.83 -9.05 1.76
CA ASP E 77 12.91 -9.11 2.89
C ASP E 77 13.32 -8.12 3.98
N ILE E 78 14.61 -8.08 4.31
CA ILE E 78 15.07 -7.21 5.39
C ILE E 78 14.87 -5.75 5.03
N ILE E 79 15.06 -5.40 3.75
CA ILE E 79 14.80 -4.04 3.30
C ILE E 79 13.34 -3.69 3.51
N SER E 80 12.43 -4.60 3.16
CA SER E 80 11.01 -4.36 3.39
C SER E 80 10.70 -4.28 4.88
N LEU E 81 11.32 -5.15 5.68
CA LEU E 81 11.11 -5.10 7.13
C LEU E 81 11.62 -3.79 7.72
N TRP E 82 12.77 -3.32 7.26
CA TRP E 82 13.31 -2.05 7.75
C TRP E 82 12.41 -0.88 7.38
N ASP E 83 11.91 -0.87 6.15
CA ASP E 83 11.04 0.23 5.71
C ASP E 83 9.69 0.20 6.41
N GLN E 84 9.18 -0.99 6.75
CA GLN E 84 7.88 -1.08 7.39
C GLN E 84 7.90 -0.47 8.79
N SER E 85 9.01 -0.60 9.51
CA SER E 85 9.09 -0.09 10.87
C SER E 85 9.30 1.42 10.93
N LEU E 86 9.70 2.04 9.83
CA LEU E 86 9.94 3.48 9.80
C LEU E 86 8.75 4.27 9.28
N LYS E 87 7.63 3.62 8.98
CA LYS E 87 6.43 4.31 8.52
C LYS E 87 5.67 4.97 9.68
N PRO E 88 5.33 4.26 10.76
CA PRO E 88 4.59 4.91 11.84
C PRO E 88 5.37 6.00 12.56
N CYS E 89 6.70 6.01 12.44
CA CYS E 89 7.50 7.01 13.12
C CYS E 89 7.24 8.40 12.54
N VAL E 90 7.70 9.42 13.27
CA VAL E 90 7.39 10.81 12.95
C VAL E 90 8.43 11.35 11.98
N LYS E 91 7.97 12.08 10.96
CA LYS E 91 8.87 12.71 10.01
C LYS E 91 9.58 13.88 10.66
N LEU E 92 10.86 14.06 10.32
CA LEU E 92 11.68 15.11 10.90
C LEU E 92 11.89 16.28 9.93
N THR E 93 10.89 16.57 9.11
CA THR E 93 11.01 17.61 8.10
C THR E 93 11.12 19.05 8.64
N PRO E 94 10.57 19.41 9.81
CA PRO E 94 10.73 20.80 10.27
C PRO E 94 12.12 21.13 10.78
N LEU E 95 13.02 20.14 10.88
CA LEU E 95 14.36 20.40 11.41
C LEU E 95 15.29 21.01 10.39
N CYS E 96 14.87 21.13 9.13
CA CYS E 96 15.66 21.81 8.11
C CYS E 96 15.54 23.32 8.32
N VAL E 97 16.26 23.81 9.33
CA VAL E 97 16.28 25.22 9.67
C VAL E 97 17.72 25.64 9.90
N THR E 98 17.94 26.95 9.91
CA THR E 98 19.27 27.49 10.18
C THR E 98 19.69 27.20 11.61
N LEU E 99 20.91 26.71 11.77
CA LEU E 99 21.47 26.38 13.08
C LEU E 99 22.68 27.27 13.35
N GLN E 100 22.71 27.89 14.52
CA GLN E 100 23.87 28.65 14.99
C GLN E 100 24.57 27.78 16.03
N CYS E 101 25.70 27.21 15.65
CA CYS E 101 26.38 26.20 16.46
C CYS E 101 27.71 26.75 16.97
N THR E 102 28.08 26.34 18.17
CA THR E 102 29.36 26.67 18.76
C THR E 102 30.02 25.41 19.30
N ASN E 103 31.35 25.37 19.22
CA ASN E 103 32.08 24.23 19.77
C ASN E 103 31.90 24.16 21.28
N VAL E 104 31.58 22.97 21.77
CA VAL E 104 31.47 22.76 23.21
C VAL E 104 32.84 22.48 23.77
N THR E 105 33.20 23.18 24.85
CA THR E 105 34.53 23.03 25.45
C THR E 105 34.39 23.27 26.96
N ASN E 106 34.23 22.18 27.70
CA ASN E 106 34.27 22.21 29.16
C ASN E 106 35.45 21.41 29.70
N ASN E 107 35.54 20.13 29.36
CA ASN E 107 36.68 19.29 29.68
C ASN E 107 37.02 18.40 28.50
N ILE E 108 37.00 18.97 27.30
CA ILE E 108 37.17 18.18 26.08
C ILE E 108 38.62 17.74 25.96
N THR E 109 38.82 16.45 25.69
CA THR E 109 40.16 15.94 25.43
C THR E 109 40.65 16.41 24.06
N ASP E 110 41.97 16.35 23.88
CA ASP E 110 42.59 16.96 22.71
C ASP E 110 42.16 16.27 21.41
N ASP E 111 42.10 14.93 21.41
CA ASP E 111 41.84 14.22 20.16
C ASP E 111 40.40 14.35 19.70
N MET E 112 39.46 14.54 20.64
CA MET E 112 38.05 14.64 20.30
C MET E 112 37.61 16.09 20.11
N ARG E 113 38.52 17.05 20.26
CA ARG E 113 38.16 18.45 20.10
C ARG E 113 37.57 18.71 18.72
N GLY E 114 36.46 19.45 18.69
CA GLY E 114 35.78 19.78 17.46
C GLY E 114 34.83 18.72 16.94
N GLU E 115 34.65 17.61 17.66
CA GLU E 115 33.74 16.56 17.22
C GLU E 115 32.30 16.79 17.64
N LEU E 116 32.04 17.73 18.54
CA LEU E 116 30.69 17.99 19.03
C LEU E 116 30.39 19.48 18.87
N LYS E 117 29.17 19.78 18.42
CA LYS E 117 28.72 21.15 18.20
C LYS E 117 27.52 21.43 19.10
N ASN E 118 27.56 22.57 19.80
CA ASN E 118 26.46 23.01 20.63
C ASN E 118 25.58 23.92 19.78
N CYS E 119 24.44 23.40 19.34
CA CYS E 119 23.60 24.06 18.35
C CYS E 119 22.29 24.53 18.98
N SER E 120 21.95 25.79 18.76
CA SER E 120 20.70 26.38 19.20
C SER E 120 19.95 26.92 17.99
N PHE E 121 18.66 26.61 17.89
CA PHE E 121 17.89 26.95 16.71
C PHE E 121 16.43 27.14 17.08
N ASN E 122 15.73 27.93 16.27
CA ASN E 122 14.29 28.11 16.43
C ASN E 122 13.55 26.88 15.93
N MET E 123 12.45 26.54 16.62
CA MET E 123 11.63 25.42 16.19
C MET E 123 10.19 25.68 16.59
N THR E 124 9.28 24.95 15.95
CA THR E 124 7.86 25.13 16.18
C THR E 124 7.44 24.41 17.47
N THR E 125 6.15 24.52 17.78
CA THR E 125 5.56 23.88 18.95
C THR E 125 4.23 23.28 18.53
N GLU E 126 3.43 22.85 19.51
CA GLU E 126 2.12 22.30 19.21
C GLU E 126 1.22 23.33 18.54
N LEU E 127 1.27 24.57 19.02
CA LEU E 127 0.52 25.65 18.39
C LEU E 127 1.27 26.14 17.15
N ARG E 128 0.51 26.38 16.07
CA ARG E 128 1.13 26.77 14.81
C ARG E 128 1.54 28.24 14.77
N ASP E 129 1.05 29.05 15.69
CA ASP E 129 1.31 30.49 15.69
C ASP E 129 2.37 30.90 16.70
N LYS E 130 3.12 29.94 17.25
CA LYS E 130 4.14 30.24 18.24
C LYS E 130 5.41 29.46 17.90
N LYS E 131 6.55 30.01 18.32
CA LYS E 131 7.85 29.39 18.10
C LYS E 131 8.61 29.34 19.42
N GLN E 132 9.51 28.37 19.53
CA GLN E 132 10.31 28.17 20.73
C GLN E 132 11.77 28.03 20.36
N LYS E 133 12.64 28.47 21.28
CA LYS E 133 14.08 28.37 21.10
C LYS E 133 14.61 27.19 21.92
N VAL E 134 15.29 26.27 21.24
CA VAL E 134 15.84 25.08 21.87
C VAL E 134 17.28 24.90 21.42
N TYR E 135 18.03 24.12 22.20
CA TYR E 135 19.42 23.83 21.89
C TYR E 135 19.65 22.32 21.98
N SER E 136 20.60 21.83 21.18
CA SER E 136 20.92 20.41 21.14
C SER E 136 22.38 20.25 20.72
N LEU E 137 22.91 19.05 20.97
CA LEU E 137 24.27 18.71 20.60
C LEU E 137 24.25 17.81 19.38
N PHE E 138 25.01 18.20 18.36
CA PHE E 138 25.10 17.44 17.12
C PHE E 138 26.55 17.09 16.83
N TYR E 139 26.78 15.87 16.36
CA TYR E 139 28.12 15.47 15.97
C TYR E 139 28.54 16.21 14.70
N ARG E 140 29.86 16.33 14.51
CA ARG E 140 30.37 17.06 13.36
C ARG E 140 30.02 16.37 12.05
N LEU E 141 29.83 15.06 12.07
CA LEU E 141 29.47 14.31 10.87
C LEU E 141 28.04 14.57 10.42
N ASP E 142 27.22 15.22 11.23
CA ASP E 142 25.82 15.46 10.91
C ASP E 142 25.53 16.91 10.54
N VAL E 143 26.53 17.78 10.53
CA VAL E 143 26.34 19.19 10.22
C VAL E 143 27.38 19.62 9.20
N VAL E 144 26.99 20.56 8.34
CA VAL E 144 27.87 21.10 7.31
C VAL E 144 27.78 22.61 7.32
N GLN E 145 28.82 23.24 6.77
CA GLN E 145 28.87 24.70 6.69
C GLN E 145 27.93 25.22 5.61
N ILE E 146 27.53 26.48 5.76
CA ILE E 146 26.72 27.17 4.76
C ILE E 146 27.56 28.19 3.99
N ASN E 147 28.33 29.01 4.70
CA ASN E 147 29.20 29.98 4.07
C ASN E 147 30.65 29.80 4.50
N ASN E 158 29.81 31.07 16.77
CA ASN E 158 28.45 31.38 16.38
C ASN E 158 28.27 31.30 14.87
N LYS E 159 28.94 30.32 14.26
CA LYS E 159 28.88 30.16 12.82
C LYS E 159 27.55 29.53 12.41
N GLU E 160 27.26 29.62 11.11
CA GLU E 160 26.02 29.10 10.55
C GLU E 160 26.26 27.70 9.99
N TYR E 161 25.42 26.76 10.39
CA TYR E 161 25.50 25.38 9.95
C TYR E 161 24.15 24.91 9.43
N ARG E 162 24.08 23.63 9.06
CA ARG E 162 22.90 23.05 8.44
C ARG E 162 23.03 21.54 8.47
N LEU E 163 21.90 20.86 8.58
CA LEU E 163 21.89 19.40 8.53
C LEU E 163 22.34 18.91 7.16
N ILE E 164 23.07 17.79 7.17
CA ILE E 164 23.63 17.28 5.91
C ILE E 164 22.53 16.75 5.00
N ASN E 165 21.49 16.14 5.58
CA ASN E 165 20.46 15.47 4.79
C ASN E 165 19.41 16.42 4.23
N CYS E 166 19.46 17.71 4.59
CA CYS E 166 18.43 18.64 4.15
C CYS E 166 18.44 18.82 2.63
N ASN E 167 19.64 18.90 2.04
CA ASN E 167 19.78 19.10 0.61
C ASN E 167 19.61 17.84 -0.21
N THR E 168 19.59 16.66 0.42
CA THR E 168 19.33 15.40 -0.28
C THR E 168 17.88 14.95 -0.14
N SER E 169 17.45 14.68 1.09
CA SER E 169 16.07 14.29 1.37
C SER E 169 15.86 14.26 2.87
N ALA E 170 14.68 14.70 3.30
CA ALA E 170 14.31 14.59 4.70
C ALA E 170 13.88 13.16 5.02
N CYS E 171 13.95 12.81 6.30
CA CYS E 171 13.62 11.44 6.71
C CYS E 171 13.23 11.43 8.18
N THR E 172 12.59 10.33 8.57
CA THR E 172 12.03 10.17 9.90
C THR E 172 13.12 9.88 10.92
N GLN E 173 12.70 9.58 12.14
CA GLN E 173 13.60 9.18 13.23
C GLN E 173 13.21 7.78 13.70
N ALA E 174 14.19 7.07 14.25
CA ALA E 174 13.94 5.73 14.78
C ALA E 174 13.02 5.82 16.00
N CYS E 175 11.97 5.01 16.00
CA CYS E 175 11.04 5.01 17.12
C CYS E 175 11.69 4.34 18.32
N PRO E 176 11.68 4.97 19.50
CA PRO E 176 12.32 4.36 20.68
C PRO E 176 11.70 3.03 21.08
N LYS E 177 10.45 2.77 20.74
CA LYS E 177 9.79 1.53 21.16
C LYS E 177 10.39 0.31 20.46
N VAL E 178 10.80 0.45 19.20
CA VAL E 178 11.38 -0.69 18.49
C VAL E 178 12.87 -0.79 18.79
N SER E 179 13.42 -1.98 18.57
CA SER E 179 14.82 -2.27 18.85
C SER E 179 15.48 -2.87 17.63
N PHE E 180 16.77 -2.63 17.49
CA PHE E 180 17.57 -3.15 16.39
C PHE E 180 18.27 -4.46 16.72
N GLU E 181 17.93 -5.08 17.85
CA GLU E 181 18.58 -6.32 18.25
C GLU E 181 18.27 -7.42 17.23
N PRO E 182 19.28 -8.11 16.70
CA PRO E 182 19.05 -9.16 15.69
C PRO E 182 18.59 -10.48 16.29
N ILE E 183 17.28 -10.59 16.51
CA ILE E 183 16.68 -11.83 17.00
C ILE E 183 16.84 -12.89 15.93
N PRO E 184 16.99 -14.17 16.30
CA PRO E 184 17.15 -15.22 15.28
C PRO E 184 15.93 -15.30 14.37
N ILE E 185 16.20 -15.52 13.08
CA ILE E 185 15.15 -15.63 12.07
C ILE E 185 15.36 -16.94 11.31
N HIS E 186 14.30 -17.74 11.23
CA HIS E 186 14.33 -19.03 10.55
C HIS E 186 13.56 -18.91 9.24
N TYR E 187 14.24 -19.17 8.12
CA TYR E 187 13.62 -19.17 6.81
C TYR E 187 13.15 -20.60 6.52
N CYS E 188 11.84 -20.79 6.44
CA CYS E 188 11.27 -22.13 6.35
C CYS E 188 10.50 -22.30 5.06
N ALA E 189 10.81 -23.38 4.35
CA ALA E 189 10.19 -23.64 3.05
C ALA E 189 8.76 -24.14 3.23
N PRO E 190 7.89 -23.89 2.26
CA PRO E 190 6.50 -24.36 2.36
C PRO E 190 6.42 -25.84 1.99
N ALA E 191 5.19 -26.36 2.01
CA ALA E 191 4.95 -27.74 1.66
C ALA E 191 5.26 -27.99 0.20
N GLY E 192 5.69 -29.22 -0.10
CA GLY E 192 6.09 -29.58 -1.45
C GLY E 192 7.52 -29.21 -1.80
N PHE E 193 8.25 -28.57 -0.90
CA PHE E 193 9.63 -28.20 -1.11
C PHE E 193 10.46 -28.70 0.06
N ALA E 194 11.76 -28.91 -0.20
CA ALA E 194 12.67 -29.44 0.80
C ALA E 194 13.94 -28.61 0.81
N ILE E 195 14.61 -28.60 1.96
CA ILE E 195 15.88 -27.89 2.15
C ILE E 195 16.95 -28.91 2.46
N LEU E 196 18.04 -28.88 1.70
CA LEU E 196 19.14 -29.82 1.85
C LEU E 196 20.31 -29.14 2.53
N LYS E 197 20.86 -29.78 3.56
CA LYS E 197 21.98 -29.25 4.33
C LYS E 197 23.22 -30.09 4.08
N CYS E 198 24.36 -29.42 3.92
CA CYS E 198 25.64 -30.07 3.68
C CYS E 198 26.37 -30.19 5.00
N LYS E 199 26.53 -31.42 5.50
CA LYS E 199 27.21 -31.68 6.75
C LYS E 199 28.72 -31.81 6.61
N ASP E 200 29.25 -31.69 5.39
CA ASP E 200 30.68 -31.78 5.19
C ASP E 200 31.40 -30.64 5.88
N LYS E 201 32.55 -30.95 6.49
CA LYS E 201 33.34 -29.96 7.20
C LYS E 201 34.42 -29.34 6.33
N LYS E 202 34.56 -29.78 5.08
CA LYS E 202 35.56 -29.27 4.15
C LYS E 202 34.90 -28.68 2.91
N PHE E 203 33.69 -28.15 3.05
CA PHE E 203 32.94 -27.62 1.91
C PHE E 203 33.46 -26.22 1.58
N ASN E 204 34.10 -26.08 0.43
CA ASN E 204 34.70 -24.82 0.01
C ASN E 204 33.75 -23.93 -0.78
N GLY E 205 32.44 -24.15 -0.65
CA GLY E 205 31.46 -23.32 -1.30
C GLY E 205 31.02 -23.78 -2.68
N THR E 206 31.67 -24.80 -3.24
CA THR E 206 31.31 -25.30 -4.56
C THR E 206 31.74 -26.77 -4.65
N GLY E 207 30.91 -27.57 -5.31
CA GLY E 207 31.22 -28.97 -5.51
C GLY E 207 30.26 -29.88 -4.77
N PRO E 208 30.32 -31.18 -5.07
CA PRO E 208 29.43 -32.13 -4.39
C PRO E 208 29.74 -32.23 -2.91
N CYS E 209 28.68 -32.48 -2.14
CA CYS E 209 28.80 -32.65 -0.69
C CYS E 209 28.53 -34.10 -0.33
N PRO E 210 29.53 -34.85 0.14
CA PRO E 210 29.29 -36.27 0.45
C PRO E 210 28.27 -36.49 1.56
N SER E 211 28.20 -35.58 2.54
CA SER E 211 27.28 -35.72 3.67
C SER E 211 26.14 -34.71 3.47
N VAL E 212 25.04 -35.16 2.90
CA VAL E 212 23.88 -34.33 2.63
C VAL E 212 22.73 -34.79 3.50
N SER E 213 22.07 -33.86 4.17
CA SER E 213 20.94 -34.15 5.02
C SER E 213 19.80 -33.19 4.72
N THR E 214 18.59 -33.60 5.08
CA THR E 214 17.40 -32.77 4.91
C THR E 214 16.86 -32.37 6.27
N VAL E 215 16.35 -31.14 6.36
CA VAL E 215 15.80 -30.60 7.59
C VAL E 215 14.46 -29.95 7.27
N GLN E 216 13.67 -29.72 8.32
CA GLN E 216 12.41 -29.00 8.15
C GLN E 216 12.68 -27.59 7.61
N CYS E 217 13.64 -26.89 8.21
CA CYS E 217 14.11 -25.60 7.73
C CYS E 217 15.31 -25.16 8.56
N THR E 218 15.84 -24.00 8.21
CA THR E 218 17.11 -23.54 8.75
C THR E 218 16.99 -23.17 10.22
N HIS E 219 18.15 -23.04 10.87
CA HIS E 219 18.21 -22.62 12.26
C HIS E 219 18.11 -21.11 12.34
N GLY E 220 18.33 -20.55 13.53
CA GLY E 220 18.28 -19.11 13.72
C GLY E 220 19.38 -18.36 12.99
N ILE E 221 18.98 -17.43 12.12
CA ILE E 221 19.92 -16.60 11.38
C ILE E 221 19.75 -15.17 11.88
N LYS E 222 20.77 -14.64 12.53
CA LYS E 222 20.70 -13.29 13.07
C LYS E 222 20.94 -12.28 11.96
N PRO E 223 20.00 -11.37 11.69
CA PRO E 223 20.23 -10.34 10.66
C PRO E 223 21.11 -9.20 11.15
N VAL E 224 22.39 -9.50 11.30
CA VAL E 224 23.37 -8.53 11.78
C VAL E 224 23.93 -7.76 10.61
N VAL E 225 24.15 -6.46 10.82
CA VAL E 225 24.74 -5.58 9.82
C VAL E 225 26.13 -5.17 10.29
N SER E 226 27.11 -5.34 9.41
CA SER E 226 28.49 -5.02 9.75
C SER E 226 29.29 -4.83 8.47
N THR E 227 30.46 -4.21 8.61
CA THR E 227 31.36 -3.97 7.50
C THR E 227 32.77 -4.39 7.89
N GLN E 228 33.45 -5.07 6.97
CA GLN E 228 34.85 -5.50 7.12
C GLN E 228 35.00 -6.59 8.18
N LEU E 229 33.92 -6.95 8.87
CA LEU E 229 33.95 -7.98 9.88
C LEU E 229 32.57 -8.63 9.97
N LEU E 230 32.54 -9.86 10.44
CA LEU E 230 31.29 -10.58 10.70
C LEU E 230 31.21 -10.85 12.20
N LEU E 231 30.13 -10.38 12.82
CA LEU E 231 29.94 -10.50 14.25
C LEU E 231 28.74 -11.39 14.57
N ASN E 232 28.87 -12.14 15.67
CA ASN E 232 27.78 -12.98 16.18
C ASN E 232 27.29 -13.96 15.11
N GLY E 233 28.24 -14.58 14.40
CA GLY E 233 27.92 -15.55 13.37
C GLY E 233 28.28 -16.97 13.78
N SER E 234 28.14 -17.87 12.81
CA SER E 234 28.46 -19.28 13.01
C SER E 234 29.92 -19.54 12.69
N LEU E 235 30.53 -20.42 13.47
CA LEU E 235 31.95 -20.73 13.34
C LEU E 235 32.15 -22.07 12.64
N ALA E 236 33.26 -22.16 11.90
CA ALA E 236 33.62 -23.40 11.25
C ALA E 236 34.08 -24.43 12.28
N GLU E 237 34.25 -25.66 11.83
CA GLU E 237 34.52 -26.80 12.71
C GLU E 237 35.99 -27.18 12.62
N GLU E 238 36.74 -26.87 13.68
CA GLU E 238 38.09 -27.39 13.92
C GLU E 238 39.13 -26.81 12.96
N GLU E 239 38.70 -26.01 11.99
CA GLU E 239 39.63 -25.42 11.03
C GLU E 239 39.09 -24.09 10.54
N VAL E 240 40.00 -23.26 10.04
CA VAL E 240 39.65 -22.01 9.38
C VAL E 240 39.66 -22.25 7.87
N MET E 241 38.62 -21.75 7.19
CA MET E 241 38.43 -22.01 5.78
C MET E 241 38.29 -20.71 5.01
N ILE E 242 38.67 -20.75 3.74
CA ILE E 242 38.65 -19.59 2.85
C ILE E 242 37.62 -19.84 1.76
N ARG E 243 36.71 -18.89 1.58
CA ARG E 243 35.65 -18.98 0.58
C ARG E 243 35.81 -17.86 -0.43
N SER E 244 35.74 -18.20 -1.72
CA SER E 244 35.85 -17.22 -2.78
C SER E 244 35.26 -17.81 -4.06
N GLU E 245 34.64 -16.94 -4.85
CA GLU E 245 34.06 -17.38 -6.12
C GLU E 245 35.15 -17.64 -7.16
N ASN E 246 36.18 -16.80 -7.19
CA ASN E 246 37.28 -16.96 -8.13
C ASN E 246 38.54 -16.43 -7.47
N ILE E 247 39.44 -17.34 -7.10
CA ILE E 247 40.69 -16.95 -6.43
C ILE E 247 41.54 -16.10 -7.35
N THR E 248 41.63 -16.47 -8.63
CA THR E 248 42.46 -15.73 -9.57
C THR E 248 41.95 -14.31 -9.76
N ASN E 249 40.64 -14.13 -9.82
CA ASN E 249 40.06 -12.81 -10.02
C ASN E 249 40.21 -11.97 -8.75
N ASN E 250 40.92 -10.84 -8.86
CA ASN E 250 41.11 -9.97 -7.70
C ASN E 250 39.87 -9.17 -7.37
N ALA E 251 38.98 -8.94 -8.34
CA ALA E 251 37.79 -8.14 -8.09
C ALA E 251 36.87 -8.81 -7.08
N LYS E 252 36.71 -10.13 -7.19
CA LYS E 252 35.84 -10.86 -6.28
C LYS E 252 36.38 -10.81 -4.85
N ASN E 253 35.48 -10.61 -3.90
CA ASN E 253 35.86 -10.55 -2.50
C ASN E 253 36.10 -11.96 -1.96
N ILE E 254 36.74 -12.02 -0.79
CA ILE E 254 37.08 -13.28 -0.14
C ILE E 254 36.41 -13.34 1.21
N LEU E 255 35.74 -14.44 1.50
CA LEU E 255 35.05 -14.65 2.76
C LEU E 255 35.84 -15.62 3.62
N VAL E 256 36.11 -15.24 4.86
CA VAL E 256 36.88 -16.04 5.80
C VAL E 256 36.02 -16.30 7.03
N GLN E 257 35.98 -17.56 7.47
CA GLN E 257 35.22 -17.95 8.65
C GLN E 257 36.20 -18.49 9.69
N PHE E 258 36.22 -17.84 10.85
CA PHE E 258 37.15 -18.22 11.91
C PHE E 258 36.68 -19.51 12.60
N ASN E 259 37.65 -20.37 12.94
CA ASN E 259 37.35 -21.55 13.72
C ASN E 259 37.12 -21.21 15.20
N THR E 260 37.83 -20.21 15.70
CA THR E 260 37.68 -19.73 17.06
C THR E 260 37.45 -18.23 17.06
N PRO E 261 36.63 -17.72 17.98
CA PRO E 261 36.31 -16.29 17.98
C PRO E 261 37.25 -15.49 18.88
N VAL E 262 37.31 -14.19 18.59
CA VAL E 262 38.09 -13.24 19.37
C VAL E 262 37.13 -12.21 19.94
N GLN E 263 37.26 -11.94 21.25
CA GLN E 263 36.35 -11.04 21.93
C GLN E 263 36.69 -9.59 21.61
N ILE E 264 35.65 -8.78 21.39
CA ILE E 264 35.80 -7.35 21.14
C ILE E 264 34.82 -6.60 22.03
N ASN E 265 35.32 -5.59 22.74
CA ASN E 265 34.51 -4.76 23.61
C ASN E 265 34.45 -3.35 23.05
N CYS E 266 33.24 -2.83 22.85
CA CYS E 266 33.03 -1.48 22.33
C CYS E 266 32.18 -0.71 23.32
N THR E 267 32.69 0.41 23.81
CA THR E 267 32.02 1.21 24.81
C THR E 267 32.00 2.67 24.39
N ARG E 268 30.97 3.39 24.84
CA ARG E 268 30.89 4.84 24.68
C ARG E 268 30.89 5.46 26.08
N PRO E 269 32.02 6.03 26.52
CA PRO E 269 32.11 6.50 27.91
C PRO E 269 31.32 7.78 28.18
N ASN E 270 30.86 8.48 27.15
CA ASN E 270 30.11 9.71 27.36
C ASN E 270 28.76 9.41 28.00
N ASN E 271 28.40 10.20 29.01
CA ASN E 271 27.12 10.03 29.70
C ASN E 271 26.09 10.99 29.10
N ASN E 272 25.66 10.65 27.88
CA ASN E 272 24.68 11.46 27.18
C ASN E 272 23.32 11.38 27.87
N THR E 273 22.52 12.43 27.69
CA THR E 273 21.17 12.49 28.24
C THR E 273 20.18 12.80 27.13
N ARG E 274 18.93 12.42 27.37
CA ARG E 274 17.85 12.63 26.42
C ARG E 274 16.96 13.78 26.90
N LYS E 275 16.71 14.74 26.02
CA LYS E 275 15.87 15.90 26.32
C LYS E 275 14.77 15.95 25.27
N SER E 276 13.58 15.48 25.64
CA SER E 276 12.47 15.42 24.70
C SER E 276 12.00 16.83 24.35
N ILE E 277 11.73 17.04 23.06
CA ILE E 277 11.22 18.32 22.54
C ILE E 277 9.97 18.03 21.73
N ARG E 278 8.88 18.71 22.07
CA ARG E 278 7.60 18.53 21.39
C ARG E 278 7.57 19.45 20.17
N ILE E 279 7.49 18.84 18.98
CA ILE E 279 7.58 19.60 17.74
C ILE E 279 6.22 19.86 17.09
N GLY E 280 5.17 19.14 17.50
CA GLY E 280 3.86 19.30 16.93
C GLY E 280 2.83 18.47 17.66
N PRO E 281 1.64 18.35 17.08
CA PRO E 281 0.59 17.56 17.74
C PRO E 281 0.87 16.06 17.68
N GLY E 282 1.26 15.48 18.81
CA GLY E 282 1.51 14.06 18.90
C GLY E 282 2.87 13.62 18.41
N GLN E 283 3.74 14.54 18.00
CA GLN E 283 5.07 14.20 17.51
C GLN E 283 6.12 14.93 18.35
N ALA E 284 7.16 14.21 18.74
CA ALA E 284 8.24 14.77 19.55
C ALA E 284 9.58 14.37 18.97
N PHE E 285 10.58 15.23 19.18
CA PHE E 285 11.94 15.01 18.70
C PHE E 285 12.86 14.89 19.91
N TYR E 286 13.60 13.78 19.97
CA TYR E 286 14.51 13.52 21.09
C TYR E 286 15.89 14.07 20.75
N ALA E 287 16.34 15.03 21.56
CA ALA E 287 17.62 15.69 21.35
C ALA E 287 18.58 15.30 22.47
N THR E 288 19.77 15.91 22.44
CA THR E 288 20.81 15.66 23.43
C THR E 288 21.06 16.94 24.22
N GLY E 289 21.02 16.82 25.54
CA GLY E 289 21.27 17.93 26.45
C GLY E 289 22.69 17.93 26.98
N ASP E 290 22.86 18.49 28.16
CA ASP E 290 24.18 18.55 28.79
C ASP E 290 24.66 17.14 29.15
N ILE E 291 25.97 16.94 29.03
CA ILE E 291 26.59 15.65 29.31
C ILE E 291 27.27 15.74 30.68
N ILE E 292 26.95 14.79 31.55
CA ILE E 292 27.52 14.77 32.90
C ILE E 292 28.88 14.10 32.85
N GLY E 293 29.87 14.75 33.46
CA GLY E 293 31.21 14.20 33.51
C GLY E 293 32.07 14.63 32.35
N ASP E 294 33.27 14.06 32.31
CA ASP E 294 34.23 14.38 31.26
C ASP E 294 33.77 13.77 29.93
N ILE E 295 34.32 14.32 28.85
CA ILE E 295 33.98 13.89 27.49
C ILE E 295 35.14 13.08 26.94
N ARG E 296 34.85 11.89 26.46
CA ARG E 296 35.87 10.97 25.95
C ARG E 296 35.43 10.39 24.62
N GLN E 297 36.41 9.94 23.85
CA GLN E 297 36.17 9.37 22.53
C GLN E 297 35.85 7.89 22.63
N ALA E 298 34.84 7.45 21.88
CA ALA E 298 34.49 6.03 21.86
C ALA E 298 35.59 5.22 21.19
N HIS E 299 35.77 4.00 21.68
CA HIS E 299 36.82 3.12 21.18
C HIS E 299 36.43 1.67 21.42
N CYS E 300 37.13 0.76 20.73
CA CYS E 300 36.91 -0.67 20.87
C CYS E 300 38.23 -1.35 21.21
N ASN E 301 38.12 -2.45 21.96
CA ASN E 301 39.29 -3.17 22.44
C ASN E 301 39.29 -4.58 21.88
N VAL E 302 40.43 -5.00 21.34
CA VAL E 302 40.65 -6.38 20.92
C VAL E 302 42.01 -6.82 21.46
N SER E 303 42.05 -8.02 22.03
CA SER E 303 43.29 -8.52 22.61
C SER E 303 44.32 -8.78 21.52
N LYS E 304 45.54 -8.31 21.73
CA LYS E 304 46.59 -8.47 20.73
C LYS E 304 47.08 -9.90 20.66
N ALA E 305 47.08 -10.63 21.78
CA ALA E 305 47.57 -12.00 21.78
C ALA E 305 46.69 -12.90 20.91
N THR E 306 45.37 -12.75 21.02
CA THR E 306 44.46 -13.60 20.24
C THR E 306 44.42 -13.17 18.78
N TRP E 307 44.46 -11.86 18.52
CA TRP E 307 44.40 -11.38 17.14
C TRP E 307 45.63 -11.79 16.35
N ASN E 308 46.81 -11.72 16.97
CA ASN E 308 48.04 -12.04 16.25
C ASN E 308 48.07 -13.51 15.85
N GLU E 309 47.66 -14.40 16.75
CA GLU E 309 47.66 -15.83 16.41
C GLU E 309 46.53 -16.17 15.45
N THR E 310 45.43 -15.40 15.46
CA THR E 310 44.36 -15.61 14.50
C THR E 310 44.84 -15.36 13.09
N LEU E 311 45.60 -14.27 12.88
CA LEU E 311 46.17 -14.01 11.56
C LEU E 311 47.21 -15.07 11.20
N GLY E 312 47.94 -15.59 12.18
CA GLY E 312 48.90 -16.64 11.90
C GLY E 312 48.25 -17.90 11.38
N LYS E 313 47.08 -18.25 11.93
CA LYS E 313 46.33 -19.38 11.40
C LYS E 313 45.70 -19.05 10.05
N VAL E 314 45.18 -17.84 9.91
CA VAL E 314 44.52 -17.44 8.66
C VAL E 314 45.53 -17.45 7.51
N VAL E 315 46.73 -16.92 7.75
CA VAL E 315 47.71 -16.79 6.68
C VAL E 315 48.20 -18.16 6.22
N LYS E 316 48.09 -19.18 7.06
CA LYS E 316 48.62 -20.50 6.70
C LYS E 316 47.70 -21.20 5.71
N GLN E 317 46.40 -21.30 6.04
CA GLN E 317 45.45 -21.88 5.10
C GLN E 317 45.28 -21.03 3.85
N LEU E 318 45.44 -19.71 3.97
CA LEU E 318 45.37 -18.86 2.79
C LEU E 318 46.56 -19.11 1.87
N ARG E 319 47.68 -19.58 2.42
CA ARG E 319 48.88 -19.83 1.62
C ARG E 319 48.75 -21.07 0.75
N LYS E 320 47.72 -21.89 0.95
CA LYS E 320 47.56 -23.08 0.12
C LYS E 320 47.32 -22.73 -1.34
N HIS E 321 46.52 -21.68 -1.60
CA HIS E 321 46.18 -21.29 -2.96
C HIS E 321 47.29 -20.47 -3.62
N PHE E 322 48.35 -20.12 -2.91
CA PHE E 322 49.43 -19.33 -3.47
C PHE E 322 50.80 -19.99 -3.38
N GLY E 323 50.90 -21.17 -2.77
CA GLY E 323 52.19 -21.81 -2.58
C GLY E 323 52.84 -21.37 -1.29
N ASN E 324 53.60 -22.25 -0.65
CA ASN E 324 54.12 -21.91 0.68
C ASN E 324 55.22 -20.86 0.63
N ASN E 325 55.72 -20.50 -0.56
CA ASN E 325 56.79 -19.51 -0.70
C ASN E 325 56.26 -18.15 -1.14
N THR E 326 54.98 -17.88 -0.92
CA THR E 326 54.37 -16.62 -1.32
C THR E 326 54.30 -15.67 -0.13
N ILE E 327 54.76 -14.44 -0.34
CA ILE E 327 54.75 -13.43 0.70
C ILE E 327 53.35 -12.82 0.78
N ILE E 328 52.77 -12.81 1.98
CA ILE E 328 51.42 -12.32 2.21
C ILE E 328 51.49 -11.12 3.14
N ARG E 329 50.86 -10.02 2.72
CA ARG E 329 50.90 -8.77 3.46
C ARG E 329 49.48 -8.28 3.73
N PHE E 330 49.31 -7.55 4.83
CA PHE E 330 48.04 -6.98 5.21
C PHE E 330 48.16 -5.46 5.26
N ALA E 331 47.13 -4.77 4.77
CA ALA E 331 47.10 -3.32 4.75
C ALA E 331 45.67 -2.85 5.00
N ASN E 332 45.55 -1.58 5.39
CA ASN E 332 44.24 -1.03 5.70
C ASN E 332 43.46 -0.75 4.41
N SER E 333 42.29 -0.13 4.57
CA SER E 333 41.44 0.16 3.43
C SER E 333 42.10 1.18 2.51
N SER E 334 41.67 1.16 1.25
CA SER E 334 42.23 2.03 0.21
C SER E 334 41.62 3.42 0.21
N GLY E 335 40.65 3.69 1.07
CA GLY E 335 40.01 4.98 1.13
C GLY E 335 38.72 5.04 0.32
N GLY E 336 37.99 6.13 0.52
CA GLY E 336 36.71 6.32 -0.15
C GLY E 336 35.62 6.81 0.79
N ASP E 337 34.40 6.36 0.56
CA ASP E 337 33.29 6.75 1.42
C ASP E 337 33.49 6.19 2.82
N LEU E 338 32.98 6.92 3.81
CA LEU E 338 33.16 6.51 5.21
C LEU E 338 32.47 5.19 5.50
N GLU E 339 31.28 4.98 4.92
CA GLU E 339 30.50 3.78 5.20
C GLU E 339 31.15 2.50 4.69
N VAL E 340 32.14 2.61 3.80
CA VAL E 340 32.79 1.43 3.24
C VAL E 340 34.25 1.30 3.67
N THR E 341 34.87 2.35 4.18
CA THR E 341 36.25 2.29 4.63
C THR E 341 36.39 2.09 6.13
N THR E 342 35.28 1.92 6.85
CA THR E 342 35.30 1.80 8.30
C THR E 342 34.44 0.62 8.73
N HIS E 343 34.75 0.08 9.90
CA HIS E 343 33.99 -1.03 10.47
C HIS E 343 32.72 -0.46 11.09
N SER E 344 31.61 -0.56 10.35
CA SER E 344 30.34 -0.01 10.79
C SER E 344 29.49 -1.09 11.44
N PHE E 345 28.83 -0.75 12.53
CA PHE E 345 27.95 -1.65 13.26
C PHE E 345 27.13 -0.81 14.23
N ASN E 346 26.35 -1.50 15.06
CA ASN E 346 25.59 -0.85 16.12
C ASN E 346 25.88 -1.52 17.45
N CYS E 347 25.74 -0.75 18.52
CA CYS E 347 26.04 -1.20 19.89
C CYS E 347 24.90 -0.72 20.79
N GLY E 348 23.86 -1.54 20.91
CA GLY E 348 22.73 -1.18 21.75
C GLY E 348 21.98 0.04 21.27
N GLY E 349 21.74 0.14 19.97
CA GLY E 349 21.02 1.26 19.40
C GLY E 349 21.88 2.43 18.95
N GLU E 350 23.18 2.42 19.27
CA GLU E 350 24.09 3.46 18.85
C GLU E 350 24.99 2.92 17.74
N PHE E 351 25.08 3.65 16.63
CA PHE E 351 25.82 3.20 15.47
C PHE E 351 27.26 3.70 15.54
N PHE E 352 28.20 2.79 15.32
CA PHE E 352 29.62 3.10 15.41
C PHE E 352 30.26 3.02 14.03
N TYR E 353 31.37 3.75 13.88
CA TYR E 353 32.17 3.75 12.64
C TYR E 353 33.63 3.70 13.08
N CYS E 354 34.16 2.48 13.20
CA CYS E 354 35.47 2.27 13.79
C CYS E 354 36.56 2.24 12.73
N ASN E 355 37.78 2.55 13.17
CA ASN E 355 38.95 2.61 12.30
C ASN E 355 39.77 1.35 12.54
N THR E 356 39.85 0.50 11.51
CA THR E 356 40.46 -0.82 11.63
C THR E 356 41.87 -0.87 11.06
N SER E 357 42.49 0.29 10.79
CA SER E 357 43.84 0.30 10.28
C SER E 357 44.85 -0.28 11.26
N GLY E 358 44.52 -0.30 12.55
CA GLY E 358 45.41 -0.86 13.54
C GLY E 358 45.45 -2.37 13.60
N LEU E 359 44.54 -3.04 12.91
CA LEU E 359 44.51 -4.50 12.88
C LEU E 359 45.28 -5.05 11.68
N PHE E 360 44.87 -4.66 10.47
CA PHE E 360 45.50 -5.15 9.24
C PHE E 360 46.73 -4.31 8.94
N ASN E 361 47.76 -4.49 9.76
CA ASN E 361 49.04 -3.79 9.57
C ASN E 361 50.14 -4.72 10.07
N SER E 362 50.69 -5.51 9.16
CA SER E 362 51.71 -6.50 9.46
C SER E 362 52.15 -7.14 8.15
N THR E 363 53.20 -7.96 8.24
CA THR E 363 53.69 -8.71 7.09
C THR E 363 54.25 -10.04 7.57
N TRP E 364 54.22 -11.04 6.69
CA TRP E 364 54.69 -12.37 7.00
C TRP E 364 55.61 -12.85 5.89
N ILE E 365 56.80 -13.30 6.25
CA ILE E 365 57.81 -13.76 5.30
C ILE E 365 58.28 -15.14 5.71
N SER E 366 58.05 -16.14 4.85
CA SER E 366 58.53 -17.51 5.05
C SER E 366 58.08 -18.08 6.39
N ASN E 367 56.85 -17.76 6.78
CA ASN E 367 56.30 -18.25 8.05
C ASN E 367 54.80 -18.50 7.93
N SER E 378 51.45 -9.64 27.80
CA SER E 378 50.49 -10.69 27.44
C SER E 378 49.06 -10.16 27.50
N ASN E 379 48.84 -9.15 28.33
CA ASN E 379 47.52 -8.54 28.49
C ASN E 379 47.31 -7.34 27.58
N ASP E 380 48.29 -6.99 26.76
CA ASP E 380 48.16 -5.83 25.88
C ASP E 380 47.05 -6.05 24.86
N SER E 381 46.33 -4.98 24.54
CA SER E 381 45.23 -5.01 23.59
C SER E 381 45.45 -3.92 22.55
N ILE E 382 44.52 -3.86 21.59
CA ILE E 382 44.56 -2.87 20.51
C ILE E 382 43.33 -1.98 20.63
N THR E 383 43.54 -0.67 20.61
CA THR E 383 42.46 0.30 20.73
C THR E 383 42.16 0.87 19.35
N LEU E 384 40.90 0.78 18.94
CA LEU E 384 40.46 1.29 17.64
C LEU E 384 39.54 2.48 17.83
N PRO E 385 39.95 3.69 17.44
CA PRO E 385 39.05 4.84 17.55
C PRO E 385 37.82 4.67 16.67
N CYS E 386 36.67 5.14 17.18
CA CYS E 386 35.41 5.02 16.48
C CYS E 386 34.66 6.34 16.55
N ARG E 387 33.78 6.55 15.58
CA ARG E 387 32.96 7.75 15.51
C ARG E 387 31.49 7.37 15.66
N ILE E 388 30.65 8.39 15.89
CA ILE E 388 29.22 8.21 16.07
C ILE E 388 28.50 9.10 15.06
N LYS E 389 27.55 8.51 14.34
CA LYS E 389 26.74 9.24 13.36
C LYS E 389 25.28 8.90 13.58
N GLN E 390 24.40 9.88 13.35
CA GLN E 390 22.97 9.71 13.55
C GLN E 390 22.19 9.64 12.25
N ILE E 391 22.57 10.42 11.23
CA ILE E 391 21.92 10.35 9.92
C ILE E 391 22.45 9.11 9.22
N ILE E 392 21.58 8.12 9.02
CA ILE E 392 21.99 6.78 8.63
C ILE E 392 21.22 6.34 7.40
N ASN E 393 21.93 5.80 6.41
CA ASN E 393 21.31 5.21 5.23
C ASN E 393 21.48 3.69 5.21
N MET E 394 22.72 3.21 5.26
CA MET E 394 23.05 1.82 5.55
C MET E 394 22.69 0.88 4.39
N TRP E 395 21.99 1.40 3.38
CA TRP E 395 21.52 0.58 2.27
C TRP E 395 22.02 1.06 0.91
N GLN E 396 22.96 2.00 0.89
CA GLN E 396 23.49 2.57 -0.37
C GLN E 396 22.37 3.15 -1.23
N ARG E 397 21.34 3.69 -0.59
CA ARG E 397 20.20 4.27 -1.26
C ARG E 397 20.19 5.79 -1.08
N ILE E 398 19.30 6.44 -1.83
CA ILE E 398 19.14 7.89 -1.78
C ILE E 398 17.68 8.19 -1.48
N GLY E 399 17.44 9.07 -0.52
CA GLY E 399 16.10 9.51 -0.19
C GLY E 399 15.48 8.85 1.02
N GLN E 400 16.12 7.82 1.58
CA GLN E 400 15.59 7.09 2.73
C GLN E 400 16.69 7.01 3.79
N CYS E 401 16.80 8.04 4.62
CA CYS E 401 17.71 8.03 5.75
C CYS E 401 16.93 7.80 7.05
N MET E 402 17.62 7.89 8.17
CA MET E 402 17.01 7.68 9.48
C MET E 402 17.86 8.37 10.53
N TYR E 403 17.20 8.95 11.54
CA TYR E 403 17.88 9.63 12.64
C TYR E 403 17.69 8.80 13.90
N ALA E 404 18.79 8.25 14.40
CA ALA E 404 18.74 7.46 15.63
C ALA E 404 18.74 8.38 16.84
N PRO E 405 17.70 8.35 17.68
CA PRO E 405 17.69 9.23 18.85
C PRO E 405 18.75 8.81 19.85
N PRO E 406 19.27 9.75 20.63
CA PRO E 406 20.26 9.39 21.66
C PRO E 406 19.61 8.57 22.77
N ILE E 407 20.45 7.77 23.43
CA ILE E 407 20.00 6.88 24.50
C ILE E 407 20.70 7.28 25.79
N GLN E 408 19.95 7.21 26.89
CA GLN E 408 20.46 7.66 28.18
C GLN E 408 21.53 6.71 28.71
N GLY E 409 22.54 7.28 29.36
CA GLY E 409 23.56 6.51 30.04
C GLY E 409 24.61 5.96 29.10
N VAL E 410 25.70 5.47 29.71
CA VAL E 410 26.78 4.85 28.94
C VAL E 410 26.37 3.45 28.53
N ILE E 411 26.97 2.96 27.45
CA ILE E 411 26.66 1.67 26.88
C ILE E 411 27.94 0.90 26.60
N ARG E 412 27.90 -0.40 26.85
CA ARG E 412 29.01 -1.29 26.52
C ARG E 412 28.43 -2.61 26.00
N CYS E 413 28.94 -3.09 24.88
CA CYS E 413 28.48 -4.33 24.29
C CYS E 413 29.68 -5.21 23.96
N VAL E 414 29.55 -6.51 24.23
CA VAL E 414 30.59 -7.49 23.96
C VAL E 414 30.10 -8.40 22.84
N SER E 415 30.91 -8.54 21.79
CA SER E 415 30.55 -9.32 20.62
C SER E 415 31.70 -10.22 20.23
N ASN E 416 31.40 -11.20 19.38
CA ASN E 416 32.40 -12.09 18.82
C ASN E 416 32.74 -11.67 17.40
N ILE E 417 33.94 -12.01 16.97
CA ILE E 417 34.37 -11.82 15.58
C ILE E 417 34.52 -13.19 14.97
N THR E 418 33.53 -13.60 14.18
CA THR E 418 33.46 -14.93 13.61
C THR E 418 33.47 -14.87 12.09
N GLY E 419 34.21 -13.92 11.53
CA GLY E 419 34.30 -13.79 10.09
C GLY E 419 35.22 -12.65 9.72
N LEU E 420 35.48 -12.54 8.42
CA LEU E 420 36.35 -11.51 7.88
C LEU E 420 36.16 -11.45 6.37
N ILE E 421 36.16 -10.23 5.82
CA ILE E 421 36.02 -10.00 4.40
C ILE E 421 37.27 -9.29 3.91
N LEU E 422 37.91 -9.84 2.88
CA LEU E 422 39.15 -9.29 2.35
C LEU E 422 39.06 -9.24 0.82
N THR E 423 39.82 -8.30 0.24
CA THR E 423 39.92 -8.17 -1.20
C THR E 423 41.39 -8.11 -1.60
N ARG E 424 41.69 -8.63 -2.78
CA ARG E 424 43.06 -8.68 -3.28
C ARG E 424 43.29 -7.58 -4.32
N ASP E 425 44.56 -7.24 -4.52
CA ASP E 425 44.94 -6.20 -5.46
C ASP E 425 46.36 -6.45 -5.92
N GLY E 426 46.80 -5.63 -6.89
CA GLY E 426 48.13 -5.74 -7.43
C GLY E 426 48.17 -5.59 -8.94
N GLY E 427 49.01 -4.69 -9.42
CA GLY E 427 49.12 -4.44 -10.85
C GLY E 427 50.25 -5.21 -11.51
N SER E 428 51.11 -5.82 -10.69
CA SER E 428 52.23 -6.59 -11.23
C SER E 428 51.72 -7.86 -11.91
N THR E 429 52.29 -8.16 -13.09
CA THR E 429 51.88 -9.35 -13.82
C THR E 429 52.37 -10.62 -13.14
N ASN E 430 53.48 -10.54 -12.41
CA ASN E 430 54.03 -11.70 -11.72
C ASN E 430 54.95 -11.21 -10.61
N SER E 431 54.62 -11.54 -9.36
CA SER E 431 55.42 -11.14 -8.23
C SER E 431 55.23 -12.14 -7.09
N THR E 432 56.18 -12.14 -6.17
CA THR E 432 56.16 -13.05 -5.02
C THR E 432 55.50 -12.44 -3.80
N THR E 433 54.98 -11.22 -3.90
CA THR E 433 54.34 -10.54 -2.78
C THR E 433 52.87 -10.28 -3.11
N GLU E 434 51.98 -10.67 -2.22
CA GLU E 434 50.55 -10.44 -2.37
C GLU E 434 50.02 -9.74 -1.13
N THR E 435 49.22 -8.70 -1.34
CA THR E 435 48.65 -7.92 -0.25
C THR E 435 47.13 -8.06 -0.24
N PHE E 436 46.55 -7.93 0.96
CA PHE E 436 45.12 -8.06 1.15
C PHE E 436 44.62 -6.89 1.97
N ARG E 437 43.44 -6.38 1.62
CA ARG E 437 42.83 -5.25 2.30
C ARG E 437 41.38 -5.57 2.63
N PRO E 438 40.85 -5.04 3.73
CA PRO E 438 39.45 -5.24 4.06
C PRO E 438 38.54 -4.36 3.23
N GLY E 439 37.29 -4.80 3.09
CA GLY E 439 36.31 -4.03 2.35
C GLY E 439 34.93 -4.63 2.38
N GLY E 440 33.92 -3.80 2.62
CA GLY E 440 32.54 -4.26 2.60
C GLY E 440 31.88 -4.06 1.25
N GLY E 441 31.82 -5.13 0.46
CA GLY E 441 31.27 -5.05 -0.88
C GLY E 441 29.77 -4.87 -0.91
N ASP E 442 29.03 -5.81 -0.31
CA ASP E 442 27.57 -5.76 -0.32
C ASP E 442 27.05 -6.47 0.91
N MET E 443 25.80 -6.17 1.27
CA MET E 443 25.18 -6.79 2.43
C MET E 443 24.93 -8.28 2.22
N ARG E 444 24.87 -8.75 0.97
CA ARG E 444 24.66 -10.17 0.72
C ARG E 444 25.82 -11.02 1.22
N ASP E 445 27.03 -10.46 1.26
CA ASP E 445 28.18 -11.21 1.73
C ASP E 445 28.06 -11.55 3.21
N ASN E 446 27.50 -10.64 4.01
CA ASN E 446 27.31 -10.91 5.43
C ASN E 446 26.30 -12.03 5.67
N TRP E 447 25.31 -12.16 4.79
CA TRP E 447 24.28 -13.17 4.98
C TRP E 447 24.56 -14.47 4.23
N ARG E 448 25.30 -14.40 3.13
CA ARG E 448 25.66 -15.63 2.42
C ARG E 448 26.66 -16.48 3.21
N SER E 449 27.32 -15.89 4.20
CA SER E 449 28.22 -16.65 5.06
C SER E 449 27.47 -17.56 6.03
N GLU E 450 26.15 -17.38 6.16
CA GLU E 450 25.35 -18.23 7.04
C GLU E 450 24.48 -19.22 6.30
N LEU E 451 24.16 -18.98 5.04
CA LEU E 451 23.28 -19.84 4.25
C LEU E 451 24.04 -20.68 3.23
N TYR E 452 25.37 -20.78 3.37
CA TYR E 452 26.17 -21.55 2.44
C TYR E 452 25.91 -23.05 2.55
N LYS E 453 25.34 -23.50 3.67
CA LYS E 453 25.07 -24.92 3.88
C LYS E 453 23.71 -25.36 3.39
N TYR E 454 22.86 -24.43 2.94
CA TYR E 454 21.48 -24.74 2.63
C TYR E 454 21.19 -24.57 1.13
N LYS E 455 20.15 -25.27 0.69
CA LYS E 455 19.72 -25.25 -0.71
C LYS E 455 18.26 -25.66 -0.76
N VAL E 456 17.50 -25.05 -1.68
CA VAL E 456 16.07 -25.28 -1.80
C VAL E 456 15.82 -26.10 -3.06
N VAL E 457 15.08 -27.20 -2.92
CA VAL E 457 14.75 -28.09 -4.03
C VAL E 457 13.25 -28.33 -4.05
N LYS E 458 12.77 -28.77 -5.20
CA LYS E 458 11.35 -29.02 -5.43
C LYS E 458 11.11 -30.50 -5.67
N ILE E 459 10.12 -31.06 -4.99
CA ILE E 459 9.84 -32.50 -5.06
C ILE E 459 9.06 -32.80 -6.32
N GLU E 460 9.38 -33.94 -6.95
CA GLU E 460 8.69 -34.42 -8.15
C GLU E 460 8.23 -35.83 -7.89
N PRO E 461 7.06 -36.00 -7.24
CA PRO E 461 6.62 -37.35 -6.86
C PRO E 461 6.35 -38.27 -8.04
N LEU E 462 6.06 -37.74 -9.22
CA LEU E 462 5.74 -38.58 -10.36
C LEU E 462 6.98 -39.28 -10.89
N GLY E 463 6.80 -40.51 -11.34
CA GLY E 463 7.89 -41.28 -11.90
C GLY E 463 7.37 -42.47 -12.67
N VAL E 464 8.13 -42.89 -13.68
CA VAL E 464 7.76 -44.01 -14.53
C VAL E 464 8.93 -44.99 -14.61
N ALA E 465 8.62 -46.27 -14.53
CA ALA E 465 9.62 -47.32 -14.60
C ALA E 465 8.95 -48.58 -15.13
N PRO E 466 9.68 -49.43 -15.88
CA PRO E 466 9.07 -50.63 -16.45
C PRO E 466 9.17 -51.85 -15.54
N THR E 467 8.07 -52.58 -15.41
CA THR E 467 8.05 -53.84 -14.70
C THR E 467 6.84 -54.64 -15.17
N ARG E 468 6.81 -55.92 -14.82
CA ARG E 468 5.77 -56.83 -15.27
C ARG E 468 4.49 -56.55 -14.50
N CYS E 469 3.57 -55.81 -15.13
CA CYS E 469 2.26 -55.54 -14.54
C CYS E 469 1.30 -55.19 -15.67
N LYS E 470 0.32 -56.06 -15.91
CA LYS E 470 -0.69 -55.84 -16.92
C LYS E 470 -2.03 -55.55 -16.24
N ARG E 471 -2.69 -54.48 -16.67
CA ARG E 471 -3.96 -54.10 -16.08
C ARG E 471 -5.03 -55.15 -16.41
N ARG E 472 -5.87 -55.43 -15.42
CA ARG E 472 -6.93 -56.43 -15.59
C ARG E 472 -7.95 -55.97 -16.63
N VAL E 473 -8.39 -56.90 -17.47
CA VAL E 473 -9.37 -56.59 -18.50
C VAL E 473 -10.49 -57.63 -18.49
N GLU F 2 -33.93 -49.87 -25.54
CA GLU F 2 -34.95 -50.09 -24.54
C GLU F 2 -34.38 -49.98 -23.13
N ASN F 3 -35.17 -49.45 -22.21
CA ASN F 3 -34.78 -49.27 -20.81
C ASN F 3 -33.46 -48.49 -20.71
N LEU F 4 -33.37 -47.41 -21.49
CA LEU F 4 -32.17 -46.60 -21.50
C LEU F 4 -31.94 -45.95 -20.14
N TRP F 5 -30.67 -45.89 -19.74
CA TRP F 5 -30.28 -45.43 -18.41
C TRP F 5 -29.50 -44.11 -18.50
N VAL F 6 -29.41 -43.44 -17.36
CA VAL F 6 -28.73 -42.15 -17.29
C VAL F 6 -27.23 -42.37 -17.24
N THR F 7 -26.50 -41.59 -18.04
CA THR F 7 -25.04 -41.66 -18.11
C THR F 7 -24.48 -40.25 -18.02
N VAL F 8 -23.48 -40.05 -17.16
CA VAL F 8 -22.89 -38.74 -16.94
C VAL F 8 -21.54 -38.68 -17.67
N TYR F 9 -21.31 -37.57 -18.36
CA TYR F 9 -20.07 -37.36 -19.11
C TYR F 9 -19.35 -36.15 -18.57
N TYR F 10 -18.03 -36.27 -18.43
CA TYR F 10 -17.19 -35.22 -17.88
C TYR F 10 -16.34 -34.61 -19.00
N GLY F 11 -16.29 -33.28 -19.05
CA GLY F 11 -15.52 -32.59 -20.05
C GLY F 11 -16.26 -32.22 -21.31
N VAL F 12 -17.60 -32.23 -21.29
CA VAL F 12 -18.41 -31.91 -22.46
C VAL F 12 -18.23 -30.44 -22.82
N PRO F 13 -18.26 -30.09 -24.10
CA PRO F 13 -18.12 -28.67 -24.51
C PRO F 13 -19.42 -27.87 -24.46
N VAL F 14 -19.76 -27.41 -23.26
CA VAL F 14 -20.93 -26.58 -23.02
C VAL F 14 -20.49 -25.33 -22.29
N TRP F 15 -21.02 -24.18 -22.71
CA TRP F 15 -20.63 -22.90 -22.13
C TRP F 15 -21.81 -21.94 -22.12
N LYS F 16 -21.69 -20.92 -21.28
CA LYS F 16 -22.62 -19.80 -21.29
C LYS F 16 -21.89 -18.56 -20.81
N ASP F 17 -22.54 -17.41 -20.94
CA ASP F 17 -21.92 -16.15 -20.56
C ASP F 17 -21.66 -16.09 -19.06
N ALA F 18 -20.63 -15.34 -18.68
CA ALA F 18 -20.25 -15.21 -17.28
C ALA F 18 -19.36 -13.97 -17.13
N GLU F 19 -19.03 -13.66 -15.88
CA GLU F 19 -18.17 -12.53 -15.55
C GLU F 19 -16.99 -13.02 -14.73
N THR F 20 -15.80 -12.50 -15.04
CA THR F 20 -14.59 -12.88 -14.32
C THR F 20 -13.58 -11.75 -14.44
N THR F 21 -12.57 -11.80 -13.56
CA THR F 21 -11.53 -10.78 -13.51
C THR F 21 -10.36 -11.26 -14.36
N LEU F 22 -10.29 -10.77 -15.61
CA LEU F 22 -9.20 -11.13 -16.49
C LEU F 22 -7.90 -10.46 -16.04
N PHE F 23 -6.79 -11.11 -16.35
CA PHE F 23 -5.47 -10.62 -15.97
C PHE F 23 -4.68 -10.20 -17.21
N CYS F 24 -3.62 -9.42 -16.96
CA CYS F 24 -2.79 -8.88 -18.03
C CYS F 24 -1.85 -9.94 -18.58
N ALA F 25 -1.27 -9.62 -19.75
CA ALA F 25 -0.26 -10.49 -20.38
C ALA F 25 0.63 -9.59 -21.24
N SER F 26 1.81 -9.27 -20.72
CA SER F 26 2.73 -8.37 -21.41
C SER F 26 3.62 -9.15 -22.38
N ASP F 27 4.17 -8.42 -23.34
CA ASP F 27 5.05 -9.01 -24.33
C ASP F 27 6.43 -9.25 -23.73
N ALA F 28 7.22 -10.07 -24.43
CA ALA F 28 8.58 -10.38 -23.96
C ALA F 28 9.46 -9.12 -23.96
N LYS F 29 9.34 -8.30 -25.00
CA LYS F 29 10.14 -7.07 -25.05
C LYS F 29 9.79 -6.12 -23.92
N ALA F 30 8.48 -5.97 -23.63
CA ALA F 30 8.06 -5.08 -22.56
C ALA F 30 8.34 -5.67 -21.18
N TYR F 31 8.63 -6.96 -21.10
CA TYR F 31 8.93 -7.62 -19.83
C TYR F 31 10.41 -7.61 -19.49
N GLU F 32 11.24 -7.05 -20.35
CA GLU F 32 12.69 -7.01 -20.14
C GLU F 32 13.22 -5.61 -19.88
N THR F 33 12.68 -4.59 -20.56
CA THR F 33 13.13 -3.23 -20.34
C THR F 33 12.83 -2.77 -18.91
N GLU F 34 11.58 -2.92 -18.49
CA GLU F 34 11.15 -2.60 -17.13
C GLU F 34 11.55 -1.19 -16.71
N LYS F 35 11.35 -0.24 -17.61
CA LYS F 35 11.74 1.16 -17.36
C LYS F 35 10.60 1.95 -16.72
N HIS F 36 10.04 1.40 -15.64
CA HIS F 36 9.02 2.07 -14.82
C HIS F 36 7.88 2.62 -15.68
N ASN F 37 7.16 1.71 -16.32
CA ASN F 37 6.01 2.10 -17.13
C ASN F 37 4.87 2.56 -16.23
N VAL F 38 4.05 3.48 -16.75
CA VAL F 38 2.93 4.00 -15.97
C VAL F 38 1.88 2.94 -15.72
N TRP F 39 1.71 2.00 -16.65
CA TRP F 39 0.71 0.95 -16.52
C TRP F 39 1.20 -0.24 -15.72
N ALA F 40 2.32 -0.11 -15.01
CA ALA F 40 2.81 -1.13 -14.08
C ALA F 40 2.91 -2.50 -14.75
N THR F 41 3.46 -2.51 -15.96
CA THR F 41 3.58 -3.76 -16.71
C THR F 41 4.64 -4.69 -16.13
N HIS F 42 5.44 -4.22 -15.17
CA HIS F 42 6.40 -5.10 -14.51
C HIS F 42 5.69 -6.22 -13.75
N ALA F 43 4.58 -5.91 -13.08
CA ALA F 43 3.83 -6.93 -12.38
C ALA F 43 3.07 -7.84 -13.34
N CYS F 44 2.78 -7.36 -14.55
CA CYS F 44 2.05 -8.14 -15.52
C CYS F 44 2.88 -9.33 -15.99
N VAL F 45 2.23 -10.49 -16.12
CA VAL F 45 2.89 -11.74 -16.48
C VAL F 45 3.23 -11.71 -17.97
N PRO F 46 4.38 -12.26 -18.40
CA PRO F 46 4.66 -12.38 -19.83
C PRO F 46 3.63 -13.24 -20.57
N THR F 47 3.44 -12.95 -21.85
CA THR F 47 2.40 -13.58 -22.66
C THR F 47 2.92 -14.85 -23.31
N ASP F 48 2.04 -15.51 -24.06
CA ASP F 48 2.40 -16.72 -24.77
C ASP F 48 3.36 -16.40 -25.92
N PRO F 49 4.27 -17.33 -26.26
CA PRO F 49 5.19 -17.08 -27.37
C PRO F 49 4.50 -16.86 -28.70
N ASN F 50 3.39 -17.55 -28.96
CA ASN F 50 2.68 -17.42 -30.22
C ASN F 50 1.19 -17.58 -29.97
N PRO F 51 0.33 -16.98 -30.80
CA PRO F 51 -1.10 -17.17 -30.64
C PRO F 51 -1.49 -18.62 -30.87
N GLN F 52 -2.55 -19.06 -30.17
CA GLN F 52 -3.05 -20.42 -30.24
C GLN F 52 -4.53 -20.43 -30.59
N GLU F 53 -4.89 -19.67 -31.62
CA GLU F 53 -6.28 -19.60 -32.07
C GLU F 53 -6.77 -20.98 -32.51
N ILE F 54 -7.97 -21.35 -32.06
CA ILE F 54 -8.61 -22.60 -32.42
C ILE F 54 -9.95 -22.29 -33.05
N HIS F 55 -10.14 -22.71 -34.29
CA HIS F 55 -11.37 -22.43 -35.02
C HIS F 55 -12.45 -23.42 -34.66
N LEU F 56 -13.67 -22.92 -34.49
CA LEU F 56 -14.84 -23.74 -34.16
C LEU F 56 -15.78 -23.75 -35.35
N GLU F 57 -16.16 -24.95 -35.79
CA GLU F 57 -17.04 -25.12 -36.95
C GLU F 57 -18.45 -25.49 -36.49
N ASN F 58 -19.42 -25.10 -37.32
CA ASN F 58 -20.84 -25.38 -37.07
C ASN F 58 -21.29 -24.84 -35.71
N VAL F 59 -20.80 -23.66 -35.35
CA VAL F 59 -21.10 -23.03 -34.08
C VAL F 59 -21.73 -21.68 -34.33
N THR F 60 -22.75 -21.36 -33.54
CA THR F 60 -23.44 -20.07 -33.60
C THR F 60 -23.46 -19.47 -32.20
N GLU F 61 -22.95 -18.24 -32.08
CA GLU F 61 -22.87 -17.56 -30.80
C GLU F 61 -23.42 -16.15 -30.93
N GLU F 62 -24.04 -15.66 -29.85
CA GLU F 62 -24.61 -14.32 -29.81
C GLU F 62 -23.64 -13.37 -29.12
N PHE F 63 -23.46 -12.20 -29.72
CA PHE F 63 -22.53 -11.20 -29.22
C PHE F 63 -23.28 -9.90 -28.95
N ASN F 64 -22.73 -9.11 -28.02
CA ASN F 64 -23.32 -7.81 -27.66
C ASN F 64 -22.18 -6.92 -27.17
N MET F 65 -21.77 -5.97 -28.01
CA MET F 65 -20.65 -5.09 -27.68
C MET F 65 -21.07 -3.94 -26.78
N TRP F 66 -22.37 -3.69 -26.62
CA TRP F 66 -22.84 -2.58 -25.80
C TRP F 66 -23.14 -2.98 -24.36
N LYS F 67 -23.24 -4.27 -24.08
CA LYS F 67 -23.41 -4.77 -22.72
C LYS F 67 -22.27 -5.70 -22.29
N ASN F 68 -21.18 -5.71 -23.04
CA ASN F 68 -20.03 -6.55 -22.68
C ASN F 68 -19.34 -5.99 -21.45
N ASN F 69 -19.03 -6.86 -20.50
CA ASN F 69 -18.42 -6.45 -19.25
C ASN F 69 -16.90 -6.35 -19.33
N MET F 70 -16.29 -6.74 -20.45
CA MET F 70 -14.85 -6.62 -20.59
C MET F 70 -14.42 -5.15 -20.58
N VAL F 71 -15.18 -4.29 -21.25
CA VAL F 71 -14.83 -2.87 -21.29
C VAL F 71 -14.95 -2.24 -19.92
N GLU F 72 -15.93 -2.67 -19.13
CA GLU F 72 -16.08 -2.15 -17.77
C GLU F 72 -14.87 -2.51 -16.92
N GLN F 73 -14.38 -3.75 -17.04
CA GLN F 73 -13.17 -4.14 -16.32
C GLN F 73 -11.97 -3.36 -16.81
N MET F 74 -11.85 -3.15 -18.13
CA MET F 74 -10.76 -2.35 -18.66
C MET F 74 -10.83 -0.91 -18.16
N HIS F 75 -12.03 -0.33 -18.18
CA HIS F 75 -12.20 1.04 -17.69
C HIS F 75 -11.87 1.14 -16.20
N THR F 76 -12.32 0.17 -15.41
CA THR F 76 -12.05 0.20 -13.98
C THR F 76 -10.56 0.04 -13.68
N ASP F 77 -9.90 -0.87 -14.40
CA ASP F 77 -8.48 -1.13 -14.13
C ASP F 77 -7.63 0.09 -14.43
N ILE F 78 -7.76 0.66 -15.64
CA ILE F 78 -6.83 1.69 -16.11
C ILE F 78 -6.84 2.89 -15.17
N ILE F 79 -7.98 3.22 -14.58
CA ILE F 79 -8.02 4.28 -13.57
C ILE F 79 -7.15 3.91 -12.38
N SER F 80 -7.24 2.66 -11.92
CA SER F 80 -6.43 2.22 -10.79
C SER F 80 -4.95 2.22 -11.12
N LEU F 81 -4.59 1.81 -12.34
CA LEU F 81 -3.20 1.88 -12.77
C LEU F 81 -2.71 3.32 -12.81
N TRP F 82 -3.55 4.24 -13.28
CA TRP F 82 -3.15 5.65 -13.33
C TRP F 82 -2.92 6.21 -11.92
N ASP F 83 -3.81 5.88 -10.99
CA ASP F 83 -3.67 6.39 -9.63
C ASP F 83 -2.44 5.81 -8.93
N GLN F 84 -2.17 4.52 -9.17
CA GLN F 84 -1.05 3.86 -8.48
C GLN F 84 0.30 4.41 -8.89
N SER F 85 0.42 4.99 -10.08
CA SER F 85 1.69 5.49 -10.57
C SER F 85 2.01 6.91 -10.10
N LEU F 86 1.07 7.56 -9.40
CA LEU F 86 1.29 8.93 -8.94
C LEU F 86 1.67 9.02 -7.47
N LYS F 87 1.44 7.97 -6.69
CA LYS F 87 1.77 8.00 -5.27
C LYS F 87 3.27 8.17 -4.99
N PRO F 88 4.19 7.41 -5.62
CA PRO F 88 5.58 7.46 -5.15
C PRO F 88 6.38 8.64 -5.68
N CYS F 89 5.72 9.66 -6.22
CA CYS F 89 6.41 10.84 -6.75
C CYS F 89 5.83 12.10 -6.13
N VAL F 90 6.40 13.24 -6.49
CA VAL F 90 6.25 14.47 -5.72
C VAL F 90 4.80 14.98 -5.77
N LYS F 91 4.41 15.68 -4.71
CA LYS F 91 3.11 16.34 -4.61
C LYS F 91 3.34 17.84 -4.57
N LEU F 92 2.62 18.59 -5.43
CA LEU F 92 2.80 20.03 -5.53
C LEU F 92 1.79 20.77 -4.64
N THR F 93 1.87 20.50 -3.34
CA THR F 93 0.99 21.17 -2.40
C THR F 93 1.35 22.62 -2.10
N PRO F 94 2.62 23.04 -2.07
CA PRO F 94 2.91 24.43 -1.68
C PRO F 94 2.92 25.42 -2.84
N LEU F 95 2.60 24.99 -4.06
CA LEU F 95 2.61 25.89 -5.21
C LEU F 95 1.43 26.86 -5.22
N CYS F 96 0.41 26.63 -4.40
CA CYS F 96 -0.72 27.54 -4.31
C CYS F 96 -0.27 28.77 -3.53
N VAL F 97 0.18 29.79 -4.27
CA VAL F 97 0.69 31.03 -3.70
C VAL F 97 0.30 32.16 -4.64
N THR F 98 0.45 33.40 -4.18
CA THR F 98 0.17 34.55 -5.02
C THR F 98 1.16 34.62 -6.18
N LEU F 99 0.64 34.79 -7.38
CA LEU F 99 1.45 34.85 -8.60
C LEU F 99 1.30 36.21 -9.26
N GLN F 100 2.42 36.77 -9.71
CA GLN F 100 2.43 38.03 -10.46
C GLN F 100 2.84 37.70 -11.89
N CYS F 101 1.87 37.59 -12.77
CA CYS F 101 2.09 37.15 -14.14
C CYS F 101 1.96 38.34 -15.10
N THR F 102 2.91 38.44 -16.03
CA THR F 102 2.88 39.46 -17.07
C THR F 102 3.07 38.79 -18.42
N ASN F 103 2.59 39.45 -19.46
CA ASN F 103 2.69 38.92 -20.81
C ASN F 103 4.15 38.85 -21.25
N VAL F 104 4.43 37.89 -22.13
CA VAL F 104 5.74 37.78 -22.78
C VAL F 104 5.61 38.32 -24.19
N THR F 105 6.54 39.20 -24.58
CA THR F 105 6.52 39.84 -25.89
C THR F 105 7.94 39.83 -26.47
N ASN F 106 8.61 38.69 -26.42
CA ASN F 106 9.95 38.59 -26.97
C ASN F 106 9.91 38.37 -28.48
N ASN F 107 9.37 37.24 -28.91
CA ASN F 107 9.23 36.92 -30.32
C ASN F 107 7.88 36.28 -30.60
N ILE F 108 6.82 36.86 -30.02
CA ILE F 108 5.50 36.25 -30.11
C ILE F 108 4.95 36.38 -31.53
N THR F 109 3.95 35.54 -31.82
CA THR F 109 3.22 35.56 -33.07
C THR F 109 1.82 36.10 -32.81
N ASP F 110 1.18 36.61 -33.87
CA ASP F 110 -0.18 37.14 -33.75
C ASP F 110 -1.13 36.11 -33.16
N ASP F 111 -0.96 34.84 -33.54
CA ASP F 111 -1.78 33.78 -32.96
C ASP F 111 -1.51 33.63 -31.48
N MET F 112 -0.25 33.66 -31.07
CA MET F 112 0.14 33.50 -29.67
C MET F 112 0.33 34.87 -29.01
N ARG F 113 -0.72 35.70 -29.09
CA ARG F 113 -0.63 37.07 -28.60
C ARG F 113 -0.46 37.10 -27.08
N GLY F 114 -1.29 36.37 -26.36
CA GLY F 114 -1.22 36.36 -24.91
C GLY F 114 -1.38 34.96 -24.35
N GLU F 115 -0.93 33.96 -25.10
CA GLU F 115 -1.06 32.57 -24.69
C GLU F 115 -0.06 32.16 -23.62
N LEU F 116 0.99 32.95 -23.40
CA LEU F 116 2.04 32.62 -22.45
C LEU F 116 2.22 33.76 -21.45
N LYS F 117 2.31 33.41 -20.18
CA LYS F 117 2.47 34.39 -19.11
C LYS F 117 3.75 34.13 -18.33
N ASN F 118 4.45 35.20 -17.98
CA ASN F 118 5.68 35.11 -17.20
C ASN F 118 5.30 35.35 -15.74
N CYS F 119 5.27 34.27 -14.96
CA CYS F 119 4.79 34.32 -13.58
C CYS F 119 5.96 34.18 -12.62
N SER F 120 5.99 35.03 -11.60
CA SER F 120 6.99 34.98 -10.56
C SER F 120 6.29 34.88 -9.21
N PHE F 121 6.91 34.13 -8.28
CA PHE F 121 6.29 33.85 -7.00
C PHE F 121 7.37 33.50 -5.99
N ASN F 122 6.99 33.56 -4.71
CA ASN F 122 7.88 33.21 -3.62
C ASN F 122 7.72 31.73 -3.27
N MET F 123 8.77 30.95 -3.44
CA MET F 123 8.72 29.51 -3.21
C MET F 123 9.70 29.12 -2.12
N THR F 124 9.32 28.12 -1.34
CA THR F 124 10.14 27.67 -0.22
C THR F 124 11.43 27.01 -0.72
N THR F 125 12.52 27.28 -0.02
CA THR F 125 13.81 26.68 -0.32
C THR F 125 13.99 25.40 0.50
N GLU F 126 15.22 24.87 0.53
CA GLU F 126 15.50 23.67 1.32
C GLU F 126 15.29 23.91 2.81
N LEU F 127 15.48 25.15 3.27
CA LEU F 127 15.30 25.49 4.67
C LEU F 127 13.89 26.04 4.90
N ARG F 128 13.27 25.63 6.01
CA ARG F 128 11.91 26.03 6.29
C ARG F 128 11.78 27.50 6.65
N ASP F 129 12.87 28.14 7.06
CA ASP F 129 12.84 29.53 7.53
C ASP F 129 13.18 30.55 6.44
N LYS F 130 13.40 30.10 5.21
CA LYS F 130 13.78 31.00 4.13
C LYS F 130 12.92 30.75 2.90
N LYS F 131 12.69 31.81 2.12
CA LYS F 131 11.88 31.75 0.88
C LYS F 131 12.60 32.53 -0.22
N GLN F 132 12.76 31.98 -1.41
CA GLN F 132 13.51 32.56 -2.52
C GLN F 132 12.57 32.88 -3.66
N LYS F 133 12.78 34.03 -4.30
CA LYS F 133 11.96 34.45 -5.42
C LYS F 133 12.35 33.66 -6.67
N VAL F 134 11.35 33.08 -7.34
CA VAL F 134 11.57 32.31 -8.56
C VAL F 134 10.57 32.75 -9.60
N TYR F 135 10.86 32.41 -10.86
CA TYR F 135 10.00 32.75 -11.98
C TYR F 135 9.85 31.53 -12.88
N SER F 136 8.74 31.51 -13.62
CA SER F 136 8.46 30.44 -14.56
C SER F 136 7.45 30.93 -15.59
N LEU F 137 7.32 30.18 -16.67
CA LEU F 137 6.35 30.47 -17.72
C LEU F 137 5.18 29.51 -17.62
N PHE F 138 3.96 30.05 -17.57
CA PHE F 138 2.75 29.27 -17.46
C PHE F 138 1.81 29.61 -18.60
N TYR F 139 1.09 28.60 -19.09
CA TYR F 139 0.10 28.82 -20.13
C TYR F 139 -1.11 29.54 -19.56
N ARG F 140 -1.88 30.19 -20.43
CA ARG F 140 -3.03 30.94 -19.93
C ARG F 140 -4.08 30.02 -19.33
N LEU F 141 -4.23 28.81 -19.87
CA LEU F 141 -5.26 27.89 -19.40
C LEU F 141 -5.02 27.40 -17.97
N ASP F 142 -3.82 27.60 -17.43
CA ASP F 142 -3.48 27.13 -16.09
C ASP F 142 -3.44 28.24 -15.06
N VAL F 143 -3.82 29.46 -15.43
CA VAL F 143 -3.81 30.60 -14.52
C VAL F 143 -5.14 31.33 -14.63
N VAL F 144 -5.70 31.72 -13.50
CA VAL F 144 -6.94 32.47 -13.43
C VAL F 144 -6.71 33.72 -12.60
N GLN F 145 -7.18 34.86 -13.09
CA GLN F 145 -6.99 36.12 -12.39
C GLN F 145 -7.79 36.13 -11.10
N ILE F 146 -7.23 36.76 -10.06
CA ILE F 146 -7.92 36.87 -8.78
C ILE F 146 -8.90 38.02 -8.79
N ASN F 147 -8.45 39.18 -9.27
CA ASN F 147 -9.31 40.37 -9.34
C ASN F 147 -9.89 40.53 -10.74
N LYS F 159 -0.66 41.97 -12.96
CA LYS F 159 -1.74 41.81 -11.98
C LYS F 159 -1.48 40.61 -11.08
N GLU F 160 -2.56 40.06 -10.52
CA GLU F 160 -2.48 38.93 -9.61
C GLU F 160 -3.17 37.73 -10.23
N TYR F 161 -2.50 36.57 -10.21
CA TYR F 161 -3.03 35.35 -10.78
C TYR F 161 -2.80 34.19 -9.81
N ARG F 162 -3.51 33.09 -10.07
CA ARG F 162 -3.36 31.89 -9.27
C ARG F 162 -3.72 30.68 -10.13
N LEU F 163 -3.24 29.51 -9.72
CA LEU F 163 -3.53 28.29 -10.46
C LEU F 163 -5.00 27.92 -10.33
N ILE F 164 -5.53 27.32 -11.40
CA ILE F 164 -6.95 26.98 -11.44
C ILE F 164 -7.27 25.88 -10.43
N ASN F 165 -6.34 24.93 -10.23
CA ASN F 165 -6.60 23.81 -9.36
C ASN F 165 -6.54 24.16 -7.88
N CYS F 166 -6.12 25.38 -7.53
CA CYS F 166 -5.92 25.72 -6.13
C CYS F 166 -7.22 25.66 -5.33
N ASN F 167 -8.32 26.14 -5.91
CA ASN F 167 -9.58 26.21 -5.18
C ASN F 167 -10.42 24.94 -5.32
N THR F 168 -9.92 23.91 -6.00
CA THR F 168 -10.65 22.65 -6.11
C THR F 168 -9.91 21.50 -5.45
N SER F 169 -8.62 21.30 -5.72
CA SER F 169 -7.84 20.23 -5.12
C SER F 169 -6.38 20.40 -5.50
N ALA F 170 -5.49 20.14 -4.55
CA ALA F 170 -4.06 20.09 -4.83
C ALA F 170 -3.66 18.68 -5.24
N CYS F 171 -2.87 18.59 -6.30
CA CYS F 171 -2.53 17.29 -6.87
C CYS F 171 -1.05 17.15 -7.19
N THR F 172 -0.69 16.01 -7.80
CA THR F 172 0.69 15.59 -7.92
C THR F 172 1.26 15.99 -9.29
N GLN F 173 2.52 16.41 -9.29
CA GLN F 173 3.23 16.59 -10.54
C GLN F 173 3.46 15.24 -11.21
N ALA F 174 3.26 15.20 -12.53
CA ALA F 174 3.52 13.97 -13.26
C ALA F 174 4.98 13.57 -13.09
N CYS F 175 5.19 12.31 -12.74
CA CYS F 175 6.51 11.86 -12.33
C CYS F 175 7.45 11.89 -13.53
N PRO F 176 8.70 12.36 -13.37
CA PRO F 176 9.55 12.58 -14.54
C PRO F 176 10.20 11.32 -15.08
N LYS F 177 10.39 10.30 -14.25
CA LYS F 177 11.04 9.07 -14.70
C LYS F 177 10.08 8.07 -15.33
N VAL F 178 8.78 8.36 -15.35
CA VAL F 178 7.79 7.44 -15.91
C VAL F 178 7.45 7.88 -17.32
N SER F 179 7.06 6.92 -18.16
CA SER F 179 6.73 7.17 -19.56
C SER F 179 5.26 6.87 -19.81
N PHE F 180 4.68 7.59 -20.77
CA PHE F 180 3.27 7.47 -21.11
C PHE F 180 3.05 6.78 -22.46
N GLU F 181 4.04 6.05 -22.96
CA GLU F 181 3.90 5.39 -24.24
C GLU F 181 2.93 4.22 -24.13
N PRO F 182 1.86 4.18 -24.92
CA PRO F 182 0.84 3.11 -24.83
C PRO F 182 1.30 1.80 -25.48
N ILE F 183 2.06 1.02 -24.72
CA ILE F 183 2.49 -0.31 -25.18
C ILE F 183 1.29 -1.24 -25.16
N PRO F 184 1.22 -2.22 -26.07
CA PRO F 184 0.06 -3.11 -26.10
C PRO F 184 -0.01 -4.00 -24.86
N ILE F 185 -1.23 -4.33 -24.48
CA ILE F 185 -1.50 -5.22 -23.36
C ILE F 185 -2.53 -6.25 -23.78
N HIS F 186 -2.41 -7.45 -23.22
CA HIS F 186 -3.30 -8.57 -23.52
C HIS F 186 -4.12 -8.91 -22.30
N TYR F 187 -5.44 -8.97 -22.45
CA TYR F 187 -6.35 -9.37 -21.39
C TYR F 187 -6.65 -10.85 -21.54
N CYS F 188 -6.36 -11.63 -20.48
CA CYS F 188 -6.55 -13.07 -20.52
C CYS F 188 -7.30 -13.54 -19.29
N ALA F 189 -8.20 -14.53 -19.51
CA ALA F 189 -9.09 -15.24 -18.61
C ALA F 189 -8.36 -16.37 -17.88
N PRO F 190 -8.80 -16.73 -16.68
CA PRO F 190 -8.15 -17.83 -15.96
C PRO F 190 -8.68 -19.19 -16.35
N ALA F 191 -8.26 -20.24 -15.65
CA ALA F 191 -8.69 -21.59 -15.95
C ALA F 191 -10.19 -21.73 -15.74
N GLY F 192 -10.81 -22.57 -16.56
CA GLY F 192 -12.24 -22.76 -16.54
C GLY F 192 -13.03 -21.76 -17.36
N PHE F 193 -12.35 -20.78 -17.97
CA PHE F 193 -13.01 -19.77 -18.80
C PHE F 193 -12.34 -19.74 -20.16
N ALA F 194 -13.11 -19.35 -21.18
CA ALA F 194 -12.62 -19.27 -22.53
C ALA F 194 -13.09 -17.97 -23.17
N ILE F 195 -12.32 -17.51 -24.16
CA ILE F 195 -12.62 -16.27 -24.88
C ILE F 195 -12.96 -16.64 -26.32
N LEU F 196 -14.12 -16.17 -26.78
CA LEU F 196 -14.59 -16.44 -28.13
C LEU F 196 -14.45 -15.18 -28.98
N LYS F 197 -13.81 -15.32 -30.13
CA LYS F 197 -13.58 -14.21 -31.05
C LYS F 197 -14.46 -14.40 -32.29
N CYS F 198 -15.17 -13.34 -32.67
CA CYS F 198 -16.04 -13.36 -33.85
C CYS F 198 -15.20 -12.98 -35.07
N LYS F 199 -15.01 -13.94 -35.97
CA LYS F 199 -14.24 -13.70 -37.18
C LYS F 199 -15.08 -13.18 -38.34
N ASP F 200 -16.38 -13.00 -38.14
CA ASP F 200 -17.22 -12.41 -39.17
C ASP F 200 -16.81 -10.97 -39.42
N LYS F 201 -16.89 -10.55 -40.68
CA LYS F 201 -16.49 -9.20 -41.05
C LYS F 201 -17.68 -8.26 -41.26
N LYS F 202 -18.89 -8.80 -41.40
CA LYS F 202 -20.09 -8.00 -41.53
C LYS F 202 -20.81 -7.78 -40.20
N PHE F 203 -20.24 -8.26 -39.10
CA PHE F 203 -20.84 -8.09 -37.77
C PHE F 203 -20.92 -6.62 -37.41
N ASN F 204 -22.14 -6.08 -37.32
CA ASN F 204 -22.29 -4.65 -37.07
C ASN F 204 -22.18 -4.31 -35.59
N GLY F 205 -23.15 -4.74 -34.79
CA GLY F 205 -23.03 -4.58 -33.35
C GLY F 205 -23.67 -5.67 -32.52
N THR F 206 -24.34 -6.61 -33.17
CA THR F 206 -25.12 -7.64 -32.49
C THR F 206 -25.59 -8.66 -33.53
N GLY F 207 -25.67 -9.91 -33.11
CA GLY F 207 -26.20 -10.95 -33.96
C GLY F 207 -25.35 -12.20 -33.96
N PRO F 208 -25.86 -13.27 -34.56
CA PRO F 208 -25.07 -14.51 -34.66
C PRO F 208 -23.82 -14.30 -35.49
N CYS F 209 -22.74 -14.96 -35.08
CA CYS F 209 -21.47 -14.86 -35.78
C CYS F 209 -21.18 -16.18 -36.48
N PRO F 210 -21.20 -16.22 -37.82
CA PRO F 210 -21.02 -17.50 -38.52
C PRO F 210 -19.71 -18.19 -38.21
N SER F 211 -18.63 -17.43 -38.02
CA SER F 211 -17.30 -17.99 -37.76
C SER F 211 -16.83 -17.49 -36.41
N VAL F 212 -16.91 -18.37 -35.40
CA VAL F 212 -16.46 -18.08 -34.05
C VAL F 212 -15.24 -18.95 -33.76
N SER F 213 -14.15 -18.32 -33.34
CA SER F 213 -12.91 -19.02 -33.04
C SER F 213 -12.48 -18.68 -31.62
N THR F 214 -12.23 -19.71 -30.81
CA THR F 214 -11.72 -19.50 -29.47
C THR F 214 -10.21 -19.25 -29.53
N VAL F 215 -9.73 -18.40 -28.63
CA VAL F 215 -8.33 -18.00 -28.59
C VAL F 215 -7.85 -18.14 -27.15
N GLN F 216 -6.53 -18.26 -26.99
CA GLN F 216 -5.94 -18.27 -25.67
C GLN F 216 -6.38 -17.04 -24.89
N CYS F 217 -6.24 -15.86 -25.48
CA CYS F 217 -6.80 -14.63 -24.95
C CYS F 217 -6.64 -13.54 -26.01
N THR F 218 -7.01 -12.32 -25.65
CA THR F 218 -7.10 -11.23 -26.61
C THR F 218 -5.71 -10.84 -27.14
N HIS F 219 -5.71 -10.16 -28.28
CA HIS F 219 -4.49 -9.66 -28.89
C HIS F 219 -4.05 -8.37 -28.22
N GLY F 220 -2.95 -7.81 -28.71
CA GLY F 220 -2.43 -6.57 -28.17
C GLY F 220 -3.36 -5.39 -28.34
N ILE F 221 -3.74 -4.75 -27.24
CA ILE F 221 -4.62 -3.60 -27.26
C ILE F 221 -3.87 -2.41 -26.66
N LYS F 222 -3.73 -1.34 -27.43
CA LYS F 222 -3.01 -0.16 -26.98
C LYS F 222 -3.95 0.75 -26.22
N PRO F 223 -3.68 1.07 -24.95
CA PRO F 223 -4.57 1.94 -24.17
C PRO F 223 -4.39 3.41 -24.53
N VAL F 224 -4.88 3.79 -25.70
CA VAL F 224 -4.79 5.16 -26.21
C VAL F 224 -6.03 5.92 -25.77
N VAL F 225 -5.82 7.10 -25.20
CA VAL F 225 -6.91 7.95 -24.74
C VAL F 225 -7.05 9.11 -25.73
N SER F 226 -8.22 9.24 -26.34
CA SER F 226 -8.47 10.29 -27.30
C SER F 226 -9.96 10.60 -27.33
N THR F 227 -10.29 11.81 -27.80
CA THR F 227 -11.67 12.26 -27.91
C THR F 227 -11.93 12.74 -29.33
N GLN F 228 -13.15 12.46 -29.81
CA GLN F 228 -13.65 12.88 -31.12
C GLN F 228 -12.99 12.13 -32.26
N LEU F 229 -11.96 11.35 -31.96
CA LEU F 229 -11.27 10.57 -32.98
C LEU F 229 -10.67 9.33 -32.31
N LEU F 230 -10.37 8.33 -33.12
CA LEU F 230 -9.71 7.12 -32.66
C LEU F 230 -8.32 7.06 -33.28
N LEU F 231 -7.30 7.02 -32.43
CA LEU F 231 -5.91 7.06 -32.87
C LEU F 231 -5.22 5.74 -32.58
N ASN F 232 -4.43 5.27 -33.55
CA ASN F 232 -3.65 4.04 -33.41
C ASN F 232 -4.52 2.84 -33.07
N GLY F 233 -5.70 2.78 -33.68
CA GLY F 233 -6.65 1.72 -33.42
C GLY F 233 -6.53 0.57 -34.40
N SER F 234 -7.61 -0.19 -34.50
CA SER F 234 -7.70 -1.33 -35.40
C SER F 234 -8.38 -0.93 -36.71
N LEU F 235 -7.97 -1.57 -37.79
CA LEU F 235 -8.46 -1.24 -39.12
C LEU F 235 -9.37 -2.35 -39.64
N ALA F 236 -10.51 -1.96 -40.21
CA ALA F 236 -11.39 -2.90 -40.88
C ALA F 236 -10.83 -3.26 -42.25
N GLU F 237 -11.36 -4.34 -42.83
CA GLU F 237 -10.90 -4.85 -44.11
C GLU F 237 -11.96 -4.60 -45.17
N GLU F 238 -11.56 -3.91 -46.25
CA GLU F 238 -12.33 -3.72 -47.47
C GLU F 238 -13.73 -3.16 -47.25
N GLU F 239 -14.00 -2.63 -46.05
CA GLU F 239 -15.30 -2.04 -45.76
C GLU F 239 -15.14 -0.98 -44.69
N VAL F 240 -16.11 -0.08 -44.63
CA VAL F 240 -16.22 0.91 -43.56
C VAL F 240 -17.42 0.53 -42.71
N MET F 241 -17.16 0.26 -41.43
CA MET F 241 -18.16 -0.26 -40.52
C MET F 241 -18.68 0.84 -39.61
N ILE F 242 -19.99 0.97 -39.51
CA ILE F 242 -20.65 1.94 -38.64
C ILE F 242 -21.45 1.17 -37.62
N ARG F 243 -21.16 1.40 -36.33
CA ARG F 243 -21.78 0.66 -35.24
C ARG F 243 -22.42 1.63 -34.25
N SER F 244 -23.65 1.34 -33.86
CA SER F 244 -24.36 2.15 -32.89
C SER F 244 -25.33 1.27 -32.11
N GLU F 245 -25.53 1.61 -30.84
CA GLU F 245 -26.46 0.85 -30.01
C GLU F 245 -27.88 0.97 -30.54
N ASN F 246 -28.29 2.17 -30.95
CA ASN F 246 -29.62 2.39 -31.51
C ASN F 246 -29.50 3.55 -32.50
N ILE F 247 -29.54 3.21 -33.79
CA ILE F 247 -29.37 4.23 -34.83
C ILE F 247 -30.54 5.21 -34.80
N THR F 248 -31.74 4.71 -34.50
CA THR F 248 -32.92 5.57 -34.47
C THR F 248 -32.78 6.65 -33.40
N ASN F 249 -32.30 6.28 -32.21
CA ASN F 249 -32.13 7.24 -31.13
C ASN F 249 -30.96 8.16 -31.42
N ASN F 250 -31.17 9.47 -31.28
CA ASN F 250 -30.12 10.44 -31.52
C ASN F 250 -29.22 10.65 -30.31
N ALA F 251 -29.59 10.14 -29.13
CA ALA F 251 -28.77 10.29 -27.94
C ALA F 251 -27.67 9.25 -27.83
N LYS F 252 -27.62 8.29 -28.75
CA LYS F 252 -26.62 7.23 -28.74
C LYS F 252 -25.50 7.58 -29.71
N ASN F 253 -24.26 7.47 -29.25
CA ASN F 253 -23.12 7.80 -30.07
C ASN F 253 -22.98 6.81 -31.23
N ILE F 254 -22.35 7.28 -32.31
CA ILE F 254 -22.14 6.49 -33.52
C ILE F 254 -20.65 6.25 -33.69
N LEU F 255 -20.26 4.99 -33.85
CA LEU F 255 -18.87 4.60 -33.99
C LEU F 255 -18.58 4.25 -35.43
N VAL F 256 -17.49 4.82 -35.97
CA VAL F 256 -17.10 4.61 -37.35
C VAL F 256 -15.72 3.97 -37.36
N GLN F 257 -15.48 3.13 -38.37
CA GLN F 257 -14.20 2.46 -38.55
C GLN F 257 -13.71 2.69 -39.97
N PHE F 258 -12.41 2.91 -40.12
CA PHE F 258 -11.80 3.20 -41.41
C PHE F 258 -11.03 1.97 -41.90
N ASN F 259 -11.26 1.59 -43.14
CA ASN F 259 -10.48 0.50 -43.73
C ASN F 259 -9.07 0.96 -44.10
N THR F 260 -8.94 2.18 -44.63
CA THR F 260 -7.65 2.75 -44.99
C THR F 260 -7.32 3.87 -44.02
N PRO F 261 -6.27 3.74 -43.21
CA PRO F 261 -5.97 4.79 -42.23
C PRO F 261 -5.50 6.07 -42.91
N VAL F 262 -5.79 7.19 -42.25
CA VAL F 262 -5.34 8.50 -42.69
C VAL F 262 -4.37 9.04 -41.63
N GLN F 263 -3.26 9.60 -42.10
CA GLN F 263 -2.17 10.00 -41.21
C GLN F 263 -2.33 11.45 -40.79
N ILE F 264 -2.06 11.72 -39.52
CA ILE F 264 -2.11 13.06 -38.96
C ILE F 264 -0.77 13.37 -38.32
N ASN F 265 -0.21 14.54 -38.63
CA ASN F 265 1.06 14.97 -38.10
C ASN F 265 0.86 16.13 -37.13
N CYS F 266 1.35 15.97 -35.91
CA CYS F 266 1.23 16.98 -34.87
C CYS F 266 2.60 17.30 -34.30
N THR F 267 2.85 18.59 -34.06
CA THR F 267 4.16 19.02 -33.59
C THR F 267 4.01 20.30 -32.77
N ARG F 268 5.02 20.57 -31.96
CA ARG F 268 5.12 21.82 -31.20
C ARG F 268 6.35 22.58 -31.68
N PRO F 269 6.18 23.63 -32.49
CA PRO F 269 7.37 24.34 -33.02
C PRO F 269 8.21 25.03 -31.96
N ASN F 270 7.64 25.33 -30.80
CA ASN F 270 8.37 26.04 -29.77
C ASN F 270 9.48 25.18 -29.17
N ASN F 271 10.62 25.81 -28.91
CA ASN F 271 11.77 25.16 -28.29
C ASN F 271 11.97 25.77 -26.91
N ASN F 272 11.73 24.97 -25.87
CA ASN F 272 11.81 25.45 -24.49
C ASN F 272 12.74 24.55 -23.69
N THR F 273 13.33 25.12 -22.64
CA THR F 273 14.26 24.42 -21.77
C THR F 273 13.63 24.21 -20.40
N ARG F 274 13.76 22.99 -19.89
CA ARG F 274 13.22 22.66 -18.57
C ARG F 274 14.15 23.18 -17.47
N LYS F 275 13.54 23.75 -16.44
CA LYS F 275 14.26 24.29 -15.29
C LYS F 275 13.73 23.64 -14.03
N SER F 276 14.63 23.15 -13.18
CA SER F 276 14.27 22.47 -11.94
C SER F 276 14.33 23.46 -10.78
N ILE F 277 13.26 23.52 -9.99
CA ILE F 277 13.17 24.38 -8.83
C ILE F 277 12.97 23.52 -7.60
N ARG F 278 13.82 23.72 -6.59
CA ARG F 278 13.73 22.96 -5.36
C ARG F 278 12.68 23.57 -4.45
N ILE F 279 11.62 22.81 -4.15
CA ILE F 279 10.53 23.30 -3.32
C ILE F 279 10.62 22.79 -1.89
N GLY F 280 11.59 21.93 -1.58
CA GLY F 280 11.75 21.39 -0.25
C GLY F 280 12.84 20.35 -0.18
N PRO F 281 13.01 19.73 0.99
CA PRO F 281 14.03 18.69 1.13
C PRO F 281 13.64 17.40 0.41
N GLY F 282 14.35 17.08 -0.67
CA GLY F 282 14.07 15.89 -1.44
C GLY F 282 12.95 16.02 -2.45
N GLN F 283 12.41 17.23 -2.64
CA GLN F 283 11.34 17.47 -3.61
C GLN F 283 11.82 18.50 -4.63
N ALA F 284 11.49 18.26 -5.89
CA ALA F 284 11.87 19.15 -6.98
C ALA F 284 10.67 19.43 -7.87
N PHE F 285 10.58 20.68 -8.35
CA PHE F 285 9.52 21.11 -9.24
C PHE F 285 10.14 21.59 -10.54
N TYR F 286 9.74 20.96 -11.64
CA TYR F 286 10.29 21.28 -12.96
C TYR F 286 9.38 22.29 -13.65
N ALA F 287 9.94 23.43 -14.05
CA ALA F 287 9.18 24.51 -14.66
C ALA F 287 9.85 24.93 -15.95
N THR F 288 9.04 25.47 -16.87
CA THR F 288 9.53 25.95 -18.15
C THR F 288 10.45 27.15 -17.93
N GLY F 289 11.74 26.97 -18.22
CA GLY F 289 12.71 28.02 -18.02
C GLY F 289 12.55 29.18 -18.98
N ASP F 290 12.84 28.94 -20.26
CA ASP F 290 12.74 29.98 -21.27
C ASP F 290 12.60 29.32 -22.63
N ILE F 291 12.07 30.08 -23.59
CA ILE F 291 11.85 29.60 -24.95
C ILE F 291 12.92 30.21 -25.84
N ILE F 292 13.65 29.34 -26.55
CA ILE F 292 14.72 29.77 -27.44
C ILE F 292 14.16 29.95 -28.84
N GLY F 293 14.32 31.13 -29.40
CA GLY F 293 13.84 31.41 -30.74
C GLY F 293 12.44 32.01 -30.74
N ASP F 294 11.82 31.95 -31.92
CA ASP F 294 10.48 32.50 -32.09
C ASP F 294 9.44 31.63 -31.37
N ILE F 295 8.31 32.26 -31.05
CA ILE F 295 7.20 31.59 -30.39
C ILE F 295 6.07 31.47 -31.41
N ARG F 296 5.62 30.23 -31.65
CA ARG F 296 4.55 29.98 -32.61
C ARG F 296 3.58 28.96 -32.02
N GLN F 297 2.34 29.04 -32.48
CA GLN F 297 1.29 28.15 -32.00
C GLN F 297 1.46 26.75 -32.57
N ALA F 298 1.17 25.74 -31.75
CA ALA F 298 1.19 24.37 -32.21
C ALA F 298 0.03 24.11 -33.16
N HIS F 299 0.20 23.11 -34.02
CA HIS F 299 -0.80 22.81 -35.03
C HIS F 299 -0.63 21.37 -35.49
N CYS F 300 -1.68 20.84 -36.12
CA CYS F 300 -1.69 19.50 -36.68
C CYS F 300 -2.11 19.56 -38.14
N ASN F 301 -1.52 18.67 -38.94
CA ASN F 301 -1.74 18.65 -40.39
C ASN F 301 -2.44 17.35 -40.77
N VAL F 302 -3.48 17.46 -41.59
CA VAL F 302 -4.17 16.32 -42.18
C VAL F 302 -4.31 16.59 -43.68
N SER F 303 -3.93 15.63 -44.50
CA SER F 303 -4.00 15.81 -45.94
C SER F 303 -5.46 15.94 -46.39
N LYS F 304 -5.72 16.97 -47.20
CA LYS F 304 -7.08 17.21 -47.65
C LYS F 304 -7.56 16.12 -48.60
N ALA F 305 -6.69 15.67 -49.50
CA ALA F 305 -7.10 14.66 -50.48
C ALA F 305 -7.50 13.35 -49.82
N THR F 306 -6.71 12.92 -48.83
CA THR F 306 -7.01 11.67 -48.15
C THR F 306 -8.24 11.80 -47.26
N TRP F 307 -8.35 12.92 -46.52
CA TRP F 307 -9.48 13.10 -45.63
C TRP F 307 -10.80 13.21 -46.41
N ASN F 308 -10.79 13.96 -47.52
CA ASN F 308 -12.00 14.09 -48.32
C ASN F 308 -12.40 12.75 -48.93
N GLU F 309 -11.42 11.97 -49.38
CA GLU F 309 -11.72 10.65 -49.92
C GLU F 309 -12.30 9.74 -48.85
N THR F 310 -11.76 9.80 -47.63
CA THR F 310 -12.29 8.99 -46.54
C THR F 310 -13.72 9.39 -46.19
N LEU F 311 -14.00 10.69 -46.18
CA LEU F 311 -15.36 11.15 -45.88
C LEU F 311 -16.36 10.64 -46.91
N GLY F 312 -15.94 10.47 -48.17
CA GLY F 312 -16.84 9.93 -49.16
C GLY F 312 -17.24 8.50 -48.87
N LYS F 313 -16.31 7.71 -48.32
CA LYS F 313 -16.65 6.34 -47.92
C LYS F 313 -17.63 6.34 -46.75
N VAL F 314 -17.46 7.26 -45.81
CA VAL F 314 -18.29 7.29 -44.61
C VAL F 314 -19.74 7.59 -44.98
N VAL F 315 -19.96 8.59 -45.83
CA VAL F 315 -21.33 8.99 -46.16
C VAL F 315 -22.06 7.90 -46.92
N LYS F 316 -21.36 7.15 -47.77
CA LYS F 316 -22.00 6.08 -48.53
C LYS F 316 -22.55 5.00 -47.60
N GLN F 317 -21.75 4.57 -46.63
CA GLN F 317 -22.22 3.59 -45.64
C GLN F 317 -23.27 4.21 -44.72
N LEU F 318 -23.09 5.47 -44.35
CA LEU F 318 -24.02 6.11 -43.42
C LEU F 318 -25.37 6.38 -44.07
N ARG F 319 -25.39 6.53 -45.40
CA ARG F 319 -26.65 6.80 -46.10
C ARG F 319 -27.54 5.57 -46.21
N LYS F 320 -27.04 4.38 -45.88
CA LYS F 320 -27.84 3.17 -45.98
C LYS F 320 -28.96 3.16 -44.94
N HIS F 321 -28.64 3.47 -43.69
CA HIS F 321 -29.63 3.39 -42.62
C HIS F 321 -30.66 4.51 -42.69
N PHE F 322 -30.23 5.72 -43.07
CA PHE F 322 -31.09 6.88 -43.05
C PHE F 322 -31.77 7.14 -44.38
N GLY F 323 -31.60 6.27 -45.37
CA GLY F 323 -32.21 6.48 -46.67
C GLY F 323 -31.23 7.00 -47.69
N ASN F 324 -31.29 6.46 -48.91
CA ASN F 324 -30.35 6.83 -49.96
C ASN F 324 -30.60 8.21 -50.53
N ASN F 325 -31.71 8.85 -50.19
CA ASN F 325 -32.02 10.21 -50.63
C ASN F 325 -31.60 11.25 -49.60
N THR F 326 -31.35 10.84 -48.36
CA THR F 326 -31.04 11.78 -47.29
C THR F 326 -29.76 12.54 -47.58
N ILE F 327 -29.76 13.83 -47.25
CA ILE F 327 -28.61 14.70 -47.44
C ILE F 327 -27.76 14.67 -46.17
N ILE F 328 -26.47 14.44 -46.32
CA ILE F 328 -25.54 14.34 -45.20
C ILE F 328 -24.71 15.61 -45.12
N ARG F 329 -24.70 16.24 -43.95
CA ARG F 329 -23.92 17.43 -43.69
C ARG F 329 -23.18 17.28 -42.37
N PHE F 330 -22.02 17.93 -42.27
CA PHE F 330 -21.18 17.84 -41.09
C PHE F 330 -20.97 19.21 -40.48
N ALA F 331 -20.77 19.23 -39.17
CA ALA F 331 -20.54 20.48 -38.44
C ALA F 331 -19.66 20.20 -37.23
N ASN F 332 -19.09 21.26 -36.68
CA ASN F 332 -18.21 21.13 -35.52
C ASN F 332 -19.03 20.90 -34.26
N SER F 333 -18.34 20.89 -33.12
CA SER F 333 -18.99 20.57 -31.85
C SER F 333 -20.03 21.63 -31.49
N SER F 334 -21.02 21.22 -30.70
CA SER F 334 -22.13 22.08 -30.33
C SER F 334 -21.82 22.99 -29.15
N GLY F 335 -20.65 22.87 -28.55
CA GLY F 335 -20.27 23.71 -27.44
C GLY F 335 -20.23 22.94 -26.13
N GLY F 336 -19.52 23.52 -25.16
CA GLY F 336 -19.34 22.88 -23.86
C GLY F 336 -17.95 23.09 -23.30
N ASP F 337 -17.50 22.16 -22.47
CA ASP F 337 -16.17 22.27 -21.87
C ASP F 337 -15.09 21.99 -22.91
N LEU F 338 -13.86 22.43 -22.60
CA LEU F 338 -12.75 22.23 -23.52
C LEU F 338 -12.41 20.75 -23.69
N GLU F 339 -12.74 19.93 -22.71
CA GLU F 339 -12.41 18.51 -22.79
C GLU F 339 -13.29 17.76 -23.78
N VAL F 340 -14.47 18.28 -24.11
CA VAL F 340 -15.39 17.58 -25.00
C VAL F 340 -15.47 18.24 -26.38
N THR F 341 -15.32 19.56 -26.49
CA THR F 341 -15.44 20.24 -27.76
C THR F 341 -14.19 20.15 -28.63
N THR F 342 -13.07 19.73 -28.07
CA THR F 342 -11.81 19.67 -28.79
C THR F 342 -11.27 18.25 -28.80
N HIS F 343 -10.29 18.01 -29.68
CA HIS F 343 -9.65 16.71 -29.79
C HIS F 343 -8.51 16.63 -28.79
N SER F 344 -8.59 15.70 -27.85
CA SER F 344 -7.64 15.56 -26.76
C SER F 344 -6.79 14.32 -26.97
N PHE F 345 -5.48 14.47 -26.83
CA PHE F 345 -4.54 13.37 -26.95
C PHE F 345 -3.19 13.85 -26.39
N ASN F 346 -2.19 12.99 -26.48
CA ASN F 346 -0.85 13.31 -26.02
C ASN F 346 0.18 12.92 -27.08
N CYS F 347 1.32 13.60 -27.05
CA CYS F 347 2.43 13.34 -27.98
C CYS F 347 3.72 13.41 -27.16
N GLY F 348 4.14 12.26 -26.65
CA GLY F 348 5.29 12.24 -25.76
C GLY F 348 4.89 12.42 -24.32
N GLY F 349 5.03 13.64 -23.82
CA GLY F 349 4.63 13.96 -22.46
C GLY F 349 3.84 15.24 -22.35
N GLU F 350 3.29 15.69 -23.47
CA GLU F 350 2.53 16.93 -23.53
C GLU F 350 1.14 16.64 -24.08
N PHE F 351 0.13 17.29 -23.50
CA PHE F 351 -1.27 17.01 -23.81
C PHE F 351 -1.86 18.15 -24.63
N PHE F 352 -2.60 17.77 -25.67
CA PHE F 352 -3.18 18.71 -26.62
C PHE F 352 -4.70 18.74 -26.49
N TYR F 353 -5.28 19.87 -26.87
CA TYR F 353 -6.72 20.05 -26.94
C TYR F 353 -7.00 20.88 -28.19
N CYS F 354 -7.30 20.22 -29.31
CA CYS F 354 -7.22 20.84 -30.61
C CYS F 354 -8.58 21.03 -31.26
N ASN F 355 -8.71 22.13 -31.97
CA ASN F 355 -9.98 22.59 -32.57
C ASN F 355 -10.11 21.95 -33.94
N THR F 356 -10.99 20.95 -34.03
CA THR F 356 -11.18 20.19 -35.26
C THR F 356 -12.36 20.68 -36.10
N SER F 357 -12.68 21.97 -36.02
CA SER F 357 -13.78 22.51 -36.82
C SER F 357 -13.46 22.50 -38.31
N GLY F 358 -12.19 22.50 -38.69
CA GLY F 358 -11.82 22.49 -40.09
C GLY F 358 -11.95 21.15 -40.78
N LEU F 359 -12.22 20.08 -40.02
CA LEU F 359 -12.42 18.76 -40.60
C LEU F 359 -13.90 18.49 -40.89
N PHE F 360 -14.74 18.65 -39.87
CA PHE F 360 -16.18 18.38 -40.02
C PHE F 360 -16.88 19.64 -40.53
N ASN F 361 -16.65 19.93 -41.81
CA ASN F 361 -17.28 21.06 -42.48
C ASN F 361 -17.45 20.67 -43.94
N SER F 362 -18.64 20.16 -44.27
CA SER F 362 -18.95 19.72 -45.62
C SER F 362 -20.46 19.53 -45.73
N THR F 363 -20.93 19.41 -46.96
CA THR F 363 -22.34 19.12 -47.24
C THR F 363 -22.41 18.27 -48.49
N TRP F 364 -23.04 17.11 -48.39
CA TRP F 364 -23.09 16.14 -49.48
C TRP F 364 -24.51 16.03 -50.01
N ILE F 365 -24.67 16.20 -51.32
CA ILE F 365 -25.97 16.10 -51.97
C ILE F 365 -26.13 14.78 -52.73
N SER F 366 -25.04 14.20 -53.24
CA SER F 366 -25.06 12.96 -54.00
C SER F 366 -25.90 13.10 -55.26
N ASN F 367 -25.54 14.09 -56.07
CA ASN F 367 -26.19 14.36 -57.34
C ASN F 367 -27.70 14.57 -57.18
N SER F 378 -2.74 18.73 -54.53
CA SER F 378 -2.89 17.52 -53.72
C SER F 378 -2.06 17.61 -52.45
N ASN F 379 -1.72 18.83 -52.05
CA ASN F 379 -0.93 19.08 -50.85
C ASN F 379 -1.51 20.22 -50.04
N ASP F 380 -2.84 20.26 -49.93
CA ASP F 380 -3.48 21.33 -49.18
C ASP F 380 -3.08 21.29 -47.71
N SER F 381 -3.08 20.10 -47.11
CA SER F 381 -2.60 19.88 -45.75
C SER F 381 -3.37 20.74 -44.75
N ILE F 382 -4.65 20.39 -44.60
CA ILE F 382 -5.54 21.07 -43.65
C ILE F 382 -4.84 21.19 -42.31
N THR F 383 -4.75 22.41 -41.79
CA THR F 383 -4.05 22.72 -40.56
C THR F 383 -5.05 23.01 -39.45
N LEU F 384 -4.80 22.46 -38.26
CA LEU F 384 -5.68 22.59 -37.11
C LEU F 384 -4.89 23.25 -35.98
N PRO F 385 -4.83 24.58 -35.96
CA PRO F 385 -4.12 25.26 -34.86
C PRO F 385 -4.81 25.00 -33.53
N CYS F 386 -4.00 24.90 -32.47
CA CYS F 386 -4.54 24.53 -31.17
C CYS F 386 -3.53 24.82 -30.08
N ARG F 387 -4.00 24.71 -28.84
CA ARG F 387 -3.27 25.09 -27.64
C ARG F 387 -2.85 23.85 -26.85
N ILE F 388 -2.12 24.10 -25.76
CA ILE F 388 -1.58 23.03 -24.91
C ILE F 388 -1.84 23.38 -23.45
N LYS F 389 -2.26 22.39 -22.68
CA LYS F 389 -2.56 22.56 -21.26
C LYS F 389 -1.64 21.65 -20.44
N GLN F 390 -1.25 22.14 -19.26
CA GLN F 390 -0.37 21.39 -18.38
C GLN F 390 -1.09 20.74 -17.21
N ILE F 391 -2.14 21.35 -16.70
CA ILE F 391 -2.94 20.78 -15.61
C ILE F 391 -4.18 20.15 -16.22
N ILE F 392 -4.31 18.83 -16.06
CA ILE F 392 -5.32 18.06 -16.76
C ILE F 392 -6.06 17.17 -15.77
N ASN F 393 -7.38 17.06 -15.97
CA ASN F 393 -8.23 16.09 -15.28
C ASN F 393 -8.60 15.03 -16.33
N MET F 394 -7.74 14.03 -16.49
CA MET F 394 -7.87 13.10 -17.60
C MET F 394 -9.15 12.28 -17.51
N TRP F 395 -9.48 11.79 -16.31
CA TRP F 395 -10.60 10.87 -16.14
C TRP F 395 -11.91 11.59 -15.82
N GLN F 396 -11.98 12.91 -16.06
CA GLN F 396 -13.19 13.69 -15.84
C GLN F 396 -13.71 13.55 -14.41
N ARG F 397 -12.78 13.49 -13.46
CA ARG F 397 -13.10 13.40 -12.04
C ARG F 397 -12.53 14.60 -11.32
N ILE F 398 -13.34 15.22 -10.47
CA ILE F 398 -12.93 16.40 -9.72
C ILE F 398 -12.21 15.95 -8.45
N GLY F 399 -11.01 16.48 -8.25
CA GLY F 399 -10.21 16.16 -7.08
C GLY F 399 -8.91 15.43 -7.36
N GLN F 400 -8.66 15.00 -8.60
CA GLN F 400 -7.43 14.28 -8.95
C GLN F 400 -6.92 14.83 -10.29
N CYS F 401 -6.07 15.85 -10.22
CA CYS F 401 -5.43 16.40 -11.39
C CYS F 401 -3.98 15.92 -11.48
N MET F 402 -3.23 16.47 -12.43
CA MET F 402 -1.84 16.10 -12.62
C MET F 402 -1.14 17.22 -13.37
N TYR F 403 0.10 17.51 -12.98
CA TYR F 403 0.92 18.53 -13.62
C TYR F 403 2.01 17.83 -14.43
N ALA F 404 1.90 17.89 -15.75
CA ALA F 404 2.89 17.26 -16.62
C ALA F 404 4.10 18.18 -16.78
N PRO F 405 5.30 17.74 -16.44
CA PRO F 405 6.47 18.59 -16.61
C PRO F 405 6.75 18.85 -18.08
N PRO F 406 7.35 19.98 -18.41
CA PRO F 406 7.65 20.26 -19.82
C PRO F 406 8.67 19.28 -20.39
N ILE F 407 8.58 19.07 -21.70
CA ILE F 407 9.45 18.16 -22.43
C ILE F 407 10.53 18.97 -23.13
N GLN F 408 11.78 18.55 -22.99
CA GLN F 408 12.89 19.27 -23.60
C GLN F 408 12.82 19.18 -25.12
N GLY F 409 13.05 20.33 -25.76
CA GLY F 409 13.12 20.38 -27.22
C GLY F 409 11.75 20.26 -27.88
N VAL F 410 11.78 20.31 -29.21
CA VAL F 410 10.55 20.16 -29.97
C VAL F 410 10.11 18.70 -30.00
N ILE F 411 8.83 18.49 -30.25
CA ILE F 411 8.24 17.17 -30.29
C ILE F 411 7.49 16.99 -31.60
N ARG F 412 7.59 15.80 -32.18
CA ARG F 412 6.87 15.46 -33.40
C ARG F 412 6.44 14.00 -33.34
N CYS F 413 5.23 13.73 -33.82
CA CYS F 413 4.70 12.38 -33.84
C CYS F 413 3.61 12.29 -34.89
N VAL F 414 3.48 11.11 -35.49
CA VAL F 414 2.45 10.82 -36.48
C VAL F 414 1.55 9.72 -35.92
N SER F 415 0.26 9.82 -36.23
CA SER F 415 -0.73 8.90 -35.70
C SER F 415 -1.63 8.41 -36.82
N ASN F 416 -2.36 7.32 -36.53
CA ASN F 416 -3.29 6.71 -37.47
C ASN F 416 -4.71 7.00 -37.00
N ILE F 417 -5.44 7.79 -37.78
CA ILE F 417 -6.85 8.05 -37.48
C ILE F 417 -7.66 6.86 -38.01
N THR F 418 -8.19 6.05 -37.10
CA THR F 418 -8.86 4.81 -37.48
C THR F 418 -10.35 4.82 -37.13
N GLY F 419 -10.92 5.97 -36.80
CA GLY F 419 -12.34 6.02 -36.51
C GLY F 419 -12.75 7.38 -36.00
N LEU F 420 -14.06 7.53 -35.84
CA LEU F 420 -14.66 8.77 -35.36
C LEU F 420 -15.77 8.42 -34.38
N ILE F 421 -16.11 9.41 -33.54
CA ILE F 421 -17.24 9.30 -32.62
C ILE F 421 -18.19 10.44 -32.97
N LEU F 422 -19.25 10.12 -33.71
CA LEU F 422 -20.19 11.10 -34.22
C LEU F 422 -21.53 11.01 -33.49
N THR F 423 -22.11 12.16 -33.19
CA THR F 423 -23.42 12.25 -32.56
C THR F 423 -24.37 12.98 -33.50
N ARG F 424 -25.49 12.35 -33.82
CA ARG F 424 -26.47 12.94 -34.72
C ARG F 424 -27.38 13.89 -33.96
N ASP F 425 -27.63 15.07 -34.54
CA ASP F 425 -28.43 16.11 -33.91
C ASP F 425 -29.51 16.58 -34.89
N GLY F 426 -30.23 15.63 -35.48
CA GLY F 426 -31.31 15.96 -36.39
C GLY F 426 -32.56 16.42 -35.68
N GLY F 427 -33.15 15.53 -34.88
CA GLY F 427 -34.30 15.89 -34.07
C GLY F 427 -35.59 16.08 -34.84
N SER F 428 -35.65 17.14 -35.64
CA SER F 428 -36.88 17.46 -36.36
C SER F 428 -37.14 16.44 -37.47
N THR F 429 -38.39 16.04 -37.59
CA THR F 429 -38.82 15.12 -38.64
C THR F 429 -39.32 15.84 -39.89
N ASN F 430 -39.37 17.17 -39.88
CA ASN F 430 -39.82 17.95 -41.02
C ASN F 430 -38.71 18.29 -41.99
N SER F 431 -37.45 17.98 -41.64
CA SER F 431 -36.31 18.27 -42.50
C SER F 431 -35.69 16.97 -42.98
N THR F 432 -35.34 16.93 -44.27
CA THR F 432 -34.73 15.75 -44.87
C THR F 432 -33.25 15.64 -44.53
N THR F 433 -32.53 16.76 -44.49
CA THR F 433 -31.11 16.73 -44.21
C THR F 433 -30.86 16.37 -42.74
N GLU F 434 -29.75 15.69 -42.50
CA GLU F 434 -29.36 15.25 -41.16
C GLU F 434 -27.99 15.80 -40.81
N THR F 435 -27.81 16.17 -39.55
CA THR F 435 -26.58 16.78 -39.06
C THR F 435 -25.83 15.78 -38.18
N PHE F 436 -24.53 15.65 -38.43
CA PHE F 436 -23.66 14.80 -37.64
C PHE F 436 -22.52 15.63 -37.07
N ARG F 437 -22.29 15.49 -35.77
CA ARG F 437 -21.27 16.25 -35.06
C ARG F 437 -20.40 15.31 -34.23
N PRO F 438 -19.13 15.65 -34.05
CA PRO F 438 -18.26 14.81 -33.22
C PRO F 438 -18.70 14.82 -31.77
N GLY F 439 -18.44 13.70 -31.10
CA GLY F 439 -18.84 13.54 -29.71
C GLY F 439 -17.68 13.39 -28.76
N GLY F 440 -17.54 12.21 -28.16
CA GLY F 440 -16.47 11.95 -27.22
C GLY F 440 -16.81 12.20 -25.77
N GLY F 441 -18.10 12.24 -25.41
CA GLY F 441 -18.45 12.49 -24.02
C GLY F 441 -17.99 11.38 -23.09
N ASP F 442 -18.14 10.13 -23.49
CA ASP F 442 -17.70 9.00 -22.70
C ASP F 442 -16.39 8.45 -23.24
N MET F 443 -15.45 8.16 -22.34
CA MET F 443 -14.16 7.64 -22.74
C MET F 443 -14.12 6.12 -22.84
N ARG F 444 -15.23 5.43 -22.57
CA ARG F 444 -15.30 4.00 -22.78
C ARG F 444 -15.43 3.63 -24.26
N ASP F 445 -15.89 4.56 -25.10
CA ASP F 445 -16.06 4.27 -26.52
C ASP F 445 -14.73 3.98 -27.20
N ASN F 446 -13.66 4.62 -26.76
CA ASN F 446 -12.36 4.39 -27.37
C ASN F 446 -11.91 2.94 -27.16
N TRP F 447 -12.12 2.40 -25.97
CA TRP F 447 -11.74 1.03 -25.66
C TRP F 447 -12.78 0.01 -26.09
N ARG F 448 -14.05 0.42 -26.23
CA ARG F 448 -15.08 -0.51 -26.68
C ARG F 448 -14.91 -0.88 -28.15
N SER F 449 -14.29 -0.01 -28.93
CA SER F 449 -14.09 -0.28 -30.36
C SER F 449 -13.07 -1.37 -30.62
N GLU F 450 -12.32 -1.80 -29.59
CA GLU F 450 -11.33 -2.85 -29.75
C GLU F 450 -11.70 -4.15 -29.05
N LEU F 451 -12.61 -4.12 -28.08
CA LEU F 451 -13.05 -5.31 -27.37
C LEU F 451 -14.37 -5.85 -27.88
N TYR F 452 -14.89 -5.31 -28.98
CA TYR F 452 -16.19 -5.76 -29.49
C TYR F 452 -16.13 -7.16 -30.07
N LYS F 453 -14.96 -7.61 -30.54
CA LYS F 453 -14.84 -8.94 -31.12
C LYS F 453 -14.87 -10.05 -30.08
N TYR F 454 -14.37 -9.78 -28.88
CA TYR F 454 -14.18 -10.82 -27.89
C TYR F 454 -15.38 -10.95 -26.96
N LYS F 455 -15.55 -12.16 -26.42
CA LYS F 455 -16.58 -12.44 -25.42
C LYS F 455 -16.04 -13.47 -24.45
N VAL F 456 -16.53 -13.41 -23.21
CA VAL F 456 -16.04 -14.26 -22.13
C VAL F 456 -17.14 -15.26 -21.76
N VAL F 457 -16.78 -16.54 -21.73
CA VAL F 457 -17.70 -17.60 -21.35
C VAL F 457 -16.98 -18.52 -20.36
N LYS F 458 -17.78 -19.30 -19.63
CA LYS F 458 -17.27 -20.26 -18.66
C LYS F 458 -17.59 -21.68 -19.13
N ILE F 459 -16.74 -22.62 -18.74
CA ILE F 459 -16.82 -24.00 -19.20
C ILE F 459 -17.47 -24.85 -18.11
N GLU F 460 -18.48 -25.63 -18.49
CA GLU F 460 -19.14 -26.56 -17.58
C GLU F 460 -18.90 -27.99 -18.04
N PRO F 461 -17.98 -28.72 -17.40
CA PRO F 461 -17.66 -30.07 -17.87
C PRO F 461 -18.69 -31.13 -17.51
N LEU F 462 -19.63 -30.84 -16.62
CA LEU F 462 -20.61 -31.83 -16.19
C LEU F 462 -21.80 -31.86 -17.13
N GLY F 463 -22.11 -33.05 -17.63
CA GLY F 463 -23.27 -33.23 -18.49
C GLY F 463 -23.80 -34.64 -18.35
N VAL F 464 -25.11 -34.77 -18.48
CA VAL F 464 -25.80 -36.06 -18.35
C VAL F 464 -26.56 -36.34 -19.64
N ALA F 465 -26.41 -37.55 -20.16
CA ALA F 465 -27.09 -37.98 -21.37
C ALA F 465 -27.60 -39.40 -21.17
N PRO F 466 -28.74 -39.74 -21.78
CA PRO F 466 -29.27 -41.09 -21.64
C PRO F 466 -28.79 -42.03 -22.73
N THR F 467 -28.47 -43.25 -22.32
CA THR F 467 -27.99 -44.29 -23.24
C THR F 467 -28.17 -45.64 -22.55
N ARG F 468 -27.60 -46.68 -23.16
CA ARG F 468 -27.69 -48.04 -22.63
C ARG F 468 -26.39 -48.37 -21.91
N CYS F 469 -26.43 -48.30 -20.57
CA CYS F 469 -25.27 -48.67 -19.78
C CYS F 469 -25.75 -49.03 -18.38
N LYS F 470 -25.17 -50.07 -17.80
CA LYS F 470 -25.55 -50.55 -16.48
C LYS F 470 -24.31 -50.81 -15.65
N ARG F 471 -24.47 -50.72 -14.34
CA ARG F 471 -23.38 -50.92 -13.39
C ARG F 471 -23.54 -52.28 -12.72
N ARG F 472 -22.45 -53.04 -12.67
CA ARG F 472 -22.49 -54.36 -12.06
C ARG F 472 -22.78 -54.26 -10.57
N VAL F 473 -23.63 -55.15 -10.08
CA VAL F 473 -24.00 -55.16 -8.67
C VAL F 473 -22.91 -55.85 -7.85
N GLU G 1 34.14 44.23 3.66
CA GLU G 1 34.29 45.12 4.85
C GLU G 1 35.39 46.14 4.57
N ARG G 2 35.72 46.35 3.29
CA ARG G 2 36.76 47.34 2.92
C ARG G 2 36.71 47.56 1.40
N LEU G 3 36.86 48.81 0.96
CA LEU G 3 36.84 49.11 -0.47
C LEU G 3 38.01 50.01 -0.82
N VAL G 4 38.67 49.69 -1.93
CA VAL G 4 39.84 50.44 -2.40
C VAL G 4 39.57 50.91 -3.83
N GLU G 5 39.81 52.19 -4.08
CA GLU G 5 39.63 52.78 -5.40
C GLU G 5 40.99 53.17 -5.98
N SER G 6 41.11 53.01 -7.30
CA SER G 6 42.36 53.29 -8.00
C SER G 6 42.04 53.64 -9.44
N GLY G 7 43.03 54.23 -10.12
CA GLY G 7 42.89 54.62 -11.50
C GLY G 7 42.90 56.11 -11.75
N GLY G 8 43.21 56.94 -10.75
CA GLY G 8 43.22 58.37 -10.94
C GLY G 8 44.36 58.83 -11.83
N GLY G 9 44.20 60.02 -12.38
CA GLY G 9 45.21 60.57 -13.26
C GLY G 9 44.76 61.91 -13.81
N VAL G 10 45.58 62.44 -14.72
CA VAL G 10 45.33 63.72 -15.36
C VAL G 10 45.14 63.46 -16.85
N VAL G 11 43.98 63.88 -17.38
CA VAL G 11 43.66 63.69 -18.79
C VAL G 11 43.13 65.01 -19.35
N GLN G 12 43.28 65.17 -20.66
CA GLN G 12 42.74 66.33 -21.35
C GLN G 12 41.22 66.21 -21.48
N PRO G 13 40.53 67.33 -21.64
CA PRO G 13 39.08 67.26 -21.87
C PRO G 13 38.75 66.47 -23.13
N GLY G 14 37.66 65.71 -23.06
CA GLY G 14 37.25 64.86 -24.16
C GLY G 14 37.90 63.49 -24.18
N SER G 15 38.73 63.16 -23.19
CA SER G 15 39.38 61.87 -23.12
C SER G 15 38.50 60.88 -22.35
N SER G 16 39.04 59.71 -22.02
CA SER G 16 38.30 58.69 -21.29
C SER G 16 39.20 58.10 -20.22
N LEU G 17 38.56 57.60 -19.17
CA LEU G 17 39.27 56.97 -18.05
C LEU G 17 38.33 56.00 -17.37
N ARG G 18 38.91 55.06 -16.63
CA ARG G 18 38.16 54.05 -15.91
C ARG G 18 38.66 53.93 -14.48
N LEU G 19 37.72 53.81 -13.55
CA LEU G 19 38.04 53.63 -12.13
C LEU G 19 37.61 52.24 -11.68
N SER G 20 38.43 51.61 -10.85
CA SER G 20 38.20 50.25 -10.39
C SER G 20 37.99 50.25 -8.88
N CYS G 21 36.96 49.54 -8.44
CA CYS G 21 36.66 49.36 -7.02
C CYS G 21 36.63 47.87 -6.70
N ALA G 22 37.25 47.50 -5.59
CA ALA G 22 37.35 46.10 -5.18
C ALA G 22 36.69 45.90 -3.82
N ALA G 23 36.06 44.74 -3.64
CA ALA G 23 35.36 44.40 -2.41
C ALA G 23 35.91 43.09 -1.86
N SER G 24 36.09 43.05 -0.54
CA SER G 24 36.59 41.85 0.11
C SER G 24 36.03 41.78 1.53
N GLY G 25 36.02 40.57 2.08
CA GLY G 25 35.51 40.35 3.42
C GLY G 25 34.01 40.18 3.51
N PHE G 26 33.30 40.27 2.39
CA PHE G 26 31.85 40.13 2.39
C PHE G 26 31.40 39.74 0.99
N ASP G 27 30.14 39.32 0.89
CA ASP G 27 29.59 38.83 -0.37
C ASP G 27 29.39 39.98 -1.35
N PHE G 28 30.18 39.98 -2.43
CA PHE G 28 30.04 40.97 -3.49
C PHE G 28 28.84 40.70 -4.38
N SER G 29 28.36 39.46 -4.42
CA SER G 29 27.33 39.06 -5.37
C SER G 29 25.91 39.21 -4.84
N ARG G 30 25.73 39.75 -3.63
CA ARG G 30 24.41 39.88 -3.04
C ARG G 30 23.95 41.31 -2.82
N GLN G 31 24.87 42.28 -2.75
CA GLN G 31 24.51 43.66 -2.47
C GLN G 31 24.93 44.57 -3.61
N GLY G 32 24.11 45.60 -3.85
CA GLY G 32 24.43 46.58 -4.86
C GLY G 32 25.33 47.68 -4.34
N MET G 33 25.95 48.40 -5.26
CA MET G 33 26.88 49.47 -4.94
C MET G 33 26.50 50.75 -5.68
N HIS G 34 26.92 51.87 -5.12
CA HIS G 34 26.62 53.20 -5.62
C HIS G 34 27.90 53.84 -6.16
N TRP G 35 27.78 55.12 -6.52
CA TRP G 35 28.93 55.92 -6.93
C TRP G 35 28.63 57.36 -6.58
N VAL G 36 29.47 57.96 -5.74
CA VAL G 36 29.32 59.35 -5.32
C VAL G 36 30.65 60.07 -5.55
N ARG G 37 30.56 61.33 -5.95
CA ARG G 37 31.72 62.17 -6.18
C ARG G 37 31.54 63.50 -5.48
N GLN G 38 32.63 64.02 -4.90
CA GLN G 38 32.61 65.26 -4.16
C GLN G 38 33.82 66.10 -4.53
N ALA G 39 33.67 67.41 -4.38
CA ALA G 39 34.71 68.39 -4.65
C ALA G 39 34.92 69.27 -3.42
N PRO G 40 36.12 69.83 -3.24
CA PRO G 40 36.35 70.72 -2.10
C PRO G 40 35.41 71.91 -2.12
N GLY G 41 34.78 72.18 -0.98
CA GLY G 41 33.82 73.25 -0.88
C GLY G 41 32.46 72.95 -1.47
N GLN G 42 32.23 71.72 -1.92
CA GLN G 42 30.98 71.32 -2.53
C GLN G 42 30.40 70.09 -1.82
N GLY G 43 29.08 69.94 -1.92
CA GLY G 43 28.42 68.83 -1.29
C GLY G 43 28.54 67.54 -2.08
N LEU G 44 28.05 66.45 -1.47
CA LEU G 44 28.08 65.15 -2.12
C LEU G 44 27.16 65.12 -3.34
N GLU G 45 27.59 64.42 -4.38
CA GLU G 45 26.81 64.27 -5.60
C GLU G 45 26.70 62.78 -5.93
N TRP G 46 25.46 62.32 -6.11
CA TRP G 46 25.23 60.93 -6.47
C TRP G 46 25.36 60.76 -7.98
N VAL G 47 26.00 59.66 -8.39
CA VAL G 47 26.25 59.41 -9.81
C VAL G 47 25.31 58.33 -10.32
N ALA G 48 25.41 57.12 -9.78
CA ALA G 48 24.64 56.01 -10.31
C ALA G 48 24.55 54.90 -9.26
N PHE G 49 23.61 53.99 -9.48
CA PHE G 49 23.41 52.82 -8.64
C PHE G 49 23.22 51.60 -9.52
N ILE G 50 23.72 50.45 -9.05
CA ILE G 50 23.61 49.20 -9.78
C ILE G 50 23.14 48.11 -8.81
N LYS G 51 22.26 47.24 -9.29
CA LYS G 51 21.72 46.16 -8.47
C LYS G 51 22.76 45.05 -8.34
N TYR G 52 22.40 44.01 -7.57
CA TYR G 52 23.33 42.92 -7.31
C TYR G 52 23.66 42.15 -8.59
N ASP G 53 22.66 41.89 -9.43
CA ASP G 53 22.86 41.19 -10.69
C ASP G 53 22.94 42.13 -11.88
N GLY G 54 22.81 43.43 -11.66
CA GLY G 54 22.81 44.38 -12.77
C GLY G 54 21.64 44.25 -13.70
N SER G 55 20.46 43.90 -13.17
CA SER G 55 19.27 43.79 -14.02
C SER G 55 18.90 45.15 -14.62
N GLU G 56 18.96 46.21 -13.81
CA GLU G 56 18.71 47.55 -14.29
C GLU G 56 19.72 48.50 -13.68
N LYS G 57 19.96 49.61 -14.38
CA LYS G 57 20.91 50.62 -13.95
C LYS G 57 20.21 51.96 -13.83
N TYR G 58 20.53 52.71 -12.78
CA TYR G 58 19.94 54.01 -12.52
C TYR G 58 21.03 55.08 -12.61
N HIS G 59 20.75 56.15 -13.33
CA HIS G 59 21.71 57.23 -13.52
C HIS G 59 21.05 58.57 -13.22
N ALA G 60 21.86 59.52 -12.78
CA ALA G 60 21.36 60.85 -12.47
C ALA G 60 20.98 61.60 -13.75
N ASP G 61 20.00 62.48 -13.64
CA ASP G 61 19.54 63.25 -14.79
C ASP G 61 20.63 64.17 -15.31
N SER G 62 21.39 64.80 -14.41
CA SER G 62 22.42 65.75 -14.82
C SER G 62 23.53 65.07 -15.62
N VAL G 63 23.75 63.78 -15.40
CA VAL G 63 24.80 63.05 -16.12
C VAL G 63 24.17 61.90 -16.90
N TRP G 64 22.94 62.09 -17.35
CA TRP G 64 22.25 61.05 -18.12
C TRP G 64 22.99 60.76 -19.42
N GLY G 65 23.19 59.48 -19.70
CA GLY G 65 23.89 59.07 -20.91
C GLY G 65 25.32 59.53 -20.97
N ARG G 66 25.99 59.64 -19.82
CA ARG G 66 27.38 60.10 -19.77
C ARG G 66 28.32 59.03 -19.20
N LEU G 67 27.98 58.45 -18.05
CA LEU G 67 28.82 57.47 -17.39
C LEU G 67 28.19 56.09 -17.51
N SER G 68 28.99 55.12 -17.94
CA SER G 68 28.55 53.73 -18.06
C SER G 68 29.09 52.92 -16.89
N ILE G 69 28.22 52.13 -16.27
CA ILE G 69 28.54 51.40 -15.05
C ILE G 69 28.28 49.93 -15.27
N SER G 70 29.26 49.09 -14.93
CA SER G 70 29.12 47.65 -15.06
C SER G 70 29.89 46.99 -13.93
N ARG G 71 29.52 45.74 -13.64
CA ARG G 71 30.15 44.98 -12.57
C ARG G 71 30.41 43.56 -13.03
N ASP G 72 31.34 42.90 -12.37
CA ASP G 72 31.69 41.51 -12.66
C ASP G 72 31.83 40.78 -11.33
N ASN G 73 30.80 40.02 -10.96
CA ASN G 73 30.83 39.29 -9.70
C ASN G 73 31.88 38.20 -9.71
N SER G 74 32.22 37.67 -10.88
CA SER G 74 33.25 36.64 -10.97
C SER G 74 34.62 37.17 -10.55
N LYS G 75 34.95 38.38 -10.99
CA LYS G 75 36.24 38.99 -10.68
C LYS G 75 36.23 39.73 -9.35
N ASP G 76 35.07 39.85 -8.70
CA ASP G 76 34.95 40.55 -7.42
C ASP G 76 35.45 42.00 -7.51
N THR G 77 35.14 42.65 -8.62
CA THR G 77 35.56 44.03 -8.85
C THR G 77 34.39 44.83 -9.41
N LEU G 78 34.46 46.15 -9.22
CA LEU G 78 33.47 47.09 -9.72
C LEU G 78 34.14 48.04 -10.69
N TYR G 79 33.45 48.40 -11.77
CA TYR G 79 33.98 49.24 -12.82
C TYR G 79 33.13 50.49 -12.99
N LEU G 80 33.79 51.63 -13.17
CA LEU G 80 33.14 52.90 -13.46
C LEU G 80 33.80 53.52 -14.69
N GLN G 81 33.03 53.72 -15.75
CA GLN G 81 33.54 54.21 -17.03
C GLN G 81 32.83 55.51 -17.39
N MET G 82 33.62 56.52 -17.74
CA MET G 82 33.09 57.80 -18.22
C MET G 82 33.85 58.22 -19.47
N ASN G 83 33.15 58.91 -20.36
CA ASN G 83 33.71 59.33 -21.64
C ASN G 83 33.50 60.82 -21.83
N SER G 84 34.48 61.46 -22.48
CA SER G 84 34.44 62.90 -22.78
C SER G 84 34.28 63.72 -21.49
N LEU G 85 35.29 63.61 -20.64
CA LEU G 85 35.28 64.32 -19.37
C LEU G 85 35.35 65.83 -19.61
N ARG G 86 34.66 66.58 -18.76
CA ARG G 86 34.62 68.03 -18.82
C ARG G 86 35.45 68.63 -17.69
N VAL G 87 35.62 69.96 -17.76
CA VAL G 87 36.39 70.64 -16.72
C VAL G 87 35.66 70.57 -15.38
N GLU G 88 34.33 70.63 -15.38
CA GLU G 88 33.56 70.57 -14.15
C GLU G 88 33.39 69.14 -13.63
N ASP G 89 33.76 68.13 -14.42
CA ASP G 89 33.59 66.75 -14.00
C ASP G 89 34.60 66.32 -12.94
N THR G 90 35.62 67.12 -12.66
CA THR G 90 36.61 66.77 -11.65
C THR G 90 35.97 66.74 -10.27
N ALA G 91 36.29 65.70 -9.50
CA ALA G 91 35.75 65.49 -8.17
C ALA G 91 36.51 64.34 -7.53
N THR G 92 36.08 63.95 -6.33
CA THR G 92 36.65 62.82 -5.61
C THR G 92 35.58 61.72 -5.57
N TYR G 93 35.70 60.76 -6.47
CA TYR G 93 34.73 59.67 -6.55
C TYR G 93 34.96 58.66 -5.45
N PHE G 94 33.86 58.15 -4.88
CA PHE G 94 33.91 57.17 -3.81
C PHE G 94 33.09 55.95 -4.19
N CYS G 95 33.64 54.76 -3.89
CA CYS G 95 32.92 53.51 -4.08
C CYS G 95 32.18 53.18 -2.79
N VAL G 96 30.85 53.16 -2.84
CA VAL G 96 30.00 53.07 -1.67
C VAL G 96 29.05 51.89 -1.81
N ARG G 97 28.86 51.14 -0.73
CA ARG G 97 27.98 49.99 -0.69
C ARG G 97 26.65 50.35 -0.05
N GLU G 98 25.57 49.83 -0.63
CA GLU G 98 24.22 50.01 -0.08
C GLU G 98 23.87 48.80 0.77
N ALA G 99 23.56 49.04 2.05
CA ALA G 99 23.23 47.96 2.96
C ALA G 99 21.88 47.34 2.61
N GLY G 100 21.80 46.02 2.74
CA GLY G 100 20.57 45.32 2.43
C GLY G 100 20.45 44.05 3.24
N GLY G 101 19.23 43.50 3.25
CA GLY G 101 18.94 42.29 3.99
C GLY G 101 17.59 41.72 3.64
N PRO G 102 17.33 40.49 4.08
CA PRO G 102 16.05 39.84 3.76
C PRO G 102 14.86 40.59 4.35
N ASP G 103 13.75 40.56 3.63
CA ASP G 103 12.50 41.14 4.12
C ASP G 103 11.80 40.14 5.03
N TYR G 104 11.41 40.61 6.22
CA TYR G 104 10.81 39.76 7.25
C TYR G 104 9.30 39.99 7.25
N ARG G 105 8.56 38.99 6.77
CA ARG G 105 7.10 39.05 6.74
C ARG G 105 6.53 37.69 7.11
N ASN G 106 5.48 37.70 7.93
CA ASN G 106 4.68 36.54 8.33
C ASN G 106 5.55 35.57 9.14
N GLY G 107 6.79 35.92 9.45
CA GLY G 107 7.64 35.05 10.25
C GLY G 107 8.79 34.44 9.48
N TYR G 108 8.82 34.68 8.17
CA TYR G 108 9.84 34.13 7.29
C TYR G 108 10.68 35.24 6.68
N ASN G 109 11.84 34.86 6.17
CA ASN G 109 12.74 35.80 5.50
C ASN G 109 12.62 35.65 3.98
N ASP G 112 15.51 37.85 -2.69
CA ASP G 112 15.17 38.25 -4.05
C ASP G 112 15.56 37.15 -5.04
N PHE G 113 15.72 37.52 -6.31
CA PHE G 113 16.09 36.57 -7.33
C PHE G 113 17.53 36.09 -7.11
N ASP G 114 17.73 34.77 -7.26
CA ASP G 114 19.04 34.15 -7.09
C ASP G 114 19.65 34.50 -5.74
N ASP G 115 18.81 34.49 -4.70
CA ASP G 115 19.21 34.77 -3.33
C ASP G 115 19.86 36.16 -3.23
N GLY G 116 19.08 37.18 -3.62
CA GLY G 116 19.53 38.54 -3.55
C GLY G 116 19.18 39.19 -2.22
N TYR G 117 19.62 40.45 -2.08
CA TYR G 117 19.38 41.23 -0.87
C TYR G 117 18.50 42.43 -1.21
N TYR G 118 17.41 42.59 -0.47
CA TYR G 118 16.54 43.75 -0.64
C TYR G 118 17.21 44.96 0.01
N ASN G 119 17.26 46.06 -0.73
CA ASN G 119 17.95 47.26 -0.24
C ASN G 119 17.21 47.85 0.95
N TYR G 120 17.97 48.23 1.98
CA TYR G 120 17.41 48.86 3.17
C TYR G 120 17.42 50.39 3.08
N HIS G 121 17.85 50.95 1.96
CA HIS G 121 17.78 52.39 1.70
C HIS G 121 18.61 53.21 2.69
N TYR G 122 19.82 52.72 2.99
CA TYR G 122 20.79 53.55 3.70
C TYR G 122 22.18 53.02 3.39
N MET G 123 23.17 53.91 3.47
CA MET G 123 24.56 53.58 3.16
C MET G 123 25.34 53.40 4.45
N ASP G 124 26.13 52.33 4.52
CA ASP G 124 26.87 51.99 5.73
C ASP G 124 28.36 52.18 5.58
N VAL G 125 28.98 51.54 4.59
CA VAL G 125 30.43 51.59 4.41
C VAL G 125 30.74 52.44 3.17
N TRP G 126 31.79 53.26 3.29
CA TRP G 126 32.21 54.15 2.22
C TRP G 126 33.70 53.93 1.95
N GLY G 127 34.08 54.06 0.67
CA GLY G 127 35.46 53.91 0.30
C GLY G 127 36.27 55.17 0.53
N LYS G 128 37.60 55.02 0.51
CA LYS G 128 38.48 56.17 0.70
C LYS G 128 38.45 57.11 -0.49
N GLY G 129 38.30 56.57 -1.70
CA GLY G 129 38.16 57.37 -2.90
C GLY G 129 39.48 57.79 -3.51
N THR G 130 39.39 58.36 -4.71
CA THR G 130 40.54 58.84 -5.45
C THR G 130 40.20 60.19 -6.06
N THR G 131 41.17 61.10 -6.04
CA THR G 131 40.99 62.46 -6.55
C THR G 131 41.51 62.54 -7.98
N VAL G 132 40.71 63.11 -8.87
CA VAL G 132 41.05 63.28 -10.28
C VAL G 132 40.88 64.73 -10.67
N THR G 133 41.77 65.23 -11.52
CA THR G 133 41.72 66.60 -12.00
C THR G 133 41.86 66.61 -13.53
N VAL G 134 41.29 67.65 -14.14
CA VAL G 134 41.28 67.81 -15.59
C VAL G 134 42.01 69.09 -15.93
N SER G 135 42.97 69.00 -16.84
CA SER G 135 43.74 70.16 -17.28
C SER G 135 43.85 70.14 -18.81
N SER G 136 44.01 71.33 -19.38
CA SER G 136 44.12 71.47 -20.83
C SER G 136 45.55 71.84 -21.23
N SER H 2 15.50 67.75 -8.45
CA SER H 2 15.46 68.92 -7.58
C SER H 2 16.22 68.68 -6.28
N ALA H 3 17.32 69.39 -6.10
CA ALA H 3 18.14 69.25 -4.91
C ALA H 3 17.40 69.79 -3.69
N LEU H 4 17.62 69.14 -2.55
CA LEU H 4 16.99 69.57 -1.31
C LEU H 4 17.55 70.90 -0.85
N THR H 5 16.69 71.71 -0.22
CA THR H 5 17.06 73.02 0.28
C THR H 5 17.38 72.92 1.77
N GLN H 6 18.55 73.45 2.15
CA GLN H 6 19.00 73.41 3.53
C GLN H 6 19.53 74.78 3.93
N PRO H 7 19.47 75.11 5.23
CA PRO H 7 20.03 76.39 5.69
C PRO H 7 21.53 76.45 5.49
N ALA H 8 22.03 77.67 5.30
CA ALA H 8 23.45 77.86 5.05
C ALA H 8 24.29 77.41 6.24
N SER H 9 23.88 77.79 7.45
CA SER H 9 24.63 77.41 8.65
C SER H 9 23.70 77.48 9.86
N VAL H 10 24.00 76.64 10.85
CA VAL H 10 23.26 76.62 12.11
C VAL H 10 24.28 76.65 13.24
N SER H 11 24.06 77.54 14.21
CA SER H 11 24.96 77.70 15.34
C SER H 11 24.22 77.41 16.63
N GLY H 12 24.93 76.81 17.58
CA GLY H 12 24.34 76.47 18.87
C GLY H 12 25.38 76.15 19.93
N SER H 13 25.20 76.71 21.13
CA SER H 13 26.11 76.45 22.22
C SER H 13 25.97 75.00 22.70
N PRO H 14 27.05 74.42 23.24
CA PRO H 14 26.96 73.05 23.74
C PRO H 14 25.94 72.92 24.86
N GLY H 15 25.26 71.77 24.90
CA GLY H 15 24.25 71.52 25.90
C GLY H 15 22.86 71.96 25.54
N GLN H 16 22.67 72.60 24.39
CA GLN H 16 21.37 73.07 23.95
C GLN H 16 20.79 72.13 22.89
N SER H 17 19.56 72.40 22.49
CA SER H 17 18.85 71.63 21.48
C SER H 17 18.74 72.47 20.21
N ILE H 18 19.04 71.85 19.06
CA ILE H 18 19.02 72.52 17.78
C ILE H 18 18.18 71.70 16.80
N THR H 19 17.71 72.38 15.76
CA THR H 19 16.87 71.77 14.73
C THR H 19 17.44 72.12 13.36
N ILE H 20 17.48 71.12 12.48
CA ILE H 20 18.00 71.27 11.13
C ILE H 20 16.88 70.95 10.14
N SER H 21 16.65 71.85 9.19
CA SER H 21 15.58 71.69 8.22
C SER H 21 16.15 71.13 6.91
N CYS H 22 15.43 70.17 6.33
CA CYS H 22 15.85 69.55 5.08
C CYS H 22 14.57 69.18 4.33
N GLN H 23 14.26 69.93 3.27
CA GLN H 23 12.99 69.83 2.57
C GLN H 23 13.21 69.67 1.07
N GLY H 24 12.35 68.87 0.46
CA GLY H 24 12.34 68.71 -0.98
C GLY H 24 10.93 68.66 -1.53
N THR H 25 10.63 67.65 -2.34
CA THR H 25 9.30 67.46 -2.88
C THR H 25 8.53 66.46 -2.01
N SER H 26 7.21 66.68 -1.90
CA SER H 26 6.38 65.80 -1.09
C SER H 26 6.41 64.36 -1.60
N ASN H 27 6.36 64.19 -2.93
CA ASN H 27 6.41 62.85 -3.51
C ASN H 27 7.74 62.16 -3.21
N ASP H 28 8.84 62.91 -3.29
CA ASP H 28 10.16 62.31 -3.07
C ASP H 28 10.38 61.99 -1.60
N VAL H 29 10.03 62.92 -0.70
CA VAL H 29 10.32 62.77 0.72
C VAL H 29 9.18 62.08 1.44
N GLY H 30 8.00 62.70 1.41
CA GLY H 30 6.86 62.16 2.13
C GLY H 30 6.20 60.98 1.46
N GLY H 31 6.56 60.66 0.23
CA GLY H 31 5.95 59.56 -0.49
C GLY H 31 6.55 58.21 -0.14
N TYR H 32 7.86 58.05 -0.35
CA TYR H 32 8.53 56.78 -0.13
C TYR H 32 8.98 56.57 1.30
N GLU H 33 8.96 57.61 2.13
CA GLU H 33 9.20 57.51 3.57
C GLU H 33 10.65 57.15 3.88
N SER H 34 11.46 56.92 2.84
CA SER H 34 12.86 56.53 3.02
C SER H 34 13.70 57.81 3.13
N VAL H 35 14.05 58.17 4.36
CA VAL H 35 14.86 59.35 4.64
C VAL H 35 16.04 58.93 5.50
N SER H 36 17.23 59.45 5.18
CA SER H 36 18.44 59.11 5.90
C SER H 36 19.23 60.38 6.19
N TRP H 37 20.04 60.32 7.24
CA TRP H 37 20.91 61.42 7.63
C TRP H 37 22.34 60.91 7.78
N TYR H 38 23.29 61.78 7.50
CA TYR H 38 24.70 61.41 7.53
C TYR H 38 25.52 62.50 8.21
N GLN H 39 26.64 62.10 8.79
CA GLN H 39 27.58 63.02 9.43
C GLN H 39 28.96 62.78 8.84
N GLN H 40 29.68 63.87 8.55
CA GLN H 40 30.98 63.79 7.92
C GLN H 40 31.98 64.64 8.69
N HIS H 41 33.24 64.19 8.67
CA HIS H 41 34.37 64.89 9.26
C HIS H 41 35.45 65.07 8.22
N PRO H 42 36.26 66.12 8.33
CA PRO H 42 37.33 66.33 7.35
C PRO H 42 38.32 65.17 7.35
N GLY H 43 38.74 64.78 6.15
CA GLY H 43 39.67 63.67 6.01
C GLY H 43 39.08 62.30 6.24
N LYS H 44 37.76 62.19 6.36
CA LYS H 44 37.11 60.92 6.62
C LYS H 44 35.81 60.85 5.85
N ALA H 45 35.43 59.64 5.45
CA ALA H 45 34.19 59.43 4.72
C ALA H 45 32.99 59.66 5.63
N PRO H 46 31.84 60.06 5.08
CA PRO H 46 30.66 60.27 5.90
C PRO H 46 30.17 58.98 6.55
N LYS H 47 29.57 59.10 7.73
CA LYS H 47 29.05 57.98 8.48
C LYS H 47 27.56 58.15 8.71
N VAL H 48 26.81 57.06 8.53
CA VAL H 48 25.37 57.10 8.73
C VAL H 48 25.07 57.27 10.22
N VAL H 49 24.10 58.14 10.52
CA VAL H 49 23.72 58.41 11.90
C VAL H 49 22.30 57.96 12.22
N ILE H 50 21.43 57.80 11.22
CA ILE H 50 20.05 57.37 11.43
C ILE H 50 19.82 56.17 10.54
N TYR H 51 19.55 55.01 11.15
CA TYR H 51 19.38 53.77 10.39
C TYR H 51 18.14 53.80 9.52
N ASP H 52 17.00 54.10 10.12
CA ASP H 52 15.71 54.17 9.43
C ASP H 52 15.37 55.65 9.21
N VAL H 53 14.13 55.90 8.79
CA VAL H 53 13.67 57.29 8.68
C VAL H 53 13.73 57.99 10.03
N SER H 54 13.50 57.25 11.12
CA SER H 54 13.56 57.86 12.45
C SER H 54 14.22 56.96 13.49
N LYS H 55 14.95 55.92 13.07
CA LYS H 55 15.58 54.97 13.99
C LYS H 55 17.09 55.03 13.81
N ARG H 56 17.81 55.08 14.94
CA ARG H 56 19.26 55.12 14.92
C ARG H 56 19.86 53.72 14.79
N PRO H 57 21.06 53.61 14.20
CA PRO H 57 21.71 52.29 14.10
C PRO H 57 22.52 51.95 15.34
N SER H 58 23.14 50.77 15.34
CA SER H 58 24.00 50.37 16.43
C SER H 58 25.36 51.05 16.34
N GLY H 59 25.94 51.34 17.50
CA GLY H 59 27.25 51.98 17.55
C GLY H 59 27.25 53.48 17.47
N VAL H 60 26.12 54.13 17.72
CA VAL H 60 26.01 55.59 17.67
C VAL H 60 25.38 56.07 18.97
N SER H 61 25.66 57.32 19.32
CA SER H 61 25.10 57.90 20.53
C SER H 61 23.59 58.03 20.41
N ASN H 62 22.90 57.88 21.56
CA ASN H 62 21.46 57.93 21.61
C ASN H 62 20.91 59.35 21.67
N ARG H 63 21.77 60.36 21.73
CA ARG H 63 21.31 61.74 21.81
C ARG H 63 20.61 62.18 20.52
N PHE H 64 20.95 61.57 19.39
CA PHE H 64 20.35 61.93 18.12
C PHE H 64 18.87 61.54 18.10
N SER H 65 18.08 62.35 17.39
CA SER H 65 16.65 62.08 17.26
C SER H 65 16.15 62.76 16.00
N GLY H 66 15.19 62.13 15.33
CA GLY H 66 14.62 62.68 14.12
C GLY H 66 13.11 62.52 14.11
N SER H 67 12.46 63.37 13.31
CA SER H 67 11.01 63.35 13.22
C SER H 67 10.60 63.91 11.86
N LYS H 68 9.37 63.57 11.47
CA LYS H 68 8.80 64.03 10.21
C LYS H 68 7.36 64.49 10.48
N SER H 69 6.97 65.58 9.82
CA SER H 69 5.63 66.17 9.99
C SER H 69 5.09 66.51 8.60
N GLY H 70 4.30 65.59 8.05
CA GLY H 70 3.76 65.81 6.71
C GLY H 70 4.87 65.91 5.69
N ASN H 71 4.91 67.03 4.98
CA ASN H 71 5.98 67.30 4.02
C ASN H 71 7.29 67.67 4.70
N THR H 72 7.25 68.19 5.93
CA THR H 72 8.42 68.70 6.62
C THR H 72 9.05 67.62 7.47
N ALA H 73 10.38 67.52 7.41
CA ALA H 73 11.16 66.62 8.25
C ALA H 73 12.33 67.38 8.83
N SER H 74 12.74 66.98 10.03
CA SER H 74 13.81 67.67 10.74
C SER H 74 14.54 66.70 11.65
N LEU H 75 15.76 67.09 12.04
CA LEU H 75 16.60 66.32 12.93
C LEU H 75 16.91 67.15 14.16
N THR H 76 16.80 66.54 15.34
CA THR H 76 17.00 67.23 16.62
C THR H 76 18.07 66.51 17.42
N ILE H 77 19.03 67.28 17.94
CA ILE H 77 20.11 66.77 18.76
C ILE H 77 20.01 67.42 20.13
N SER H 78 20.00 66.60 21.18
CA SER H 78 19.90 67.07 22.55
C SER H 78 21.24 66.90 23.25
N GLY H 79 21.64 67.92 24.00
CA GLY H 79 22.91 67.88 24.71
C GLY H 79 24.10 67.99 23.77
N LEU H 80 24.25 69.14 23.13
CA LEU H 80 25.35 69.32 22.18
C LEU H 80 26.69 69.26 22.89
N GLN H 81 27.68 68.65 22.23
CA GLN H 81 29.02 68.51 22.75
C GLN H 81 30.02 69.01 21.72
N ALA H 82 31.30 69.03 22.12
CA ALA H 82 32.36 69.50 21.23
C ALA H 82 32.51 68.59 20.02
N GLU H 83 32.39 67.28 20.22
CA GLU H 83 32.58 66.32 19.13
C GLU H 83 31.51 66.43 18.05
N ASP H 84 30.39 67.10 18.34
CA ASP H 84 29.32 67.24 17.36
C ASP H 84 29.69 68.17 16.21
N GLU H 85 30.78 68.94 16.32
CA GLU H 85 31.19 69.82 15.24
C GLU H 85 31.55 69.03 14.00
N GLY H 86 31.08 69.50 12.86
CA GLY H 86 31.35 68.82 11.60
C GLY H 86 30.31 69.20 10.56
N ASP H 87 30.19 68.34 9.55
CA ASP H 87 29.26 68.54 8.45
C ASP H 87 28.19 67.47 8.48
N TYR H 88 26.94 67.87 8.22
CA TYR H 88 25.80 66.97 8.24
C TYR H 88 25.05 67.08 6.93
N TYR H 89 24.54 65.95 6.45
CA TYR H 89 23.81 65.90 5.18
C TYR H 89 22.59 65.01 5.35
N CYS H 90 21.57 65.27 4.54
CA CYS H 90 20.34 64.48 4.51
C CYS H 90 20.18 63.87 3.13
N LYS H 91 19.86 62.58 3.09
CA LYS H 91 19.69 61.85 1.84
C LYS H 91 18.36 61.11 1.87
N SER H 92 17.67 61.10 0.72
CA SER H 92 16.40 60.41 0.59
C SER H 92 16.22 59.96 -0.85
N LEU H 93 15.36 58.97 -1.04
CA LEU H 93 15.05 58.47 -2.37
C LEU H 93 14.08 59.41 -3.09
N THR H 94 14.13 59.37 -4.41
CA THR H 94 13.23 60.16 -5.25
C THR H 94 12.03 59.31 -5.67
N SER H 95 11.13 59.94 -6.43
CA SER H 95 9.98 59.22 -6.95
C SER H 95 10.38 58.12 -7.92
N ARG H 96 11.39 58.40 -8.76
CA ARG H 96 11.86 57.45 -9.75
C ARG H 96 13.00 56.57 -9.24
N SER H 97 13.05 56.33 -7.93
CA SER H 97 14.03 55.44 -7.30
C SER H 97 15.46 55.92 -7.49
N HIS H 98 15.67 57.22 -7.63
CA HIS H 98 17.01 57.78 -7.70
C HIS H 98 17.42 58.34 -6.35
N ARG H 99 18.70 58.64 -6.22
CA ARG H 99 19.28 59.18 -4.99
C ARG H 99 19.59 60.66 -5.17
N VAL H 100 19.11 61.48 -4.24
CA VAL H 100 19.32 62.92 -4.27
C VAL H 100 19.99 63.33 -2.96
N PHE H 101 21.02 64.16 -3.06
CA PHE H 101 21.73 64.67 -1.90
C PHE H 101 21.31 66.11 -1.62
N GLY H 102 21.19 66.44 -0.34
CA GLY H 102 20.78 67.77 0.06
C GLY H 102 21.88 68.79 -0.13
N THR H 103 21.49 70.06 0.05
CA THR H 103 22.46 71.14 -0.08
C THR H 103 23.56 71.05 0.99
N GLY H 104 23.17 70.68 2.20
CA GLY H 104 24.11 70.57 3.29
C GLY H 104 24.01 71.73 4.25
N THR H 105 24.30 71.46 5.52
CA THR H 105 24.24 72.45 6.58
C THR H 105 25.53 72.42 7.39
N LYS H 106 26.08 73.59 7.66
CA LYS H 106 27.31 73.73 8.44
C LYS H 106 26.95 74.02 9.89
N LEU H 107 27.54 73.26 10.80
CA LEU H 107 27.27 73.39 12.23
C LEU H 107 28.44 74.08 12.91
N THR H 108 28.13 75.12 13.69
CA THR H 108 29.13 75.89 14.42
C THR H 108 28.87 75.71 15.91
N VAL H 109 29.92 75.36 16.65
CA VAL H 109 29.84 75.13 18.09
C VAL H 109 30.49 76.32 18.80
N LEU H 110 29.74 76.94 19.69
CA LEU H 110 30.24 78.10 20.43
C LEU H 110 31.17 77.67 21.56
#